data_7D2C
# 
_entry.id   7D2C 
# 
_audit_conform.dict_name       mmcif_pdbx.dic 
_audit_conform.dict_version    5.380 
_audit_conform.dict_location   http://mmcif.pdb.org/dictionaries/ascii/mmcif_pdbx.dic 
# 
loop_
_database_2.database_id 
_database_2.database_code 
_database_2.pdbx_database_accession 
_database_2.pdbx_DOI 
PDB   7D2C         pdb_00007d2c 10.2210/pdb7d2c/pdb 
WWPDB D_1300018616 ?            ?                   
# 
_pdbx_database_status.status_code                     REL 
_pdbx_database_status.status_code_sf                  REL 
_pdbx_database_status.status_code_mr                  ? 
_pdbx_database_status.entry_id                        7D2C 
_pdbx_database_status.recvd_initial_deposition_date   2020-09-16 
_pdbx_database_status.SG_entry                        N 
_pdbx_database_status.deposit_site                    PDBJ 
_pdbx_database_status.process_site                    PDBJ 
_pdbx_database_status.status_code_cs                  ? 
_pdbx_database_status.status_code_nmr_data            ? 
_pdbx_database_status.methods_development_category    ? 
_pdbx_database_status.pdb_format_compatible           Y 
# 
loop_
_audit_author.name 
_audit_author.pdbx_ordinal 
_audit_author.identifier_ORCID 
'Wang, F.'  1 ? 
'Miao, Q.'  2 ? 
'Lv, Z.'    3 ? 
'Cheng, W.' 4 ? 
'Lin, D.'   5 ? 
'Xu, X.'    6 ? 
'Tan, J.'   7 ? 
# 
_citation.abstract                  ? 
_citation.abstract_id_CAS           ? 
_citation.book_id_ISBN              ? 
_citation.book_publisher            ? 
_citation.book_publisher_city       ? 
_citation.book_title                ? 
_citation.coordinate_linkage        ? 
_citation.country                   ? 
_citation.database_id_Medline       ? 
_citation.details                   ? 
_citation.id                        primary 
_citation.journal_abbrev            'To Be Published' 
_citation.journal_id_ASTM           ? 
_citation.journal_id_CSD            0353 
_citation.journal_id_ISSN           ? 
_citation.journal_full              ? 
_citation.journal_issue             ? 
_citation.journal_volume            ? 
_citation.language                  ? 
_citation.page_first                ? 
_citation.page_last                 ? 
_citation.title                     'The Crystal Structure of human PARP14 from Biortus.' 
_citation.year                      ? 
_citation.database_id_CSD           ? 
_citation.pdbx_database_id_DOI      ? 
_citation.pdbx_database_id_PubMed   ? 
_citation.unpublished_flag          ? 
# 
loop_
_citation_author.citation_id 
_citation_author.name 
_citation_author.ordinal 
_citation_author.identifier_ORCID 
primary 'Wang, F.'  1 ? 
primary 'Miao, Q.'  2 ? 
primary 'Lv, Z.'    3 ? 
primary 'Cheng, W.' 4 ? 
primary 'Lin, D.'   5 ? 
primary 'Xu, X.'    6 ? 
primary 'Tan, J.'   7 ? 
# 
_cell.angle_alpha                  90.000 
_cell.angle_alpha_esd              ? 
_cell.angle_beta                   90.000 
_cell.angle_beta_esd               ? 
_cell.angle_gamma                  90.000 
_cell.angle_gamma_esd              ? 
_cell.entry_id                     7D2C 
_cell.details                      ? 
_cell.formula_units_Z              ? 
_cell.length_a                     33.761 
_cell.length_a_esd                 ? 
_cell.length_b                     41.281 
_cell.length_b_esd                 ? 
_cell.length_c                     109.683 
_cell.length_c_esd                 ? 
_cell.volume                       ? 
_cell.volume_esd                   ? 
_cell.Z_PDB                        4 
_cell.reciprocal_angle_alpha       ? 
_cell.reciprocal_angle_beta        ? 
_cell.reciprocal_angle_gamma       ? 
_cell.reciprocal_angle_alpha_esd   ? 
_cell.reciprocal_angle_beta_esd    ? 
_cell.reciprocal_angle_gamma_esd   ? 
_cell.reciprocal_length_a          ? 
_cell.reciprocal_length_b          ? 
_cell.reciprocal_length_c          ? 
_cell.reciprocal_length_a_esd      ? 
_cell.reciprocal_length_b_esd      ? 
_cell.reciprocal_length_c_esd      ? 
_cell.pdbx_unique_axis             ? 
# 
_symmetry.entry_id                         7D2C 
_symmetry.cell_setting                     ? 
_symmetry.Int_Tables_number                19 
_symmetry.space_group_name_Hall            ? 
_symmetry.space_group_name_H-M             'P 21 21 21' 
_symmetry.pdbx_full_space_group_name_H-M   ? 
# 
loop_
_entity.id 
_entity.type 
_entity.src_method 
_entity.pdbx_description 
_entity.formula_weight 
_entity.pdbx_number_of_molecules 
_entity.pdbx_ec 
_entity.pdbx_mutation 
_entity.pdbx_fragment 
_entity.details 
1 polymer     man 'Protein mono-ADP-ribosyltransferase PARP14' 21576.420 1   2.4.2.- ? ? ? 
2 non-polymer syn GLYCEROL                                     92.094    2   ?       ? ? ? 
3 non-polymer nat 'CHLORIDE ION'                               35.453    2   ?       ? ? ? 
4 water       nat water                                        18.015    108 ?       ? ? ? 
# 
_entity_name_com.entity_id   1 
_entity_name_com.name        
'ADP-ribosyltransferase diphtheria toxin-like 8,ARTD8,B aggressive lymphoma protein 2,Poly [ADP-ribose] polymerase 14,PARP-14' 
# 
_entity_poly.entity_id                      1 
_entity_poly.type                           'polypeptide(L)' 
_entity_poly.nstd_linkage                   no 
_entity_poly.nstd_monomer                   no 
_entity_poly.pdbx_seq_one_letter_code       
;MGSSHHHHHHENLYFQGFYGTVSSPDSGVYEMKIGSIIFQVASGDITKEEADVIVNSTSNSFNLKAGVSKAILECAGQNV
ERECSQQAQQRKNDYIITGGGFLRCKNIIHVIGGNDVKSSVSSVLQECEKKNYSSICLPAIGTGNAKQHPDKVAEAIIDA
IEDFVQKGSAQSVKKVKVVIFLPQVLDVFYANMKKRE
;
_entity_poly.pdbx_seq_one_letter_code_can   
;MGSSHHHHHHENLYFQGFYGTVSSPDSGVYEMKIGSIIFQVASGDITKEEADVIVNSTSNSFNLKAGVSKAILECAGQNV
ERECSQQAQQRKNDYIITGGGFLRCKNIIHVIGGNDVKSSVSSVLQECEKKNYSSICLPAIGTGNAKQHPDKVAEAIIDA
IEDFVQKGSAQSVKKVKVVIFLPQVLDVFYANMKKRE
;
_entity_poly.pdbx_strand_id                 A 
_entity_poly.pdbx_target_identifier         ? 
# 
loop_
_entity_poly_seq.entity_id 
_entity_poly_seq.num 
_entity_poly_seq.mon_id 
_entity_poly_seq.hetero 
1 1   MET n 
1 2   GLY n 
1 3   SER n 
1 4   SER n 
1 5   HIS n 
1 6   HIS n 
1 7   HIS n 
1 8   HIS n 
1 9   HIS n 
1 10  HIS n 
1 11  GLU n 
1 12  ASN n 
1 13  LEU n 
1 14  TYR n 
1 15  PHE n 
1 16  GLN n 
1 17  GLY n 
1 18  PHE n 
1 19  TYR n 
1 20  GLY n 
1 21  THR n 
1 22  VAL n 
1 23  SER n 
1 24  SER n 
1 25  PRO n 
1 26  ASP n 
1 27  SER n 
1 28  GLY n 
1 29  VAL n 
1 30  TYR n 
1 31  GLU n 
1 32  MET n 
1 33  LYS n 
1 34  ILE n 
1 35  GLY n 
1 36  SER n 
1 37  ILE n 
1 38  ILE n 
1 39  PHE n 
1 40  GLN n 
1 41  VAL n 
1 42  ALA n 
1 43  SER n 
1 44  GLY n 
1 45  ASP n 
1 46  ILE n 
1 47  THR n 
1 48  LYS n 
1 49  GLU n 
1 50  GLU n 
1 51  ALA n 
1 52  ASP n 
1 53  VAL n 
1 54  ILE n 
1 55  VAL n 
1 56  ASN n 
1 57  SER n 
1 58  THR n 
1 59  SER n 
1 60  ASN n 
1 61  SER n 
1 62  PHE n 
1 63  ASN n 
1 64  LEU n 
1 65  LYS n 
1 66  ALA n 
1 67  GLY n 
1 68  VAL n 
1 69  SER n 
1 70  LYS n 
1 71  ALA n 
1 72  ILE n 
1 73  LEU n 
1 74  GLU n 
1 75  CYS n 
1 76  ALA n 
1 77  GLY n 
1 78  GLN n 
1 79  ASN n 
1 80  VAL n 
1 81  GLU n 
1 82  ARG n 
1 83  GLU n 
1 84  CYS n 
1 85  SER n 
1 86  GLN n 
1 87  GLN n 
1 88  ALA n 
1 89  GLN n 
1 90  GLN n 
1 91  ARG n 
1 92  LYS n 
1 93  ASN n 
1 94  ASP n 
1 95  TYR n 
1 96  ILE n 
1 97  ILE n 
1 98  THR n 
1 99  GLY n 
1 100 GLY n 
1 101 GLY n 
1 102 PHE n 
1 103 LEU n 
1 104 ARG n 
1 105 CYS n 
1 106 LYS n 
1 107 ASN n 
1 108 ILE n 
1 109 ILE n 
1 110 HIS n 
1 111 VAL n 
1 112 ILE n 
1 113 GLY n 
1 114 GLY n 
1 115 ASN n 
1 116 ASP n 
1 117 VAL n 
1 118 LYS n 
1 119 SER n 
1 120 SER n 
1 121 VAL n 
1 122 SER n 
1 123 SER n 
1 124 VAL n 
1 125 LEU n 
1 126 GLN n 
1 127 GLU n 
1 128 CYS n 
1 129 GLU n 
1 130 LYS n 
1 131 LYS n 
1 132 ASN n 
1 133 TYR n 
1 134 SER n 
1 135 SER n 
1 136 ILE n 
1 137 CYS n 
1 138 LEU n 
1 139 PRO n 
1 140 ALA n 
1 141 ILE n 
1 142 GLY n 
1 143 THR n 
1 144 GLY n 
1 145 ASN n 
1 146 ALA n 
1 147 LYS n 
1 148 GLN n 
1 149 HIS n 
1 150 PRO n 
1 151 ASP n 
1 152 LYS n 
1 153 VAL n 
1 154 ALA n 
1 155 GLU n 
1 156 ALA n 
1 157 ILE n 
1 158 ILE n 
1 159 ASP n 
1 160 ALA n 
1 161 ILE n 
1 162 GLU n 
1 163 ASP n 
1 164 PHE n 
1 165 VAL n 
1 166 GLN n 
1 167 LYS n 
1 168 GLY n 
1 169 SER n 
1 170 ALA n 
1 171 GLN n 
1 172 SER n 
1 173 VAL n 
1 174 LYS n 
1 175 LYS n 
1 176 VAL n 
1 177 LYS n 
1 178 VAL n 
1 179 VAL n 
1 180 ILE n 
1 181 PHE n 
1 182 LEU n 
1 183 PRO n 
1 184 GLN n 
1 185 VAL n 
1 186 LEU n 
1 187 ASP n 
1 188 VAL n 
1 189 PHE n 
1 190 TYR n 
1 191 ALA n 
1 192 ASN n 
1 193 MET n 
1 194 LYS n 
1 195 LYS n 
1 196 ARG n 
1 197 GLU n 
# 
_entity_src_gen.entity_id                          1 
_entity_src_gen.pdbx_src_id                        1 
_entity_src_gen.pdbx_alt_source_flag               sample 
_entity_src_gen.pdbx_seq_type                      'Biological sequence' 
_entity_src_gen.pdbx_beg_seq_num                   1 
_entity_src_gen.pdbx_end_seq_num                   197 
_entity_src_gen.gene_src_common_name               Human 
_entity_src_gen.gene_src_genus                     ? 
_entity_src_gen.pdbx_gene_src_gene                 'PARP14, BAL2, KIAA1268' 
_entity_src_gen.gene_src_species                   ? 
_entity_src_gen.gene_src_strain                    ? 
_entity_src_gen.gene_src_tissue                    ? 
_entity_src_gen.gene_src_tissue_fraction           ? 
_entity_src_gen.gene_src_details                   ? 
_entity_src_gen.pdbx_gene_src_fragment             ? 
_entity_src_gen.pdbx_gene_src_scientific_name      'Homo sapiens' 
_entity_src_gen.pdbx_gene_src_ncbi_taxonomy_id     9606 
_entity_src_gen.pdbx_gene_src_variant              ? 
_entity_src_gen.pdbx_gene_src_cell_line            ? 
_entity_src_gen.pdbx_gene_src_atcc                 ? 
_entity_src_gen.pdbx_gene_src_organ                ? 
_entity_src_gen.pdbx_gene_src_organelle            ? 
_entity_src_gen.pdbx_gene_src_cell                 ? 
_entity_src_gen.pdbx_gene_src_cellular_location    ? 
_entity_src_gen.host_org_common_name               ? 
_entity_src_gen.pdbx_host_org_scientific_name      'Escherichia coli' 
_entity_src_gen.pdbx_host_org_ncbi_taxonomy_id     562 
_entity_src_gen.host_org_genus                     ? 
_entity_src_gen.pdbx_host_org_gene                 ? 
_entity_src_gen.pdbx_host_org_organ                ? 
_entity_src_gen.host_org_species                   ? 
_entity_src_gen.pdbx_host_org_tissue               ? 
_entity_src_gen.pdbx_host_org_tissue_fraction      ? 
_entity_src_gen.pdbx_host_org_strain               ? 
_entity_src_gen.pdbx_host_org_variant              ? 
_entity_src_gen.pdbx_host_org_cell_line            ? 
_entity_src_gen.pdbx_host_org_atcc                 ? 
_entity_src_gen.pdbx_host_org_culture_collection   ? 
_entity_src_gen.pdbx_host_org_cell                 ? 
_entity_src_gen.pdbx_host_org_organelle            ? 
_entity_src_gen.pdbx_host_org_cellular_location    ? 
_entity_src_gen.pdbx_host_org_vector_type          ? 
_entity_src_gen.pdbx_host_org_vector               ? 
_entity_src_gen.host_org_details                   ? 
_entity_src_gen.expression_system_id               ? 
_entity_src_gen.plasmid_name                       ? 
_entity_src_gen.plasmid_details                    ? 
_entity_src_gen.pdbx_description                   ? 
# 
_struct_ref.id                         1 
_struct_ref.db_name                    UNP 
_struct_ref.db_code                    PAR14_HUMAN 
_struct_ref.pdbx_db_accession          Q460N5 
_struct_ref.pdbx_db_isoform            ? 
_struct_ref.entity_id                  1 
_struct_ref.pdbx_seq_one_letter_code   
;QGFYGTVSSPDSGVYEMKIGSIIFQVASGDITKEEADVIVNSTSNSFNLKAGVSKAILECAGQNVERECSQQAQQRKNDY
IITGGGFLRCKNIIHVIGGNDVKSSVSSVLQECEKKNYSSICLPAIGTGNAKQHPDKVAEAIIDAIEDFVQKGSAQSVKK
VKVVIFLPQVLDVFYANMKKRE
;
_struct_ref.pdbx_align_begin           1206 
# 
_struct_ref_seq.align_id                      1 
_struct_ref_seq.ref_id                        1 
_struct_ref_seq.pdbx_PDB_id_code              7D2C 
_struct_ref_seq.pdbx_strand_id                A 
_struct_ref_seq.seq_align_beg                 16 
_struct_ref_seq.pdbx_seq_align_beg_ins_code   ? 
_struct_ref_seq.seq_align_end                 197 
_struct_ref_seq.pdbx_seq_align_end_ins_code   ? 
_struct_ref_seq.pdbx_db_accession             Q460N5 
_struct_ref_seq.db_align_beg                  1206 
_struct_ref_seq.pdbx_db_align_beg_ins_code    ? 
_struct_ref_seq.db_align_end                  1387 
_struct_ref_seq.pdbx_db_align_end_ins_code    ? 
_struct_ref_seq.pdbx_auth_seq_align_beg       1206 
_struct_ref_seq.pdbx_auth_seq_align_end       1387 
# 
loop_
_struct_ref_seq_dif.align_id 
_struct_ref_seq_dif.pdbx_pdb_id_code 
_struct_ref_seq_dif.mon_id 
_struct_ref_seq_dif.pdbx_pdb_strand_id 
_struct_ref_seq_dif.seq_num 
_struct_ref_seq_dif.pdbx_pdb_ins_code 
_struct_ref_seq_dif.pdbx_seq_db_name 
_struct_ref_seq_dif.pdbx_seq_db_accession_code 
_struct_ref_seq_dif.db_mon_id 
_struct_ref_seq_dif.pdbx_seq_db_seq_num 
_struct_ref_seq_dif.details 
_struct_ref_seq_dif.pdbx_auth_seq_num 
_struct_ref_seq_dif.pdbx_ordinal 
1 7D2C MET A 1  ? UNP Q460N5 ? ? 'expression tag' 1191 1  
1 7D2C GLY A 2  ? UNP Q460N5 ? ? 'expression tag' 1192 2  
1 7D2C SER A 3  ? UNP Q460N5 ? ? 'expression tag' 1193 3  
1 7D2C SER A 4  ? UNP Q460N5 ? ? 'expression tag' 1194 4  
1 7D2C HIS A 5  ? UNP Q460N5 ? ? 'expression tag' 1195 5  
1 7D2C HIS A 6  ? UNP Q460N5 ? ? 'expression tag' 1196 6  
1 7D2C HIS A 7  ? UNP Q460N5 ? ? 'expression tag' 1197 7  
1 7D2C HIS A 8  ? UNP Q460N5 ? ? 'expression tag' 1198 8  
1 7D2C HIS A 9  ? UNP Q460N5 ? ? 'expression tag' 1199 9  
1 7D2C HIS A 10 ? UNP Q460N5 ? ? 'expression tag' 1200 10 
1 7D2C GLU A 11 ? UNP Q460N5 ? ? 'expression tag' 1201 11 
1 7D2C ASN A 12 ? UNP Q460N5 ? ? 'expression tag' 1202 12 
1 7D2C LEU A 13 ? UNP Q460N5 ? ? 'expression tag' 1203 13 
1 7D2C TYR A 14 ? UNP Q460N5 ? ? 'expression tag' 1204 14 
1 7D2C PHE A 15 ? UNP Q460N5 ? ? 'expression tag' 1205 15 
# 
loop_
_chem_comp.id 
_chem_comp.type 
_chem_comp.mon_nstd_flag 
_chem_comp.name 
_chem_comp.pdbx_synonyms 
_chem_comp.formula 
_chem_comp.formula_weight 
ALA 'L-peptide linking' y ALANINE         ?                               'C3 H7 N O2'     89.093  
ARG 'L-peptide linking' y ARGININE        ?                               'C6 H15 N4 O2 1' 175.209 
ASN 'L-peptide linking' y ASPARAGINE      ?                               'C4 H8 N2 O3'    132.118 
ASP 'L-peptide linking' y 'ASPARTIC ACID' ?                               'C4 H7 N O4'     133.103 
CL  non-polymer         . 'CHLORIDE ION'  ?                               'Cl -1'          35.453  
CYS 'L-peptide linking' y CYSTEINE        ?                               'C3 H7 N O2 S'   121.158 
GLN 'L-peptide linking' y GLUTAMINE       ?                               'C5 H10 N2 O3'   146.144 
GLU 'L-peptide linking' y 'GLUTAMIC ACID' ?                               'C5 H9 N O4'     147.129 
GLY 'peptide linking'   y GLYCINE         ?                               'C2 H5 N O2'     75.067  
GOL non-polymer         . GLYCEROL        'GLYCERIN; PROPANE-1,2,3-TRIOL' 'C3 H8 O3'       92.094  
HIS 'L-peptide linking' y HISTIDINE       ?                               'C6 H10 N3 O2 1' 156.162 
HOH non-polymer         . WATER           ?                               'H2 O'           18.015  
ILE 'L-peptide linking' y ISOLEUCINE      ?                               'C6 H13 N O2'    131.173 
LEU 'L-peptide linking' y LEUCINE         ?                               'C6 H13 N O2'    131.173 
LYS 'L-peptide linking' y LYSINE          ?                               'C6 H15 N2 O2 1' 147.195 
MET 'L-peptide linking' y METHIONINE      ?                               'C5 H11 N O2 S'  149.211 
PHE 'L-peptide linking' y PHENYLALANINE   ?                               'C9 H11 N O2'    165.189 
PRO 'L-peptide linking' y PROLINE         ?                               'C5 H9 N O2'     115.130 
SER 'L-peptide linking' y SERINE          ?                               'C3 H7 N O3'     105.093 
THR 'L-peptide linking' y THREONINE       ?                               'C4 H9 N O3'     119.119 
TYR 'L-peptide linking' y TYROSINE        ?                               'C9 H11 N O3'    181.189 
VAL 'L-peptide linking' y VALINE          ?                               'C5 H11 N O2'    117.146 
# 
_exptl.absorpt_coefficient_mu     ? 
_exptl.absorpt_correction_T_max   ? 
_exptl.absorpt_correction_T_min   ? 
_exptl.absorpt_correction_type    ? 
_exptl.absorpt_process_details    ? 
_exptl.entry_id                   7D2C 
_exptl.crystals_number            1 
_exptl.details                    ? 
_exptl.method                     'X-RAY DIFFRACTION' 
_exptl.method_details             ? 
# 
_exptl_crystal.colour                      ? 
_exptl_crystal.density_diffrn              ? 
_exptl_crystal.density_Matthews            1.77 
_exptl_crystal.density_method              ? 
_exptl_crystal.density_percent_sol         30.56 
_exptl_crystal.description                 ? 
_exptl_crystal.F_000                       ? 
_exptl_crystal.id                          1 
_exptl_crystal.preparation                 ? 
_exptl_crystal.size_max                    ? 
_exptl_crystal.size_mid                    ? 
_exptl_crystal.size_min                    ? 
_exptl_crystal.size_rad                    ? 
_exptl_crystal.colour_lustre               ? 
_exptl_crystal.colour_modifier             ? 
_exptl_crystal.colour_primary              ? 
_exptl_crystal.density_meas                ? 
_exptl_crystal.density_meas_esd            ? 
_exptl_crystal.density_meas_gt             ? 
_exptl_crystal.density_meas_lt             ? 
_exptl_crystal.density_meas_temp           ? 
_exptl_crystal.density_meas_temp_esd       ? 
_exptl_crystal.density_meas_temp_gt        ? 
_exptl_crystal.density_meas_temp_lt        ? 
_exptl_crystal.pdbx_crystal_image_url      ? 
_exptl_crystal.pdbx_crystal_image_format   ? 
_exptl_crystal.pdbx_mosaicity              ? 
_exptl_crystal.pdbx_mosaicity_esd          ? 
# 
_exptl_crystal_grow.apparatus       ? 
_exptl_crystal_grow.atmosphere      ? 
_exptl_crystal_grow.crystal_id      1 
_exptl_crystal_grow.details         ? 
_exptl_crystal_grow.method          'VAPOR DIFFUSION, SITTING DROP' 
_exptl_crystal_grow.method_ref      ? 
_exptl_crystal_grow.pH              ? 
_exptl_crystal_grow.pressure        ? 
_exptl_crystal_grow.pressure_esd    ? 
_exptl_crystal_grow.seeding         ? 
_exptl_crystal_grow.seeding_ref     ? 
_exptl_crystal_grow.temp            293 
_exptl_crystal_grow.temp_details    ? 
_exptl_crystal_grow.temp_esd        ? 
_exptl_crystal_grow.time            ? 
_exptl_crystal_grow.pdbx_details    '0.2M NaCl, 0.1M Tris pH8.5, 25% PEG3350' 
_exptl_crystal_grow.pdbx_pH_range   ? 
# 
_diffrn.ambient_environment              ? 
_diffrn.ambient_temp                     100 
_diffrn.ambient_temp_details             ? 
_diffrn.ambient_temp_esd                 ? 
_diffrn.crystal_id                       1 
_diffrn.crystal_support                  ? 
_diffrn.crystal_treatment                ? 
_diffrn.details                          ? 
_diffrn.id                               1 
_diffrn.ambient_pressure                 ? 
_diffrn.ambient_pressure_esd             ? 
_diffrn.ambient_pressure_gt              ? 
_diffrn.ambient_pressure_lt              ? 
_diffrn.ambient_temp_gt                  ? 
_diffrn.ambient_temp_lt                  ? 
_diffrn.pdbx_serial_crystal_experiment   N 
# 
_diffrn_detector.details                      ? 
_diffrn_detector.detector                     PIXEL 
_diffrn_detector.diffrn_id                    1 
_diffrn_detector.type                         'DECTRIS EIGER X 16M' 
_diffrn_detector.area_resol_mean              ? 
_diffrn_detector.dtime                        ? 
_diffrn_detector.pdbx_frames_total            ? 
_diffrn_detector.pdbx_collection_time_total   ? 
_diffrn_detector.pdbx_collection_date         2020-08-30 
_diffrn_detector.pdbx_frequency               ? 
# 
_diffrn_radiation.collimation                      ? 
_diffrn_radiation.diffrn_id                        1 
_diffrn_radiation.filter_edge                      ? 
_diffrn_radiation.inhomogeneity                    ? 
_diffrn_radiation.monochromator                    ? 
_diffrn_radiation.polarisn_norm                    ? 
_diffrn_radiation.polarisn_ratio                   ? 
_diffrn_radiation.probe                            ? 
_diffrn_radiation.type                             ? 
_diffrn_radiation.xray_symbol                      ? 
_diffrn_radiation.wavelength_id                    1 
_diffrn_radiation.pdbx_monochromatic_or_laue_m_l   M 
_diffrn_radiation.pdbx_wavelength_list             ? 
_diffrn_radiation.pdbx_wavelength                  ? 
_diffrn_radiation.pdbx_diffrn_protocol             'SINGLE WAVELENGTH' 
_diffrn_radiation.pdbx_analyzer                    ? 
_diffrn_radiation.pdbx_scattering_type             x-ray 
# 
_diffrn_radiation_wavelength.id           1 
_diffrn_radiation_wavelength.wavelength   0.97936 
_diffrn_radiation_wavelength.wt           1.0 
# 
_diffrn_source.current                     ? 
_diffrn_source.details                     ? 
_diffrn_source.diffrn_id                   1 
_diffrn_source.power                       ? 
_diffrn_source.size                        ? 
_diffrn_source.source                      SYNCHROTRON 
_diffrn_source.target                      ? 
_diffrn_source.type                        'NSLS-II BEAMLINE 17-ID-2' 
_diffrn_source.voltage                     ? 
_diffrn_source.take-off_angle              ? 
_diffrn_source.pdbx_wavelength_list        0.97936 
_diffrn_source.pdbx_wavelength             ? 
_diffrn_source.pdbx_synchrotron_beamline   17-ID-2 
_diffrn_source.pdbx_synchrotron_site       NSLS-II 
# 
_reflns.B_iso_Wilson_estimate            ? 
_reflns.entry_id                         7D2C 
_reflns.data_reduction_details           ? 
_reflns.data_reduction_method            ? 
_reflns.d_resolution_high                1.56 
_reflns.d_resolution_low                 28.766 
_reflns.details                          ? 
_reflns.limit_h_max                      ? 
_reflns.limit_h_min                      ? 
_reflns.limit_k_max                      ? 
_reflns.limit_k_min                      ? 
_reflns.limit_l_max                      ? 
_reflns.limit_l_min                      ? 
_reflns.number_all                       ? 
_reflns.number_obs                       22373 
_reflns.observed_criterion               ? 
_reflns.observed_criterion_F_max         ? 
_reflns.observed_criterion_F_min         ? 
_reflns.observed_criterion_I_max         ? 
_reflns.observed_criterion_I_min         ? 
_reflns.observed_criterion_sigma_F       ? 
_reflns.observed_criterion_sigma_I       ? 
_reflns.percent_possible_obs             99.0 
_reflns.R_free_details                   ? 
_reflns.Rmerge_F_all                     ? 
_reflns.Rmerge_F_obs                     ? 
_reflns.Friedel_coverage                 ? 
_reflns.number_gt                        ? 
_reflns.threshold_expression             ? 
_reflns.pdbx_redundancy                  7.1 
_reflns.pdbx_Rmerge_I_obs                0.053 
_reflns.pdbx_Rmerge_I_all                ? 
_reflns.pdbx_Rsym_value                  ? 
_reflns.pdbx_netI_over_av_sigmaI         ? 
_reflns.pdbx_netI_over_sigmaI            23.1 
_reflns.pdbx_res_netI_over_av_sigmaI_2   ? 
_reflns.pdbx_res_netI_over_sigmaI_2      ? 
_reflns.pdbx_chi_squared                 ? 
_reflns.pdbx_scaling_rejects             ? 
_reflns.pdbx_d_res_high_opt              ? 
_reflns.pdbx_d_res_low_opt               ? 
_reflns.pdbx_d_res_opt_method            ? 
_reflns.phase_calculation_details        ? 
_reflns.pdbx_Rrim_I_all                  ? 
_reflns.pdbx_Rpim_I_all                  ? 
_reflns.pdbx_d_opt                       ? 
_reflns.pdbx_number_measured_all         ? 
_reflns.pdbx_diffrn_id                   1 
_reflns.pdbx_ordinal                     1 
_reflns.pdbx_CC_half                     ? 
_reflns.pdbx_CC_star                     ? 
_reflns.pdbx_R_split                     ? 
# 
_reflns_shell.d_res_high                  1.56 
_reflns_shell.d_res_low                   1.59 
_reflns_shell.meanI_over_sigI_all         ? 
_reflns_shell.meanI_over_sigI_obs         ? 
_reflns_shell.number_measured_all         ? 
_reflns_shell.number_measured_obs         ? 
_reflns_shell.number_possible             ? 
_reflns_shell.number_unique_all           ? 
_reflns_shell.number_unique_obs           1006 
_reflns_shell.percent_possible_all        ? 
_reflns_shell.percent_possible_obs        ? 
_reflns_shell.Rmerge_F_all                ? 
_reflns_shell.Rmerge_F_obs                ? 
_reflns_shell.Rmerge_I_all                ? 
_reflns_shell.Rmerge_I_obs                0.137 
_reflns_shell.meanI_over_sigI_gt          ? 
_reflns_shell.meanI_over_uI_all           ? 
_reflns_shell.meanI_over_uI_gt            ? 
_reflns_shell.number_measured_gt          ? 
_reflns_shell.number_unique_gt            ? 
_reflns_shell.percent_possible_gt         ? 
_reflns_shell.Rmerge_F_gt                 ? 
_reflns_shell.Rmerge_I_gt                 ? 
_reflns_shell.pdbx_redundancy             ? 
_reflns_shell.pdbx_Rsym_value             ? 
_reflns_shell.pdbx_chi_squared            ? 
_reflns_shell.pdbx_netI_over_sigmaI_all   ? 
_reflns_shell.pdbx_netI_over_sigmaI_obs   ? 
_reflns_shell.pdbx_Rrim_I_all             ? 
_reflns_shell.pdbx_Rpim_I_all             ? 
_reflns_shell.pdbx_rejects                ? 
_reflns_shell.pdbx_ordinal                1 
_reflns_shell.pdbx_diffrn_id              1 
_reflns_shell.pdbx_CC_half                ? 
_reflns_shell.pdbx_CC_star                ? 
_reflns_shell.pdbx_R_split                ? 
# 
_refine.aniso_B[1][1]                            0.446 
_refine.aniso_B[1][2]                            0.000 
_refine.aniso_B[1][3]                            -0.000 
_refine.aniso_B[2][2]                            -0.649 
_refine.aniso_B[2][3]                            -0.000 
_refine.aniso_B[3][3]                            0.202 
_refine.B_iso_max                                ? 
_refine.B_iso_mean                               12.332 
_refine.B_iso_min                                ? 
_refine.correlation_coeff_Fo_to_Fc               0.954 
_refine.correlation_coeff_Fo_to_Fc_free          0.939 
_refine.details                                  'Hydrogens have been added in their riding positions' 
_refine.diff_density_max                         ? 
_refine.diff_density_max_esd                     ? 
_refine.diff_density_min                         ? 
_refine.diff_density_min_esd                     ? 
_refine.diff_density_rms                         ? 
_refine.diff_density_rms_esd                     ? 
_refine.entry_id                                 7D2C 
_refine.pdbx_refine_id                           'X-RAY DIFFRACTION' 
_refine.ls_abs_structure_details                 ? 
_refine.ls_abs_structure_Flack                   ? 
_refine.ls_abs_structure_Flack_esd               ? 
_refine.ls_abs_structure_Rogers                  ? 
_refine.ls_abs_structure_Rogers_esd              ? 
_refine.ls_d_res_high                            1.560 
_refine.ls_d_res_low                             28.75 
_refine.ls_extinction_coef                       ? 
_refine.ls_extinction_coef_esd                   ? 
_refine.ls_extinction_expression                 ? 
_refine.ls_extinction_method                     ? 
_refine.ls_goodness_of_fit_all                   ? 
_refine.ls_goodness_of_fit_all_esd               ? 
_refine.ls_goodness_of_fit_obs                   ? 
_refine.ls_goodness_of_fit_obs_esd               ? 
_refine.ls_hydrogen_treatment                    ? 
_refine.ls_matrix_type                           ? 
_refine.ls_number_constraints                    ? 
_refine.ls_number_parameters                     ? 
_refine.ls_number_reflns_all                     ? 
_refine.ls_number_reflns_obs                     22332 
_refine.ls_number_reflns_R_free                  1083 
_refine.ls_number_reflns_R_work                  21249 
_refine.ls_number_restraints                     ? 
_refine.ls_percent_reflns_obs                    98.718 
_refine.ls_percent_reflns_R_free                 4.850 
_refine.ls_R_factor_all                          0.176 
_refine.ls_R_factor_obs                          ? 
_refine.ls_R_factor_R_free                       0.1969 
_refine.ls_R_factor_R_free_error                 ? 
_refine.ls_R_factor_R_free_error_details         ? 
_refine.ls_R_factor_R_work                       0.1752 
_refine.ls_R_Fsqd_factor_obs                     ? 
_refine.ls_R_I_factor_obs                        ? 
_refine.ls_redundancy_reflns_all                 ? 
_refine.ls_redundancy_reflns_obs                 ? 
_refine.ls_restrained_S_all                      ? 
_refine.ls_restrained_S_obs                      ? 
_refine.ls_shift_over_esd_max                    ? 
_refine.ls_shift_over_esd_mean                   ? 
_refine.ls_structure_factor_coef                 ? 
_refine.ls_weighting_details                     ? 
_refine.ls_weighting_scheme                      ? 
_refine.ls_wR_factor_all                         ? 
_refine.ls_wR_factor_obs                         ? 
_refine.ls_wR_factor_R_free                      ? 
_refine.ls_wR_factor_R_work                      ? 
_refine.occupancy_max                            ? 
_refine.occupancy_min                            ? 
_refine.solvent_model_details                    'MASK BULK SOLVENT' 
_refine.solvent_model_param_bsol                 ? 
_refine.solvent_model_param_ksol                 ? 
_refine.pdbx_R_complete                          ? 
_refine.ls_R_factor_gt                           ? 
_refine.ls_goodness_of_fit_gt                    ? 
_refine.ls_goodness_of_fit_ref                   ? 
_refine.ls_shift_over_su_max                     ? 
_refine.ls_shift_over_su_max_lt                  ? 
_refine.ls_shift_over_su_mean                    ? 
_refine.ls_shift_over_su_mean_lt                 ? 
_refine.pdbx_ls_sigma_I                          ? 
_refine.pdbx_ls_sigma_F                          ? 
_refine.pdbx_ls_sigma_Fsqd                       ? 
_refine.pdbx_data_cutoff_high_absF               ? 
_refine.pdbx_data_cutoff_high_rms_absF           ? 
_refine.pdbx_data_cutoff_low_absF                ? 
_refine.pdbx_isotropic_thermal_model             ? 
_refine.pdbx_ls_cross_valid_method               'FREE R-VALUE' 
_refine.pdbx_method_to_determine_struct          'MOLECULAR REPLACEMENT' 
_refine.pdbx_starting_model                      5qi5 
_refine.pdbx_stereochemistry_target_values       ? 
_refine.pdbx_R_Free_selection_details            ? 
_refine.pdbx_stereochem_target_val_spec_case     ? 
_refine.pdbx_overall_ESU_R                       0.087 
_refine.pdbx_overall_ESU_R_Free                  0.083 
_refine.pdbx_solvent_vdw_probe_radii             1.200 
_refine.pdbx_solvent_ion_probe_radii             0.800 
_refine.pdbx_solvent_shrinkage_radii             0.800 
_refine.pdbx_real_space_R                        ? 
_refine.pdbx_density_correlation                 ? 
_refine.pdbx_pd_number_of_powder_patterns        ? 
_refine.pdbx_pd_number_of_points                 ? 
_refine.pdbx_pd_meas_number_of_points            ? 
_refine.pdbx_pd_proc_ls_prof_R_factor            ? 
_refine.pdbx_pd_proc_ls_prof_wR_factor           ? 
_refine.pdbx_pd_Marquardt_correlation_coeff      ? 
_refine.pdbx_pd_Fsqrd_R_factor                   ? 
_refine.pdbx_pd_ls_matrix_band_width             ? 
_refine.pdbx_overall_phase_error                 ? 
_refine.pdbx_overall_SU_R_free_Cruickshank_DPI   ? 
_refine.pdbx_overall_SU_R_free_Blow_DPI          ? 
_refine.pdbx_overall_SU_R_Blow_DPI               ? 
_refine.pdbx_TLS_residual_ADP_flag               ? 
_refine.pdbx_diffrn_id                           1 
_refine.overall_SU_B                             1.223 
_refine.overall_SU_ML                            0.045 
_refine.overall_SU_R_Cruickshank_DPI             ? 
_refine.overall_SU_R_free                        ? 
_refine.overall_FOM_free_R_set                   ? 
_refine.overall_FOM_work_R_set                   ? 
_refine.pdbx_average_fsc_overall                 ? 
_refine.pdbx_average_fsc_work                    ? 
_refine.pdbx_average_fsc_free                    ? 
# 
_refine_hist.pdbx_refine_id                   'X-RAY DIFFRACTION' 
_refine_hist.cycle_id                         LAST 
_refine_hist.details                          ? 
_refine_hist.d_res_high                       1.560 
_refine_hist.d_res_low                        28.75 
_refine_hist.number_atoms_solvent             108 
_refine_hist.number_atoms_total               1489 
_refine_hist.number_reflns_all                ? 
_refine_hist.number_reflns_obs                ? 
_refine_hist.number_reflns_R_free             ? 
_refine_hist.number_reflns_R_work             ? 
_refine_hist.R_factor_all                     ? 
_refine_hist.R_factor_obs                     ? 
_refine_hist.R_factor_R_free                  ? 
_refine_hist.R_factor_R_work                  ? 
_refine_hist.pdbx_number_residues_total       ? 
_refine_hist.pdbx_B_iso_mean_ligand           ? 
_refine_hist.pdbx_B_iso_mean_solvent          ? 
_refine_hist.pdbx_number_atoms_protein        1367 
_refine_hist.pdbx_number_atoms_nucleic_acid   0 
_refine_hist.pdbx_number_atoms_ligand         14 
_refine_hist.pdbx_number_atoms_lipid          ? 
_refine_hist.pdbx_number_atoms_carb           ? 
_refine_hist.pdbx_pseudo_atom_details         ? 
# 
loop_
_refine_ls_restr.pdbx_refine_id 
_refine_ls_restr.criterion 
_refine_ls_restr.dev_ideal 
_refine_ls_restr.dev_ideal_target 
_refine_ls_restr.number 
_refine_ls_restr.rejects 
_refine_ls_restr.type 
_refine_ls_restr.weight 
_refine_ls_restr.pdbx_restraint_function 
'X-RAY DIFFRACTION' ? 0.005  0.013  1394 ? r_bond_refined_d               ? ? 
'X-RAY DIFFRACTION' ? 0.001  0.017  1320 ? r_bond_other_d                 ? ? 
'X-RAY DIFFRACTION' ? 1.235  1.627  1872 ? r_angle_refined_deg            ? ? 
'X-RAY DIFFRACTION' ? 1.369  1.582  3084 ? r_angle_other_deg              ? ? 
'X-RAY DIFFRACTION' ? 6.043  5.000  179  ? r_dihedral_angle_1_deg         ? ? 
'X-RAY DIFFRACTION' ? 35.685 25.238 63   ? r_dihedral_angle_2_deg         ? ? 
'X-RAY DIFFRACTION' ? 11.020 15.000 258  ? r_dihedral_angle_3_deg         ? ? 
'X-RAY DIFFRACTION' ? 11.489 15.000 4    ? r_dihedral_angle_4_deg         ? ? 
'X-RAY DIFFRACTION' ? 0.060  0.200  188  ? r_chiral_restr                 ? ? 
'X-RAY DIFFRACTION' ? 0.005  0.020  1546 ? r_gen_planes_refined           ? ? 
'X-RAY DIFFRACTION' ? 0.001  0.020  254  ? r_gen_planes_other             ? ? 
'X-RAY DIFFRACTION' ? 0.201  0.200  229  ? r_nbd_refined                  ? ? 
'X-RAY DIFFRACTION' ? 0.161  0.200  1166 ? r_symmetry_nbd_other           ? ? 
'X-RAY DIFFRACTION' ? 0.156  0.200  679  ? r_nbtor_refined                ? ? 
'X-RAY DIFFRACTION' ? 0.074  0.200  612  ? r_symmetry_nbtor_other         ? ? 
'X-RAY DIFFRACTION' ? 0.098  0.200  81   ? r_xyhbond_nbd_refined          ? ? 
'X-RAY DIFFRACTION' ? 0.171  0.200  8    ? r_symmetry_nbd_refined         ? ? 
'X-RAY DIFFRACTION' ? 0.157  0.200  38   ? r_nbd_other                    ? ? 
'X-RAY DIFFRACTION' ? 0.108  0.200  12   ? r_symmetry_xyhbond_nbd_refined ? ? 
'X-RAY DIFFRACTION' ? 0.663  1.192  719  ? r_mcbond_it                    ? ? 
'X-RAY DIFFRACTION' ? 0.656  1.191  718  ? r_mcbond_other                 ? ? 
'X-RAY DIFFRACTION' ? 1.120  1.787  897  ? r_mcangle_it                   ? ? 
'X-RAY DIFFRACTION' ? 1.120  1.788  898  ? r_mcangle_other                ? ? 
'X-RAY DIFFRACTION' ? 1.165  1.406  675  ? r_scbond_it                    ? ? 
'X-RAY DIFFRACTION' ? 1.164  1.408  676  ? r_scbond_other                 ? ? 
'X-RAY DIFFRACTION' ? 1.820  2.029  975  ? r_scangle_it                   ? ? 
'X-RAY DIFFRACTION' ? 1.819  2.031  976  ? r_scangle_other                ? ? 
'X-RAY DIFFRACTION' ? 3.086  14.891 1504 ? r_lrange_it                    ? ? 
'X-RAY DIFFRACTION' ? 3.022  14.769 1494 ? r_lrange_other                 ? ? 
# 
loop_
_refine_ls_shell.pdbx_refine_id 
_refine_ls_shell.d_res_high 
_refine_ls_shell.d_res_low 
_refine_ls_shell.number_reflns_all 
_refine_ls_shell.number_reflns_obs 
_refine_ls_shell.number_reflns_R_free 
_refine_ls_shell.number_reflns_R_work 
_refine_ls_shell.percent_reflns_obs 
_refine_ls_shell.percent_reflns_R_free 
_refine_ls_shell.R_factor_all 
_refine_ls_shell.R_factor_obs 
_refine_ls_shell.R_factor_R_free 
_refine_ls_shell.R_factor_R_free_error 
_refine_ls_shell.R_factor_R_work 
_refine_ls_shell.redundancy_reflns_all 
_refine_ls_shell.redundancy_reflns_obs 
_refine_ls_shell.wR_factor_all 
_refine_ls_shell.wR_factor_obs 
_refine_ls_shell.wR_factor_R_free 
_refine_ls_shell.wR_factor_R_work 
_refine_ls_shell.pdbx_R_complete 
_refine_ls_shell.pdbx_total_number_of_bins_used 
_refine_ls_shell.pdbx_phase_error 
_refine_ls_shell.pdbx_fsc_work 
_refine_ls_shell.pdbx_fsc_free 
'X-RAY DIFFRACTION' 1.560 1.601 . . 78 1430 91.6160  . . . 0.185 . 0.174 . . . . . . . . . . . 
'X-RAY DIFFRACTION' 1.601 1.644 . . 67 1490 97.0698  . . . 0.238 . 0.176 . . . . . . . . . . . 
'X-RAY DIFFRACTION' 1.644 1.692 . . 77 1454 98.5200  . . . 0.185 . 0.174 . . . . . . . . . . . 
'X-RAY DIFFRACTION' 1.692 1.744 . . 60 1419 98.7316  . . . 0.233 . 0.183 . . . . . . . . . . . 
'X-RAY DIFFRACTION' 1.744 1.801 . . 60 1406 99.1881  . . . 0.201 . 0.176 . . . . . . . . . . . 
'X-RAY DIFFRACTION' 1.801 1.864 . . 57 1357 99.3675  . . . 0.220 . 0.174 . . . . . . . . . . . 
'X-RAY DIFFRACTION' 1.864 1.935 . . 58 1314 99.4924  . . . 0.179 . 0.168 . . . . . . . . . . . 
'X-RAY DIFFRACTION' 1.935 2.013 . . 75 1242 99.5465  . . . 0.180 . 0.170 . . . . . . . . . . . 
'X-RAY DIFFRACTION' 2.013 2.103 . . 69 1207 99.7654  . . . 0.164 . 0.171 . . . . . . . . . . . 
'X-RAY DIFFRACTION' 2.103 2.205 . . 55 1155 99.5066  . . . 0.218 . 0.161 . . . . . . . . . . . 
'X-RAY DIFFRACTION' 2.205 2.324 . . 71 1095 99.8288  . . . 0.195 . 0.155 . . . . . . . . . . . 
'X-RAY DIFFRACTION' 2.324 2.465 . . 58 1046 99.9095  . . . 0.155 . 0.165 . . . . . . . . . . . 
'X-RAY DIFFRACTION' 2.465 2.635 . . 47 997  100.0000 . . . 0.184 . 0.172 . . . . . . . . . . . 
'X-RAY DIFFRACTION' 2.635 2.846 . . 49 928  100.0000 . . . 0.182 . 0.169 . . . . . . . . . . . 
'X-RAY DIFFRACTION' 2.846 3.116 . . 50 860  99.6714  . . . 0.204 . 0.190 . . . . . . . . . . . 
'X-RAY DIFFRACTION' 3.116 3.483 . . 42 785  100.0000 . . . 0.183 . 0.163 . . . . . . . . . . . 
'X-RAY DIFFRACTION' 3.483 4.019 . . 42 682  99.3141  . . . 0.211 . 0.173 . . . . . . . . . . . 
'X-RAY DIFFRACTION' 4.019 4.915 . . 30 605  99.5298  . . . 0.243 . 0.170 . . . . . . . . . . . 
'X-RAY DIFFRACTION' 4.915 6.924 . . 21 490  99.8047  . . . 0.245 . 0.250 . . . . . . . . . . . 
'X-RAY DIFFRACTION' 6.924 28.75 . . 17 287  98.3819  . . . 0.180 . 0.213 . . . . . . . . . . . 
# 
_struct.entry_id                     7D2C 
_struct.title                        'The Crystal Structure of human PARP14 from Biortus.' 
_struct.pdbx_model_details           ? 
_struct.pdbx_formula_weight          ? 
_struct.pdbx_formula_weight_method   ? 
_struct.pdbx_model_type_details      ? 
_struct.pdbx_CASP_flag               N 
# 
_struct_keywords.entry_id        7D2C 
_struct_keywords.text            'protein binding, enzyme binding, catalytic activity, TRANSFERASE' 
_struct_keywords.pdbx_keywords   TRANSFERASE 
# 
loop_
_struct_asym.id 
_struct_asym.pdbx_blank_PDB_chainid_flag 
_struct_asym.pdbx_modified 
_struct_asym.entity_id 
_struct_asym.details 
A N N 1 ? 
B N N 2 ? 
C N N 2 ? 
D N N 3 ? 
E N N 3 ? 
F N N 4 ? 
# 
loop_
_struct_conf.conf_type_id 
_struct_conf.id 
_struct_conf.pdbx_PDB_helix_id 
_struct_conf.beg_label_comp_id 
_struct_conf.beg_label_asym_id 
_struct_conf.beg_label_seq_id 
_struct_conf.pdbx_beg_PDB_ins_code 
_struct_conf.end_label_comp_id 
_struct_conf.end_label_asym_id 
_struct_conf.end_label_seq_id 
_struct_conf.pdbx_end_PDB_ins_code 
_struct_conf.beg_auth_comp_id 
_struct_conf.beg_auth_asym_id 
_struct_conf.beg_auth_seq_id 
_struct_conf.end_auth_comp_id 
_struct_conf.end_auth_asym_id 
_struct_conf.end_auth_seq_id 
_struct_conf.pdbx_PDB_helix_class 
_struct_conf.details 
_struct_conf.pdbx_PDB_helix_length 
HELX_P HELX_P1 AA1 ASP A 45  ? GLU A 49  ? ASP A 1235 GLU A 1239 5 ? 5  
HELX_P HELX_P2 AA2 GLY A 67  ? GLY A 77  ? GLY A 1257 GLY A 1267 1 ? 11 
HELX_P HELX_P3 AA3 GLY A 77  ? ARG A 91  ? GLY A 1267 ARG A 1281 1 ? 15 
HELX_P HELX_P4 AA4 ASP A 116 ? LYS A 131 ? ASP A 1306 LYS A 1321 1 ? 16 
HELX_P HELX_P5 AA5 HIS A 149 ? LYS A 167 ? HIS A 1339 LYS A 1357 1 ? 19 
HELX_P HELX_P6 AA6 LEU A 182 ? GLU A 197 ? LEU A 1372 GLU A 1387 1 ? 16 
# 
_struct_conf_type.id          HELX_P 
_struct_conf_type.criteria    ? 
_struct_conf_type.reference   ? 
# 
_struct_sheet.id               AA1 
_struct_sheet.type             ? 
_struct_sheet.number_strands   8 
_struct_sheet.details          ? 
# 
loop_
_struct_sheet_order.sheet_id 
_struct_sheet_order.range_id_1 
_struct_sheet_order.range_id_2 
_struct_sheet_order.offset 
_struct_sheet_order.sense 
AA1 1 2 ? anti-parallel 
AA1 2 3 ? anti-parallel 
AA1 3 4 ? parallel      
AA1 4 5 ? parallel      
AA1 5 6 ? parallel      
AA1 6 7 ? parallel      
AA1 7 8 ? anti-parallel 
# 
loop_
_struct_sheet_range.sheet_id 
_struct_sheet_range.id 
_struct_sheet_range.beg_label_comp_id 
_struct_sheet_range.beg_label_asym_id 
_struct_sheet_range.beg_label_seq_id 
_struct_sheet_range.pdbx_beg_PDB_ins_code 
_struct_sheet_range.end_label_comp_id 
_struct_sheet_range.end_label_asym_id 
_struct_sheet_range.end_label_seq_id 
_struct_sheet_range.pdbx_end_PDB_ins_code 
_struct_sheet_range.beg_auth_comp_id 
_struct_sheet_range.beg_auth_asym_id 
_struct_sheet_range.beg_auth_seq_id 
_struct_sheet_range.end_auth_comp_id 
_struct_sheet_range.end_auth_asym_id 
_struct_sheet_range.end_auth_seq_id 
AA1 1 SER A 23  ? ASP A 26  ? SER A 1213 ASP A 1216 
AA1 2 VAL A 29  ? ILE A 34  ? VAL A 1219 ILE A 1224 
AA1 3 ILE A 37  ? SER A 43  ? ILE A 1227 SER A 1233 
AA1 4 LYS A 175 ? ILE A 180 ? LYS A 1365 ILE A 1370 
AA1 5 SER A 135 ? LEU A 138 ? SER A 1325 LEU A 1328 
AA1 6 VAL A 53  ? THR A 58  ? VAL A 1243 THR A 1248 
AA1 7 ASN A 107 ? ILE A 112 ? ASN A 1297 ILE A 1302 
AA1 8 TYR A 95  ? GLY A 99  ? TYR A 1285 GLY A 1289 
# 
loop_
_pdbx_struct_sheet_hbond.sheet_id 
_pdbx_struct_sheet_hbond.range_id_1 
_pdbx_struct_sheet_hbond.range_id_2 
_pdbx_struct_sheet_hbond.range_1_label_atom_id 
_pdbx_struct_sheet_hbond.range_1_label_comp_id 
_pdbx_struct_sheet_hbond.range_1_label_asym_id 
_pdbx_struct_sheet_hbond.range_1_label_seq_id 
_pdbx_struct_sheet_hbond.range_1_PDB_ins_code 
_pdbx_struct_sheet_hbond.range_1_auth_atom_id 
_pdbx_struct_sheet_hbond.range_1_auth_comp_id 
_pdbx_struct_sheet_hbond.range_1_auth_asym_id 
_pdbx_struct_sheet_hbond.range_1_auth_seq_id 
_pdbx_struct_sheet_hbond.range_2_label_atom_id 
_pdbx_struct_sheet_hbond.range_2_label_comp_id 
_pdbx_struct_sheet_hbond.range_2_label_asym_id 
_pdbx_struct_sheet_hbond.range_2_label_seq_id 
_pdbx_struct_sheet_hbond.range_2_PDB_ins_code 
_pdbx_struct_sheet_hbond.range_2_auth_atom_id 
_pdbx_struct_sheet_hbond.range_2_auth_comp_id 
_pdbx_struct_sheet_hbond.range_2_auth_asym_id 
_pdbx_struct_sheet_hbond.range_2_auth_seq_id 
AA1 1 2 N SER A 23  ? N SER A 1213 O GLU A 31  ? O GLU A 1221 
AA1 2 3 N MET A 32  ? N MET A 1222 O PHE A 39  ? O PHE A 1229 
AA1 3 4 N GLN A 40  ? N GLN A 1230 O VAL A 178 ? O VAL A 1368 
AA1 4 5 O LYS A 177 ? O LYS A 1367 N ILE A 136 ? N ILE A 1326 
AA1 5 6 O CYS A 137 ? O CYS A 1327 N VAL A 53  ? N VAL A 1243 
AA1 6 7 N THR A 58  ? N THR A 1248 O VAL A 111 ? O VAL A 1301 
AA1 7 8 O HIS A 110 ? O HIS A 1300 N ILE A 96  ? N ILE A 1286 
# 
_atom_sites.entry_id                    7D2C 
_atom_sites.Cartn_transf_matrix[1][1]   ? 
_atom_sites.Cartn_transf_matrix[1][2]   ? 
_atom_sites.Cartn_transf_matrix[1][3]   ? 
_atom_sites.Cartn_transf_matrix[2][1]   ? 
_atom_sites.Cartn_transf_matrix[2][2]   ? 
_atom_sites.Cartn_transf_matrix[2][3]   ? 
_atom_sites.Cartn_transf_matrix[3][1]   ? 
_atom_sites.Cartn_transf_matrix[3][2]   ? 
_atom_sites.Cartn_transf_matrix[3][3]   ? 
_atom_sites.Cartn_transf_vector[1]      ? 
_atom_sites.Cartn_transf_vector[2]      ? 
_atom_sites.Cartn_transf_vector[3]      ? 
_atom_sites.fract_transf_matrix[1][1]   0.02828193 
_atom_sites.fract_transf_matrix[1][2]   -0.00863920 
_atom_sites.fract_transf_matrix[1][3]   0.00168547 
_atom_sites.fract_transf_matrix[2][1]   -0.00254699 
_atom_sites.fract_transf_matrix[2][2]   -0.00369380 
_atom_sites.fract_transf_matrix[2][3]   0.02380485 
_atom_sites.fract_transf_matrix[3][1]   -0.00253402 
_atom_sites.fract_transf_matrix[3][2]   -0.00860907 
_atom_sites.fract_transf_matrix[3][3]   -0.00160700 
_atom_sites.fract_transf_vector[1]      -0.263031 
_atom_sites.fract_transf_vector[2]      0.258496 
_atom_sites.fract_transf_vector[3]      -0.126110 
_atom_sites.solution_primary            ? 
_atom_sites.solution_secondary          ? 
_atom_sites.solution_hydrogens          ? 
_atom_sites.special_details             ? 
# 
loop_
_atom_type.symbol 
_atom_type.pdbx_scat_Z 
_atom_type.pdbx_N_electrons 
_atom_type.scat_Cromer_Mann_a1 
_atom_type.scat_Cromer_Mann_b1 
_atom_type.scat_Cromer_Mann_a2 
_atom_type.scat_Cromer_Mann_b2 
_atom_type.scat_Cromer_Mann_a3 
_atom_type.scat_Cromer_Mann_b3 
_atom_type.scat_Cromer_Mann_a4 
_atom_type.scat_Cromer_Mann_b4 
_atom_type.scat_Cromer_Mann_c 
C  6  6  2.310  20.844 1.020 10.208 1.589 0.569  0.865 51.651 0.216   
CL ?  ?  ?      ?      ?     ?      ?     ?      ?     ?      ?       
H  1  1  0.493  10.511 0.323 26.126 0.140 3.142  0.041 57.800 0.003   
N  7  7  12.222 0.006  3.135 9.893  2.014 28.997 1.167 0.583  -11.538 
O  8  8  3.049  13.277 2.287 5.701  1.546 0.324  0.867 32.909 0.251   
S  16 16 6.905  1.468  5.203 22.215 1.438 0.254  1.586 56.172 1.032   
# 
loop_
_atom_site.group_PDB 
_atom_site.id 
_atom_site.type_symbol 
_atom_site.label_atom_id 
_atom_site.label_alt_id 
_atom_site.label_comp_id 
_atom_site.label_asym_id 
_atom_site.label_entity_id 
_atom_site.label_seq_id 
_atom_site.pdbx_PDB_ins_code 
_atom_site.Cartn_x 
_atom_site.Cartn_y 
_atom_site.Cartn_z 
_atom_site.occupancy 
_atom_site.B_iso_or_equiv 
_atom_site.pdbx_formal_charge 
_atom_site.auth_seq_id 
_atom_site.auth_comp_id 
_atom_site.auth_asym_id 
_atom_site.auth_atom_id 
_atom_site.pdbx_PDB_model_num 
ATOM   1    N  N   . PHE A 1 18  ? 10.157  1.901   -18.662 1.000 13.996 ? 1208 PHE A N   1 
ATOM   2    C  CA  . PHE A 1 18  ? 8.883   1.211   -18.308 1.000 13.578 ? 1208 PHE A CA  1 
ATOM   3    C  C   . PHE A 1 18  ? 7.719   2.207   -18.161 1.000 12.197 ? 1208 PHE A C   1 
ATOM   4    O  O   . PHE A 1 18  ? 6.561   1.746   -18.165 1.000 11.626 ? 1208 PHE A O   1 
ATOM   5    C  CB  . PHE A 1 18  ? 9.043   0.425   -17.005 1.000 15.645 ? 1208 PHE A CB  1 
ATOM   6    C  CG  . PHE A 1 18  ? 10.045  -0.695  -17.100 1.000 17.213 ? 1208 PHE A CG  1 
ATOM   7    C  CD1 . PHE A 1 18  ? 9.717   -1.883  -17.732 1.000 18.599 ? 1208 PHE A CD1 1 
ATOM   8    C  CD2 . PHE A 1 18  ? 11.334  -0.533  -16.617 1.000 18.886 ? 1208 PHE A CD2 1 
ATOM   9    C  CE1 . PHE A 1 18  ? 10.652  -2.903  -17.853 1.000 19.691 ? 1208 PHE A CE1 1 
ATOM   10   C  CE2 . PHE A 1 18  ? 12.263  -1.557  -16.730 1.000 19.479 ? 1208 PHE A CE2 1 
ATOM   11   C  CZ  . PHE A 1 18  ? 11.920  -2.736  -17.347 1.000 19.529 ? 1208 PHE A CZ  1 
ATOM   12   N  N   . TYR A 1 19  ? 7.996   3.507   -18.034 1.000 11.185 ? 1209 TYR A N   1 
ATOM   13   C  CA  . TYR A 1 19  ? 6.991   4.512   -17.593 1.000 10.819 ? 1209 TYR A CA  1 
ATOM   14   C  C   . TYR A 1 19  ? 6.153   5.031   -18.760 1.000 10.565 ? 1209 TYR A C   1 
ATOM   15   O  O   . TYR A 1 19  ? 6.688   5.368   -19.837 1.000 11.305 ? 1209 TYR A O   1 
ATOM   16   C  CB  . TYR A 1 19  ? 7.667   5.664   -16.854 1.000 10.617 ? 1209 TYR A CB  1 
ATOM   17   C  CG  . TYR A 1 19  ? 8.266   5.231   -15.544 1.000 10.676 ? 1209 TYR A CG  1 
ATOM   18   C  CD1 . TYR A 1 19  ? 7.461   4.988   -14.442 1.000 10.677 ? 1209 TYR A CD1 1 
ATOM   19   C  CD2 . TYR A 1 19  ? 9.625   4.990   -15.427 1.000 10.788 ? 1209 TYR A CD2 1 
ATOM   20   C  CE1 . TYR A 1 19  ? 8.001   4.572   -13.237 1.000 10.703 ? 1209 TYR A CE1 1 
ATOM   21   C  CE2 . TYR A 1 19  ? 10.179  4.568   -14.233 1.000 10.931 ? 1209 TYR A CE2 1 
ATOM   22   C  CZ  . TYR A 1 19  ? 9.366   4.354   -13.135 1.000 10.932 ? 1209 TYR A CZ  1 
ATOM   23   O  OH  . TYR A 1 19  ? 9.898   3.935   -11.948 1.000 11.269 ? 1209 TYR A OH  1 
ATOM   24   N  N   . GLY A 1 20  ? 4.849   5.112   -18.517 1.000 10.105 ? 1210 GLY A N   1 
ATOM   25   C  CA  . GLY A 1 20  ? 3.877   5.741   -19.419 1.000 10.159 ? 1210 GLY A CA  1 
ATOM   26   C  C   . GLY A 1 20  ? 3.573   7.167   -19.006 1.000 10.194 ? 1210 GLY A C   1 
ATOM   27   O  O   . GLY A 1 20  ? 4.023   7.618   -17.939 1.000 10.712 ? 1210 GLY A O   1 
ATOM   28   N  N   . THR A 1 21  ? 2.766   7.831   -19.815 1.000 10.002 ? 1211 THR A N   1 
ATOM   29   C  CA  . THR A 1 21  ? 2.311   9.221   -19.599 1.000 9.840  ? 1211 THR A CA  1 
ATOM   30   C  C   . THR A 1 21  ? 1.474   9.303   -18.318 1.000 9.916  ? 1211 THR A C   1 
ATOM   31   O  O   . THR A 1 21  ? 0.627   8.412   -18.083 1.000 10.449 ? 1211 THR A O   1 
ATOM   32   C  CB  . THR A 1 21  ? 1.520   9.674   -20.826 1.000 10.218 ? 1211 THR A CB  1 
ATOM   33   O  OG1 . THR A 1 21  ? 2.406   9.598   -21.945 1.000 10.312 ? 1211 THR A OG1 1 
ATOM   34   C  CG2 . THR A 1 21  ? 0.947   11.062  -20.656 1.000 10.345 ? 1211 THR A CG2 1 
ATOM   35   N  N   . VAL A 1 22  ? 1.685   10.360  -17.537 1.000 9.609  ? 1212 VAL A N   1 
ATOM   36   C  CA  . VAL A 1 22  ? 0.844   10.675  -16.348 1.000 9.527  ? 1212 VAL A CA  1 
ATOM   37   C  C   . VAL A 1 22  ? -0.425  11.375  -16.840 1.000 9.645  ? 1212 VAL A C   1 
ATOM   38   O  O   . VAL A 1 22  ? -0.319  12.413  -17.510 1.000 10.186 ? 1212 VAL A O   1 
ATOM   39   C  CB  . VAL A 1 22  ? 1.608   11.540  -15.336 1.000 9.493  ? 1212 VAL A CB  1 
ATOM   40   C  CG1 . VAL A 1 22  ? 0.717   11.911  -14.166 1.000 9.749  ? 1212 VAL A CG1 1 
ATOM   41   C  CG2 . VAL A 1 22  ? 2.879   10.853  -14.857 1.000 9.453  ? 1212 VAL A CG2 1 
ATOM   42   N  N   . SER A 1 23  ? -1.591  10.841  -16.495 1.000 9.796  ? 1213 SER A N   1 
ATOM   43   C  CA  . SER A 1 23  ? -2.880  11.500  -16.812 1.000 10.211 ? 1213 SER A CA  1 
ATOM   44   C  C   . SER A 1 23  ? -3.761  11.488  -15.569 1.000 10.534 ? 1213 SER A C   1 
ATOM   45   O  O   . SER A 1 23  ? -3.361  10.867  -14.557 1.000 10.622 ? 1213 SER A O   1 
ATOM   46   C  CB  . SER A 1 23  ? -3.552  10.852  -17.984 1.000 10.748 ? 1213 SER A CB  1 
ATOM   47   O  OG  . SER A 1 23  ? -3.932  9.524   -17.666 1.000 11.874 ? 1213 SER A OG  1 
ATOM   48   N  N   . SER A 1 24  ? -4.917  12.141  -15.658 1.000 10.460 ? 1214 SER A N   1 
ATOM   49   C  CA  . SER A 1 24  ? -5.893  12.272  -14.550 1.000 11.289 ? 1214 SER A CA  1 
ATOM   50   C  C   . SER A 1 24  ? -7.245  11.722  -14.991 1.000 11.843 ? 1214 SER A C   1 
ATOM   51   O  O   . SER A 1 24  ? -7.964  12.388  -15.727 1.000 12.526 ? 1214 SER A O   1 
ATOM   52   C  CB  . SER A 1 24  ? -6.005  13.696  -14.127 1.000 11.458 ? 1214 SER A CB  1 
ATOM   53   O  OG  . SER A 1 24  ? -6.880  13.806  -13.022 1.000 11.854 ? 1214 SER A OG  1 
ATOM   54   N  N   . PRO A 1 25  ? -7.630  10.493  -14.576 1.000 12.519 ? 1215 PRO A N   1 
ATOM   55   C  CA  . PRO A 1 25  ? -8.907  9.915   -14.996 1.000 13.671 ? 1215 PRO A CA  1 
ATOM   56   C  C   . PRO A 1 25  ? -10.115 10.507  -14.255 1.000 15.028 ? 1215 PRO A C   1 
ATOM   57   O  O   . PRO A 1 25  ? -11.224 10.347  -14.732 1.000 17.240 ? 1215 PRO A O   1 
ATOM   58   C  CB  . PRO A 1 25  ? -8.718  8.428   -14.665 1.000 13.657 ? 1215 PRO A CB  1 
ATOM   59   C  CG  . PRO A 1 25  ? -7.815  8.449   -13.458 1.000 13.060 ? 1215 PRO A CG  1 
ATOM   60   C  CD  . PRO A 1 25  ? -6.843  9.579   -13.732 1.000 12.720 ? 1215 PRO A CD  1 
ATOM   61   N  N   . ASP A 1 26  ? -9.874  11.165  -13.120 1.000 15.893 ? 1216 ASP A N   1 
ATOM   62   C  CA  . ASP A 1 26  ? -10.903 11.817  -12.267 1.000 17.211 ? 1216 ASP A CA  1 
ATOM   63   C  C   . ASP A 1 26  ? -10.231 12.942  -11.476 1.000 16.599 ? 1216 ASP A C   1 
ATOM   64   O  O   . ASP A 1 26  ? -9.000  12.899  -11.317 1.000 14.956 ? 1216 ASP A O   1 
ATOM   65   C  CB  . ASP A 1 26  ? -11.561 10.792  -11.337 1.000 19.411 ? 1216 ASP A CB  1 
ATOM   66   C  CG  . ASP A 1 26  ? -12.383 9.735   -12.057 1.000 22.344 ? 1216 ASP A CG  1 
ATOM   67   O  OD1 . ASP A 1 26  ? -13.477 10.078  -12.555 1.000 25.209 ? 1216 ASP A OD1 1 
ATOM   68   O  OD2 . ASP A 1 26  ? -11.920 8.577   -12.124 1.000 26.215 ? 1216 ASP A OD2 1 
ATOM   69   N  N   . SER A 1 27  ? -11.003 13.921  -11.006 1.000 16.753 ? 1217 SER A N   1 
ATOM   70   C  CA  . SER A 1 27  ? -10.486 15.098  -10.262 1.000 16.854 ? 1217 SER A CA  1 
ATOM   71   C  C   . SER A 1 27  ? -9.614  14.633  -9.091  1.000 16.248 ? 1217 SER A C   1 
ATOM   72   O  O   . SER A 1 27  ? -10.104 13.826  -8.275  1.000 16.828 ? 1217 SER A O   1 
ATOM   73   C  CB  . SER A 1 27  ? -11.605 15.979  -9.780  1.000 17.772 ? 1217 SER A CB  1 
ATOM   74   O  OG  . SER A 1 27  ? -11.077 17.143  -9.173  1.000 19.511 ? 1217 SER A OG  1 
ATOM   75   N  N   . GLY A 1 28  ? -8.366  15.111  -9.039  1.000 15.126 ? 1218 GLY A N   1 
ATOM   76   C  CA  . GLY A 1 28  ? -7.396  14.813  -7.967  1.000 14.473 ? 1218 GLY A CA  1 
ATOM   77   C  C   . GLY A 1 28  ? -6.902  13.371  -7.993  1.000 13.713 ? 1218 GLY A C   1 
ATOM   78   O  O   . GLY A 1 28  ? -6.334  12.938  -6.977  1.000 14.149 ? 1218 GLY A O   1 
ATOM   79   N  N   . VAL A 1 29  ? -7.107  12.642  -9.094  1.000 12.636 ? 1219 VAL A N   1 
ATOM   80   C  CA  . VAL A 1 29  ? -6.587  11.249  -9.268  1.000 11.909 ? 1219 VAL A CA  1 
ATOM   81   C  C   . VAL A 1 29  ? -5.570  11.280  -10.406 1.000 11.516 ? 1219 VAL A C   1 
ATOM   82   O  O   . VAL A 1 29  ? -5.870  11.863  -11.454 1.000 11.135 ? 1219 VAL A O   1 
ATOM   83   C  CB  . VAL A 1 29  ? -7.709  10.230  -9.553  1.000 11.776 ? 1219 VAL A CB  1 
ATOM   84   C  CG1 . VAL A 1 29  ? -7.154  8.822   -9.735  1.000 12.139 ? 1219 VAL A CG1 1 
ATOM   85   C  CG2 . VAL A 1 29  ? -8.780  10.257  -8.473  1.000 11.787 ? 1219 VAL A CG2 1 
ATOM   86   N  N   . TYR A 1 30  ? -4.402  10.666  -10.219 1.000 10.761 ? 1220 TYR A N   1 
ATOM   87   C  CA  . TYR A 1 30  ? -3.332  10.641  -11.247 1.000 10.920 ? 1220 TYR A CA  1 
ATOM   88   C  C   . TYR A 1 30  ? -2.903  9.202   -11.463 1.000 10.242 ? 1220 TYR A C   1 
ATOM   89   O  O   . TYR A 1 30  ? -2.903  8.419   -10.495 1.000 10.310 ? 1220 TYR A O   1 
ATOM   90   C  CB  . TYR A 1 30  ? -2.158  11.535  -10.844 1.000 11.558 ? 1220 TYR A CB  1 
ATOM   91   C  CG  . TYR A 1 30  ? -2.618  12.930  -10.530 1.000 12.997 ? 1220 TYR A CG  1 
ATOM   92   C  CD1 . TYR A 1 30  ? -2.943  13.807  -11.548 1.000 13.978 ? 1220 TYR A CD1 1 
ATOM   93   C  CD2 . TYR A 1 30  ? -2.834  13.332  -9.225  1.000 13.955 ? 1220 TYR A CD2 1 
ATOM   94   C  CE1 . TYR A 1 30  ? -3.423  15.073  -11.276 1.000 14.899 ? 1220 TYR A CE1 1 
ATOM   95   C  CE2 . TYR A 1 30  ? -3.329  14.594  -8.935  1.000 15.016 ? 1220 TYR A CE2 1 
ATOM   96   C  CZ  . TYR A 1 30  ? -3.617  15.469  -9.967  1.000 15.466 ? 1220 TYR A CZ  1 
ATOM   97   O  OH  . TYR A 1 30  ? -4.096  16.721  -9.703  1.000 17.972 ? 1220 TYR A OH  1 
ATOM   98   N  N   . GLU A 1 31  ? -2.585  8.856   -12.706 1.000 9.860  ? 1221 GLU A N   1 
ATOM   99   C  CA  . GLU A 1 31  ? -2.165  7.470   -13.007 1.000 9.998  ? 1221 GLU A CA  1 
ATOM   100  C  C   . GLU A 1 31  ? -1.118  7.460   -14.115 1.000 9.206  ? 1221 GLU A C   1 
ATOM   101  O  O   . GLU A 1 31  ? -1.058  8.406   -14.917 1.000 8.802  ? 1221 GLU A O   1 
ATOM   102  C  CB  . GLU A 1 31  ? -3.378  6.604   -13.329 1.000 11.512 ? 1221 GLU A CB  1 
ATOM   103  C  CG  . GLU A 1 31  ? -3.993  6.907   -14.677 1.000 12.690 ? 1221 GLU A CG  1 
ATOM   104  C  CD  . GLU A 1 31  ? -5.214  6.064   -14.999 1.000 14.530 ? 1221 GLU A CD  1 
ATOM   105  O  OE1 . GLU A 1 31  ? -5.714  5.363   -14.089 1.000 15.459 ? 1221 GLU A OE1 1 
ATOM   106  O  OE2 . GLU A 1 31  ? -5.662  6.114   -16.162 1.000 16.949 ? 1221 GLU A OE2 1 
ATOM   107  N  N   . MET A 1 32  ? -0.310  6.409   -14.125 1.000 8.740  ? 1222 MET A N   1 
ATOM   108  C  CA  . MET A 1 32  ? 0.661   6.150   -15.207 1.000 8.832  ? 1222 MET A CA  1 
ATOM   109  C  C   . MET A 1 32  ? 0.912   4.649   -15.261 1.000 9.021  ? 1222 MET A C   1 
ATOM   110  O  O   . MET A 1 32  ? 0.791   3.988   -14.219 1.000 8.962  ? 1222 MET A O   1 
ATOM   111  C  CB  . MET A 1 32  ? 1.981   6.892   -14.967 1.000 9.036  ? 1222 MET A CB  1 
ATOM   112  C  CG  . MET A 1 32  ? 2.849   6.283   -13.872 1.000 9.243  ? 1222 MET A CG  1 
ATOM   113  S  SD  . MET A 1 32  ? 4.133   7.401   -13.285 1.000 9.864  ? 1222 MET A SD  1 
ATOM   114  C  CE  . MET A 1 32  ? 4.993   7.772   -14.809 1.000 9.675  ? 1222 MET A CE  1 
ATOM   115  N  N   . LYS A 1 33  ? 1.257   4.151   -16.442 1.000 9.075  ? 1223 LYS A N   1 
ATOM   116  C  CA  . LYS A 1 33  ? 1.741   2.763   -16.597 1.000 9.862  ? 1223 LYS A CA  1 
ATOM   117  C  C   . LYS A 1 33  ? 3.158   2.668   -16.040 1.000 9.507  ? 1223 LYS A C   1 
ATOM   118  O  O   . LYS A 1 33  ? 3.982   3.580   -16.260 1.000 8.993  ? 1223 LYS A O   1 
ATOM   119  C  CB  . LYS A 1 33  ? 1.694   2.333   -18.064 1.000 10.964 ? 1223 LYS A CB  1 
ATOM   120  C  CG  . LYS A 1 33  ? 0.295   2.047   -18.584 1.000 12.515 ? 1223 LYS A CG  1 
ATOM   121  C  CD  . LYS A 1 33  ? -0.304  0.781   -18.008 1.000 14.488 ? 1223 LYS A CD  1 
ATOM   122  C  CE  . LYS A 1 33  ? -1.483  0.275   -18.810 1.000 16.201 ? 1223 LYS A CE  1 
ATOM   123  N  NZ  . LYS A 1 33  ? -1.092  -0.188  -20.162 1.000 17.711 ? 1223 LYS A NZ  1 
ATOM   124  N  N   . ILE A 1 34  ? 3.425   1.584   -15.325 1.000 9.279  ? 1224 ILE A N   1 
ATOM   125  C  CA  . ILE A 1 34  ? 4.808   1.132   -15.013 1.000 9.860  ? 1224 ILE A CA  1 
ATOM   126  C  C   . ILE A 1 34  ? 4.878   -0.283  -15.574 1.000 10.194 ? 1224 ILE A C   1 
ATOM   127  O  O   . ILE A 1 34  ? 4.277   -1.184  -14.971 1.000 10.171 ? 1224 ILE A O   1 
ATOM   128  C  CB  . ILE A 1 34  ? 5.116   1.205   -13.504 1.000 9.738  ? 1224 ILE A CB  1 
ATOM   129  C  CG1 . ILE A 1 34  ? 4.752   2.572   -12.919 1.000 10.126 ? 1224 ILE A CG1 1 
ATOM   130  C  CG2 . ILE A 1 34  ? 6.571   0.849   -13.228 1.000 9.716  ? 1224 ILE A CG2 1 
ATOM   131  C  CD1 . ILE A 1 34  ? 4.929   2.659   -11.430 1.000 10.281 ? 1224 ILE A CD1 1 
ATOM   132  N  N   . GLY A 1 35  ? 5.483   -0.444  -16.752 1.000 10.908 ? 1225 GLY A N   1 
ATOM   133  C  CA  . GLY A 1 35  ? 5.344   -1.700  -17.510 1.000 11.346 ? 1225 GLY A CA  1 
ATOM   134  C  C   . GLY A 1 35  ? 3.881   -1.983  -17.798 1.000 11.794 ? 1225 GLY A C   1 
ATOM   135  O  O   . GLY A 1 35  ? 3.218   -1.128  -18.411 1.000 12.898 ? 1225 GLY A O   1 
ATOM   136  N  N   . SER A 1 36  ? 3.369   -3.126  -17.345 1.000 11.921 ? 1226 SER A N   1 
ATOM   137  C  CA  . SER A 1 36  ? 1.975   -3.567  -17.605 1.000 12.280 ? 1226 SER A CA  1 
ATOM   138  C  C   . SER A 1 36  ? 1.035   -3.083  -16.497 1.000 11.933 ? 1226 SER A C   1 
ATOM   139  O  O   . SER A 1 36  ? -0.184  -3.243  -16.659 1.000 13.564 ? 1226 SER A O   1 
ATOM   140  C  CB  . SER A 1 36  ? 1.898   -5.064  -17.756 1.000 12.667 ? 1226 SER A CB  1 
ATOM   141  O  OG  . SER A 1 36  ? 2.375   -5.711  -16.594 1.000 13.449 ? 1226 SER A OG  1 
ATOM   142  N  N   . ILE A 1 37  ? 1.579   -2.528  -15.410 1.000 10.884 ? 1227 ILE A N   1 
ATOM   143  C  CA  . ILE A 1 37  ? 0.808   -2.172  -14.189 1.000 10.593 ? 1227 ILE A CA  1 
ATOM   144  C  C   . ILE A 1 37  ? 0.293   -0.738  -14.307 1.000 10.181 ? 1227 ILE A C   1 
ATOM   145  O  O   . ILE A 1 37  ? 1.075   0.147   -14.694 1.000 10.493 ? 1227 ILE A O   1 
ATOM   146  C  CB  . ILE A 1 37  ? 1.675   -2.345  -12.928 1.000 10.690 ? 1227 ILE A CB  1 
ATOM   147  C  CG1 . ILE A 1 37  ? 1.991   -3.823  -12.692 1.000 11.032 ? 1227 ILE A CG1 1 
ATOM   148  C  CG2 . ILE A 1 37  ? 1.009   -1.692  -11.724 1.000 10.608 ? 1227 ILE A CG2 1 
ATOM   149  C  CD1 . ILE A 1 37  ? 2.909   -4.074  -11.522 1.000 11.242 ? 1227 ILE A CD1 1 
ATOM   150  N  N   . ILE A 1 38  ? -0.975  -0.519  -13.965 1.000 9.845  ? 1228 ILE A N   1 
ATOM   151  C  CA  . ILE A 1 38  ? -1.529  0.850   -13.779 1.000 9.930  ? 1228 ILE A CA  1 
ATOM   152  C  C   . ILE A 1 38  ? -1.204  1.278   -12.348 1.000 9.431  ? 1228 ILE A C   1 
ATOM   153  O  O   . ILE A 1 38  ? -1.681  0.624   -11.402 1.000 9.116  ? 1228 ILE A O   1 
ATOM   154  C  CB  . ILE A 1 38  ? -3.040  0.924   -14.072 1.000 10.757 ? 1228 ILE A CB  1 
ATOM   155  C  CG1 . ILE A 1 38  ? -3.372  0.448   -15.486 1.000 11.715 ? 1228 ILE A CG1 1 
ATOM   156  C  CG2 . ILE A 1 38  ? -3.555  2.336   -13.812 1.000 11.315 ? 1228 ILE A CG2 1 
ATOM   157  C  CD1 . ILE A 1 38  ? -4.831  0.088   -15.665 1.000 12.256 ? 1228 ILE A CD1 1 
ATOM   158  N  N   . PHE A 1 39  ? -0.390  2.319   -12.207 1.000 8.777  ? 1229 PHE A N   1 
ATOM   159  C  CA  . PHE A 1 39  ? -0.061  2.931   -10.902 1.000 8.725  ? 1229 PHE A CA  1 
ATOM   160  C  C   . PHE A 1 39  ? -0.899  4.198   -10.743 1.000 8.655  ? 1229 PHE A C   1 
ATOM   161  O  O   . PHE A 1 39  ? -0.798  5.100   -11.578 1.000 8.866  ? 1229 PHE A O   1 
ATOM   162  C  CB  . PHE A 1 39  ? 1.429   3.234   -10.793 1.000 8.534  ? 1229 PHE A CB  1 
ATOM   163  C  CG  . PHE A 1 39  ? 1.793   3.911   -9.502  1.000 8.514  ? 1229 PHE A CG  1 
ATOM   164  C  CD1 . PHE A 1 39  ? 1.732   3.215   -8.305  1.000 8.351  ? 1229 PHE A CD1 1 
ATOM   165  C  CD2 . PHE A 1 39  ? 2.186   5.239   -9.477  1.000 8.586  ? 1229 PHE A CD2 1 
ATOM   166  C  CE1 . PHE A 1 39  ? 2.081   3.830   -7.115  1.000 8.461  ? 1229 PHE A CE1 1 
ATOM   167  C  CE2 . PHE A 1 39  ? 2.535   5.849   -8.284  1.000 8.670  ? 1229 PHE A CE2 1 
ATOM   168  C  CZ  . PHE A 1 39  ? 2.469   5.151   -7.102  1.000 8.529  ? 1229 PHE A CZ  1 
ATOM   169  N  N   . GLN A 1 40  ? -1.708  4.248   -9.691  1.000 9.020  ? 1230 GLN A N   1 
ATOM   170  C  CA  . GLN A 1 40  ? -2.686  5.340   -9.481  1.000 9.613  ? 1230 GLN A CA  1 
ATOM   171  C  C   . GLN A 1 40  ? -2.487  5.927   -8.089  1.000 9.071  ? 1230 GLN A C   1 
ATOM   172  O  O   . GLN A 1 40  ? -2.185  5.172   -7.157  1.000 8.793  ? 1230 GLN A O   1 
ATOM   173  C  CB  . GLN A 1 40  ? -4.095  4.792   -9.665  1.000 11.040 ? 1230 GLN A CB  1 
ATOM   174  C  CG  . GLN A 1 40  ? -5.174  5.852   -9.756  1.000 12.558 ? 1230 GLN A CG  1 
ATOM   175  C  CD  . GLN A 1 40  ? -6.492  5.188   -10.057 1.000 14.261 ? 1230 GLN A CD  1 
ATOM   176  O  OE1 . GLN A 1 40  ? -7.176  4.710   -9.154  1.000 17.374 ? 1230 GLN A OE1 1 
ATOM   177  N  NE2 . GLN A 1 40  ? -6.834  5.096   -11.336 1.000 15.613 ? 1230 GLN A NE2 1 
ATOM   178  N  N   . VAL A 1 41  ? -2.640  7.240   -7.966  1.000 8.749  ? 1231 VAL A N   1 
ATOM   179  C  CA  . VAL A 1 41  ? -2.575  7.939   -6.658  1.000 8.725  ? 1231 VAL A CA  1 
ATOM   180  C  C   . VAL A 1 41  ? -3.810  8.826   -6.538  1.000 8.637  ? 1231 VAL A C   1 
ATOM   181  O  O   . VAL A 1 41  ? -4.246  9.412   -7.541  1.000 8.521  ? 1231 VAL A O   1 
ATOM   182  C  CB  . VAL A 1 41  ? -1.270  8.741   -6.488  1.000 8.844  ? 1231 VAL A CB  1 
ATOM   183  C  CG1 . VAL A 1 41  ? -0.054  7.832   -6.520  1.000 8.907  ? 1231 VAL A CG1 1 
ATOM   184  C  CG2 . VAL A 1 41  ? -1.136  9.855   -7.521  1.000 9.017  ? 1231 VAL A CG2 1 
ATOM   185  N  N   . ALA A 1 42  ? -4.334  8.921   -5.326  1.000 8.689  ? 1232 ALA A N   1 
ATOM   186  C  CA  . ALA A 1 42  ? -5.482  9.788   -4.990  1.000 8.928  ? 1232 ALA A CA  1 
ATOM   187  C  C   . ALA A 1 42  ? -5.384  10.124  -3.507  1.000 9.431  ? 1232 ALA A C   1 
ATOM   188  O  O   . ALA A 1 42  ? -4.686  9.396   -2.781  1.000 8.992  ? 1232 ALA A O   1 
ATOM   189  C  CB  . ALA A 1 42  ? -6.784  9.100   -5.316  1.000 9.096  ? 1232 ALA A CB  1 
ATOM   190  N  N   . SER A 1 43  ? -6.046  11.194  -3.076  1.000 9.882  ? 1233 SER A N   1 
ATOM   191  C  CA  . SER A 1 43  ? -6.202  11.498  -1.635  1.000 10.656 ? 1233 SER A CA  1 
ATOM   192  C  C   . SER A 1 43  ? -7.601  11.089  -1.186  1.000 10.941 ? 1233 SER A C   1 
ATOM   193  O  O   . SER A 1 43  ? -8.568  11.263  -1.955  1.000 12.019 ? 1233 SER A O   1 
ATOM   194  C  CB  . SER A 1 43  ? -5.921  12.938  -1.316  1.000 11.213 ? 1233 SER A CB  1 
ATOM   195  O  OG  . SER A 1 43  ? -5.913  13.129  0.093   1.000 12.600 ? 1233 SER A OG  1 
ATOM   196  N  N   . GLY A 1 44  ? -7.698  10.539  0.017   1.000 10.630 ? 1234 GLY A N   1 
ATOM   197  C  CA  . GLY A 1 44  ? -9.002  10.177  0.591   1.000 10.875 ? 1234 GLY A CA  1 
ATOM   198  C  C   . GLY A 1 44  ? -8.870  9.134   1.671   1.000 11.016 ? 1234 GLY A C   1 
ATOM   199  O  O   . GLY A 1 44  ? -7.764  8.924   2.179   1.000 10.785 ? 1234 GLY A O   1 
ATOM   200  N  N   . ASP A 1 45  ? -9.995  8.513   1.994   1.000 11.019 ? 1235 ASP A N   1 
ATOM   201  C  CA  . ASP A 1 45  ? -10.124 7.505   3.066   1.000 11.211 ? 1235 ASP A CA  1 
ATOM   202  C  C   . ASP A 1 45  ? -9.944  6.122   2.435   1.000 10.526 ? 1235 ASP A C   1 
ATOM   203  O  O   . ASP A 1 45  ? -10.814 5.688   1.663   1.000 10.660 ? 1235 ASP A O   1 
ATOM   204  C  CB  . ASP A 1 45  ? -11.470 7.667   3.761   1.000 11.798 ? 1235 ASP A CB  1 
ATOM   205  C  CG  . ASP A 1 45  ? -11.691 6.706   4.911   1.000 12.713 ? 1235 ASP A CG  1 
ATOM   206  O  OD1 . ASP A 1 45  ? -10.828 5.835   5.127   1.000 12.869 ? 1235 ASP A OD1 1 
ATOM   207  O  OD2 . ASP A 1 45  ? -12.730 6.848   5.586   1.000 14.251 ? 1235 ASP A OD2 1 
ATOM   208  N  N   . ILE A 1 46  ? -8.829  5.467   2.743   1.000 9.976  ? 1236 ILE A N   1 
ATOM   209  C  CA  . ILE A 1 46  ? -8.484  4.141   2.170   1.000 9.833  ? 1236 ILE A CA  1 
ATOM   210  C  C   . ILE A 1 46  ? -9.558  3.112   2.550   1.000 9.871  ? 1236 ILE A C   1 
ATOM   211  O  O   . ILE A 1 46  ? -9.723  2.142   1.794   1.000 9.595  ? 1236 ILE A O   1 
ATOM   212  C  CB  . ILE A 1 46  ? -7.071  3.717   2.613   1.000 9.660  ? 1236 ILE A CB  1 
ATOM   213  C  CG1 . ILE A 1 46  ? -6.572  2.549   1.761   1.000 9.905  ? 1236 ILE A CG1 1 
ATOM   214  C  CG2 . ILE A 1 46  ? -7.019  3.427   4.108   1.000 9.797  ? 1236 ILE A CG2 1 
ATOM   215  C  CD1 . ILE A 1 46  ? -5.103  2.252   1.921   1.000 9.851  ? 1236 ILE A CD1 1 
ATOM   216  N  N   . THR A 1 47  ? -10.280 3.297   3.658   1.000 10.252 ? 1237 THR A N   1 
ATOM   217  C  CA  . THR A 1 47  ? -11.276 2.285   4.105   1.000 10.657 ? 1237 THR A CA  1 
ATOM   218  C  C   . THR A 1 47  ? -12.490 2.267   3.168   1.000 11.036 ? 1237 THR A C   1 
ATOM   219  O  O   . THR A 1 47  ? -13.283 1.321   3.287   1.000 11.563 ? 1237 THR A O   1 
ATOM   220  C  CB  . THR A 1 47  ? -11.704 2.473   5.565   1.000 10.902 ? 1237 THR A CB  1 
ATOM   221  O  OG1 . THR A 1 47  ? -12.409 3.706   5.673   1.000 11.468 ? 1237 THR A OG1 1 
ATOM   222  C  CG2 . THR A 1 47  ? -10.540 2.449   6.532   1.000 11.106 ? 1237 THR A CG2 1 
ATOM   223  N  N   . LYS A 1 48  ? -12.633 3.243   2.267   1.000 11.295 ? 1238 LYS A N   1 
ATOM   224  C  CA  . LYS A 1 48  ? -13.746 3.273   1.275   1.000 12.120 ? 1238 LYS A CA  1 
ATOM   225  C  C   . LYS A 1 48  ? -13.378 2.437   0.041   1.000 11.921 ? 1238 LYS A C   1 
ATOM   226  O  O   . LYS A 1 48  ? -14.261 2.189   -0.803  1.000 12.877 ? 1238 LYS A O   1 
ATOM   227  C  CB  . LYS A 1 48  ? -14.073 4.719   0.895   1.000 13.161 ? 1238 LYS A CB  1 
ATOM   228  C  CG  . LYS A 1 48  ? -14.573 5.571   2.054   1.000 14.106 ? 1238 LYS A CG  1 
ATOM   229  C  CD  . LYS A 1 48  ? -14.883 7.002   1.681   1.000 15.128 ? 1238 LYS A CD  1 
ATOM   230  C  CE  . LYS A 1 48  ? -15.245 7.854   2.882   1.000 15.503 ? 1238 LYS A CE  1 
ATOM   231  N  NZ  . LYS A 1 48  ? -15.231 9.303   2.556   1.000 16.519 ? 1238 LYS A NZ  1 
ATOM   232  N  N   . GLU A 1 49  ? -12.127 1.998   -0.068  1.000 11.079 ? 1239 GLU A N   1 
ATOM   233  C  CA  . GLU A 1 49  ? -11.616 1.341   -1.296  1.000 11.060 ? 1239 GLU A CA  1 
ATOM   234  C  C   . GLU A 1 49  ? -11.993 -0.143  -1.345  1.000 10.673 ? 1239 GLU A C   1 
ATOM   235  O  O   . GLU A 1 49  ? -12.060 -0.820  -0.285  1.000 10.585 ? 1239 GLU A O   1 
ATOM   236  C  CB  . GLU A 1 49  ? -10.095 1.480   -1.373  1.000 11.346 ? 1239 GLU A CB  1 
ATOM   237  C  CG  . GLU A 1 49  ? -9.638  2.908   -1.568  1.000 12.019 ? 1239 GLU A CG  1 
ATOM   238  C  CD  . GLU A 1 49  ? -10.029 3.515   -2.904  1.000 12.872 ? 1239 GLU A CD  1 
ATOM   239  O  OE1 . GLU A 1 49  ? -9.872  2.829   -3.936  1.000 13.577 ? 1239 GLU A OE1 1 
ATOM   240  O  OE2 . GLU A 1 49  ? -10.501 4.672   -2.911  1.000 13.599 ? 1239 GLU A OE2 1 
ATOM   241  N  N   . GLU A 1 50  ? -12.143 -0.641  -2.569  1.000 10.537 ? 1240 GLU A N   1 
ATOM   242  C  CA  . GLU A 1 50  ? -12.278 -2.084  -2.868  1.000 10.561 ? 1240 GLU A CA  1 
ATOM   243  C  C   . GLU A 1 50  ? -11.036 -2.523  -3.647  1.000 9.734  ? 1240 GLU A C   1 
ATOM   244  O  O   . GLU A 1 50  ? -10.699 -1.884  -4.638  1.000 9.506  ? 1240 GLU A O   1 
ATOM   245  C  CB  . GLU A 1 50  ? -13.560 -2.342  -3.654  1.000 11.413 ? 1240 GLU A CB  1 
ATOM   246  C  CG  . GLU A 1 50  ? -13.770 -3.808  -3.964  1.000 12.402 ? 1240 GLU A CG  1 
ATOM   247  C  CD  . GLU A 1 50  ? -15.000 -4.107  -4.794  1.000 13.602 ? 1240 GLU A CD  1 
ATOM   248  O  OE1 . GLU A 1 50  ? -15.973 -3.335  -4.715  1.000 15.927 ? 1240 GLU A OE1 1 
ATOM   249  O  OE2 . GLU A 1 50  ? -14.970 -5.099  -5.525  1.000 15.111 ? 1240 GLU A OE2 1 
ATOM   250  N  N   . ALA A 1 51  ? -10.378 -3.588  -3.205  1.000 9.068  ? 1241 ALA A N   1 
ATOM   251  C  CA  . ALA A 1 51  ? -9.176  -4.134  -3.866  1.000 8.687  ? 1241 ALA A CA  1 
ATOM   252  C  C   . ALA A 1 51  ? -8.984  -5.559  -3.370  1.000 8.453  ? 1241 ALA A C   1 
ATOM   253  O  O   . ALA A 1 51  ? -9.540  -5.894  -2.328  1.000 8.457  ? 1241 ALA A O   1 
ATOM   254  C  CB  . ALA A 1 51  ? -7.975  -3.277  -3.553  1.000 8.662  ? 1241 ALA A CB  1 
ATOM   255  N  N   . ASP A 1 52  ? -8.218  -6.389  -4.071  1.000 8.211  ? 1242 ASP A N   1 
ATOM   256  C  CA  . ASP A 1 52  ? -7.912  -7.740  -3.545  1.000 8.284  ? 1242 ASP A CA  1 
ATOM   257  C  C   . ASP A 1 52  ? -7.186  -7.599  -2.211  1.000 7.828  ? 1242 ASP A C   1 
ATOM   258  O  O   . ASP A 1 52  ? -7.553  -8.308  -1.261  1.000 7.548  ? 1242 ASP A O   1 
ATOM   259  C  CB  . ASP A 1 52  ? -7.120  -8.554  -4.557  1.000 8.652  ? 1242 ASP A CB  1 
ATOM   260  C  CG  . ASP A 1 52  ? -7.971  -8.953  -5.746  1.000 9.192  ? 1242 ASP A CG  1 
ATOM   261  O  OD1 . ASP A 1 52  ? -9.157  -9.279  -5.521  1.000 9.589  ? 1242 ASP A OD1 1 
ATOM   262  O  OD2 . ASP A 1 52  ? -7.457  -8.908  -6.884  1.000 10.368 ? 1242 ASP A OD2 1 
ATOM   263  N  N   . VAL A 1 53  ? -6.196  -6.711  -2.146  1.000 7.556  ? 1243 VAL A N   1 
ATOM   264  C  CA  . VAL A 1 53  ? -5.416  -6.451  -0.903  1.000 7.540  ? 1243 VAL A CA  1 
ATOM   265  C  C   . VAL A 1 53  ? -5.475  -4.965  -0.587  1.000 7.395  ? 1243 VAL A C   1 
ATOM   266  O  O   . VAL A 1 53  ? -5.262  -4.151  -1.492  1.000 6.880  ? 1243 VAL A O   1 
ATOM   267  C  CB  . VAL A 1 53  ? -3.964  -6.955  -1.014  1.000 7.940  ? 1243 VAL A CB  1 
ATOM   268  C  CG1 . VAL A 1 53  ? -3.023  -6.244  -0.058  1.000 8.066  ? 1243 VAL A CG1 1 
ATOM   269  C  CG2 . VAL A 1 53  ? -3.889  -8.460  -0.807  1.000 8.218  ? 1243 VAL A CG2 1 
ATOM   270  N  N   . ILE A 1 54  ? -5.736  -4.661  0.683   1.000 7.263  ? 1244 ILE A N   1 
ATOM   271  C  CA  . ILE A 1 54  ? -5.492  -3.330  1.296   1.000 7.515  ? 1244 ILE A CA  1 
ATOM   272  C  C   . ILE A 1 54  ? -4.303  -3.474  2.245   1.000 7.355  ? 1244 ILE A C   1 
ATOM   273  O  O   . ILE A 1 54  ? -4.241  -4.466  2.995   1.000 7.687  ? 1244 ILE A O   1 
ATOM   274  C  CB  . ILE A 1 54  ? -6.760  -2.813  1.993   1.000 7.684  ? 1244 ILE A CB  1 
ATOM   275  C  CG1 . ILE A 1 54  ? -7.851  -2.568  0.949   1.000 8.058  ? 1244 ILE A CG1 1 
ATOM   276  C  CG2 . ILE A 1 54  ? -6.455  -1.570  2.811   1.000 7.928  ? 1244 ILE A CG2 1 
ATOM   277  C  CD1 . ILE A 1 54  ? -9.199  -2.178  1.514   1.000 8.251  ? 1244 ILE A CD1 1 
ATOM   278  N  N   . VAL A 1 55  ? -3.366  -2.540  2.167   1.000 7.270  ? 1245 VAL A N   1 
ATOM   279  C  CA  . VAL A 1 55  ? -2.163  -2.528  3.036   1.000 7.268  ? 1245 VAL A CA  1 
ATOM   280  C  C   . VAL A 1 55  ? -2.429  -1.616  4.234   1.000 7.249  ? 1245 VAL A C   1 
ATOM   281  O  O   . VAL A 1 55  ? -2.969  -0.497  4.057   1.000 7.152  ? 1245 VAL A O   1 
ATOM   282  C  CB  . VAL A 1 55  ? -0.921  -2.104  2.237   1.000 7.241  ? 1245 VAL A CB  1 
ATOM   283  C  CG1 . VAL A 1 55  ? 0.310   -1.943  3.122   1.000 7.316  ? 1245 VAL A CG1 1 
ATOM   284  C  CG2 . VAL A 1 55  ? -0.652  -3.084  1.106   1.000 7.400  ? 1245 VAL A CG2 1 
ATOM   285  N  N   . ASN A 1 56  ? -2.072  -2.095  5.421   1.000 7.638  ? 1246 ASN A N   1 
ATOM   286  C  CA  . ASN A 1 56  ? -2.110  -1.308  6.680   1.000 8.133  ? 1246 ASN A CA  1 
ATOM   287  C  C   . ASN A 1 56  ? -0.669  -0.998  7.081   1.000 8.501  ? 1246 ASN A C   1 
ATOM   288  O  O   . ASN A 1 56  ? 0.139   -1.935  7.137   1.000 9.237  ? 1246 ASN A O   1 
ATOM   289  C  CB  . ASN A 1 56  ? -2.843  -2.065  7.787   1.000 8.169  ? 1246 ASN A CB  1 
ATOM   290  C  CG  . ASN A 1 56  ? -2.889  -1.331  9.108   1.000 8.526  ? 1246 ASN A CG  1 
ATOM   291  O  OD1 . ASN A 1 56  ? -2.939  -0.106  9.138   1.000 9.272  ? 1246 ASN A OD1 1 
ATOM   292  N  ND2 . ASN A 1 56  ? -2.898  -2.077  10.203  1.000 8.492  ? 1246 ASN A ND2 1 
ATOM   293  N  N   . SER A 1 57  ? -0.353  0.273   7.327   1.000 8.580  ? 1247 SER A N   1 
ATOM   294  C  CA  . SER A 1 57  ? 0.971   0.727   7.825   1.000 9.074  ? 1247 SER A CA  1 
ATOM   295  C  C   . SER A 1 57  ? 0.902   0.795   9.350   1.000 9.508  ? 1247 SER A C   1 
ATOM   296  O  O   . SER A 1 57  ? 0.291   1.748   9.872   1.000 10.306 ? 1247 SER A O   1 
ATOM   297  C  CB  . SER A 1 57  ? 1.350   2.057   7.213   1.000 9.070  ? 1247 SER A CB  1 
ATOM   298  O  OG  . SER A 1 57  ? 2.651   2.459   7.615   1.000 9.717  ? 1247 SER A OG  1 
ATOM   299  N  N   . THR A 1 58  ? 1.454   -0.213  10.028  1.000 9.684  ? 1248 THR A N   1 
ATOM   300  C  CA  . THR A 1 58  ? 1.311   -0.402  11.491  1.000 10.304 ? 1248 THR A CA  1 
ATOM   301  C  C   . THR A 1 58  ? 2.684   -0.250  12.155  1.000 10.924 ? 1248 THR A C   1 
ATOM   302  O  O   . THR A 1 58  ? 3.633   0.200   11.490  1.000 11.353 ? 1248 THR A O   1 
ATOM   303  C  CB  . THR A 1 58  ? 0.601   -1.730  11.784  1.000 10.681 ? 1248 THR A CB  1 
ATOM   304  O  OG1 . THR A 1 58  ? 0.322   -1.764  13.188  1.000 10.901 ? 1248 THR A OG1 1 
ATOM   305  C  CG2 . THR A 1 58  ? 1.392   -2.953  11.376  1.000 10.920 ? 1248 THR A CG2 1 
ATOM   306  N  N   . SER A 1 59  ? 2.765   -0.577  13.439  1.000 11.746 ? 1249 SER A N   1 
ATOM   307  C  CA  . SER A 1 59  ? 4.018   -0.581  14.235  1.000 12.229 ? 1249 SER A CA  1 
ATOM   308  C  C   . SER A 1 59  ? 4.592   -1.998  14.297  1.000 13.276 ? 1249 SER A C   1 
ATOM   309  O  O   . SER A 1 59  ? 3.923   -2.946  13.861  1.000 12.600 ? 1249 SER A O   1 
ATOM   310  C  CB  . SER A 1 59  ? 3.744   -0.049  15.613  1.000 12.395 ? 1249 SER A CB  1 
ATOM   311  O  OG  . SER A 1 59  ? 2.755   -0.851  16.244  1.000 12.795 ? 1249 SER A OG  1 
ATOM   312  N  N   . ASN A 1 60  ? 5.784   -2.155  14.880  1.000 14.988 ? 1250 ASN A N   1 
ATOM   313  C  CA  . ASN A 1 60  ? 6.455   -3.478  14.977  1.000 16.330 ? 1250 ASN A CA  1 
ATOM   314  C  C   . ASN A 1 60  ? 5.707   -4.390  15.969  1.000 15.457 ? 1250 ASN A C   1 
ATOM   315  O  O   . ASN A 1 60  ? 6.015   -5.588  15.999  1.000 16.520 ? 1250 ASN A O   1 
ATOM   316  C  CB  . ASN A 1 60  ? 7.943   -3.337  15.305  1.000 18.141 ? 1250 ASN A CB  1 
ATOM   317  C  CG  . ASN A 1 60  ? 8.211   -2.629  16.615  1.000 19.220 ? 1250 ASN A CG  1 
ATOM   318  O  OD1 . ASN A 1 60  ? 7.375   -2.634  17.517  1.000 21.556 ? 1250 ASN A OD1 1 
ATOM   319  N  ND2 . ASN A 1 60  ? 9.378   -2.016  16.724  1.000 21.681 ? 1250 ASN A ND2 1 
ATOM   320  N  N   . SER A 1 61  ? 4.727   -3.868  16.716  1.000 15.058 ? 1251 SER A N   1 
ATOM   321  C  CA  . SER A 1 61  ? 3.843   -4.667  17.605  1.000 14.118 ? 1251 SER A CA  1 
ATOM   322  C  C   . SER A 1 61  ? 2.559   -5.088  16.872  1.000 13.327 ? 1251 SER A C   1 
ATOM   323  O  O   . SER A 1 61  ? 1.794   -5.880  17.437  1.000 13.546 ? 1251 SER A O   1 
ATOM   324  C  CB  . SER A 1 61  ? 3.525   -3.901  18.868  1.000 14.081 ? 1251 SER A CB  1 
ATOM   325  O  OG  . SER A 1 61  ? 2.768   -2.745  18.573  1.000 14.969 ? 1251 SER A OG  1 
ATOM   326  N  N   . PHE A 1 62  ? 2.311   -4.554  15.667  1.000 12.516 ? 1252 PHE A N   1 
ATOM   327  C  CA  . PHE A 1 62  ? 1.074   -4.777  14.871  1.000 12.621 ? 1252 PHE A CA  1 
ATOM   328  C  C   . PHE A 1 62  ? -0.166  -4.374  15.680  1.000 12.309 ? 1252 PHE A C   1 
ATOM   329  O  O   . PHE A 1 62  ? -1.252  -4.915  15.418  1.000 12.864 ? 1252 PHE A O   1 
ATOM   330  C  CB  . PHE A 1 62  ? 1.019   -6.229  14.379  1.000 12.325 ? 1252 PHE A CB  1 
ATOM   331  C  CG  . PHE A 1 62  ? 2.158   -6.576  13.455  1.000 12.254 ? 1252 PHE A CG  1 
ATOM   332  C  CD1 . PHE A 1 62  ? 2.070   -6.315  12.097  1.000 12.024 ? 1252 PHE A CD1 1 
ATOM   333  C  CD2 . PHE A 1 62  ? 3.345   -7.089  13.951  1.000 12.673 ? 1252 PHE A CD2 1 
ATOM   334  C  CE1 . PHE A 1 62  ? 3.130   -6.598  11.249  1.000 12.053 ? 1252 PHE A CE1 1 
ATOM   335  C  CE2 . PHE A 1 62  ? 4.401   -7.382  13.102  1.000 12.886 ? 1252 PHE A CE2 1 
ATOM   336  C  CZ  . PHE A 1 62  ? 4.295   -7.130  11.752  1.000 12.370 ? 1252 PHE A CZ  1 
ATOM   337  N  N   . ASN A 1 63  ? 0.001   -3.425  16.609  1.000 12.023 ? 1253 ASN A N   1 
ATOM   338  C  CA  . ASN A 1 63  ? -1.054  -2.966  17.554  1.000 12.067 ? 1253 ASN A CA  1 
ATOM   339  C  C   . ASN A 1 63  ? -1.305  -1.465  17.402  1.000 11.514 ? 1253 ASN A C   1 
ATOM   340  O  O   . ASN A 1 63  ? -2.037  -0.910  18.247  1.000 10.693 ? 1253 ASN A O   1 
ATOM   341  C  CB  . ASN A 1 63  ? -0.655  -3.189  19.012  1.000 13.132 ? 1253 ASN A CB  1 
ATOM   342  C  CG  . ASN A 1 63  ? -0.758  -4.622  19.474  1.000 13.868 ? 1253 ASN A CG  1 
ATOM   343  O  OD1 . ASN A 1 63  ? -0.087  -4.994  20.430  1.000 14.877 ? 1253 ASN A OD1 1 
ATOM   344  N  ND2 . ASN A 1 63  ? -1.628  -5.397  18.851  1.000 13.902 ? 1253 ASN A ND2 1 
ATOM   345  N  N   . LEU A 1 64  ? -0.731  -0.814  16.391  1.000 10.593 ? 1254 LEU A N   1 
ATOM   346  C  CA  . LEU A 1 64  ? -0.963  0.633   16.162  1.000 11.042 ? 1254 LEU A CA  1 
ATOM   347  C  C   . LEU A 1 64  ? -2.443  0.854   15.842  1.000 11.245 ? 1254 LEU A C   1 
ATOM   348  O  O   . LEU A 1 64  ? -2.996  0.101   15.027  1.000 11.048 ? 1254 LEU A O   1 
ATOM   349  C  CB  . LEU A 1 64  ? -0.073  1.133   15.023  1.000 11.054 ? 1254 LEU A CB  1 
ATOM   350  C  CG  . LEU A 1 64  ? -0.112  2.644   14.795  1.000 11.157 ? 1254 LEU A CG  1 
ATOM   351  C  CD1 . LEU A 1 64  ? 0.505   3.391   15.966  1.000 11.357 ? 1254 LEU A CD1 1 
ATOM   352  C  CD2 . LEU A 1 64  ? 0.586   3.012   13.494  1.000 11.334 ? 1254 LEU A CD2 1 
ATOM   353  N  N   . LYS A 1 65  ? -3.071  1.839   16.482  1.000 11.422 ? 1255 LYS A N   1 
ATOM   354  C  CA  . LYS A 1 65  ? -4.485  2.180   16.190  1.000 12.064 ? 1255 LYS A CA  1 
ATOM   355  C  C   . LYS A 1 65  ? -4.624  3.699   16.256  1.000 12.264 ? 1255 LYS A C   1 
ATOM   356  O  O   . LYS A 1 65  ? -5.374  4.205   17.107  1.000 12.717 ? 1255 LYS A O   1 
ATOM   357  C  CB  . LYS A 1 65  ? -5.429  1.432   17.132  1.000 12.925 ? 1255 LYS A CB  1 
ATOM   358  C  CG  . LYS A 1 65  ? -6.858  1.356   16.621  1.000 13.791 ? 1255 LYS A CG  1 
ATOM   359  C  CD  . LYS A 1 65  ? -7.759  0.473   17.438  1.000 14.602 ? 1255 LYS A CD  1 
ATOM   360  C  CE  . LYS A 1 65  ? -9.178  0.493   16.916  1.000 15.493 ? 1255 LYS A CE  1 
ATOM   361  N  NZ  . LYS A 1 65  ? -10.073 -0.359  17.730  1.000 16.513 ? 1255 LYS A NZ  1 
ATOM   362  N  N   . ALA A 1 66  ? -3.913  4.371   15.359  1.000 12.368 ? 1256 ALA A N   1 
ATOM   363  C  CA  . ALA A 1 66  ? -3.830  5.844   15.248  1.000 12.804 ? 1256 ALA A CA  1 
ATOM   364  C  C   . ALA A 1 66  ? -3.754  6.209   13.767  1.000 12.883 ? 1256 ALA A C   1 
ATOM   365  O  O   . ALA A 1 66  ? -3.176  5.427   13.006  1.000 13.585 ? 1256 ALA A O   1 
ATOM   366  C  CB  . ALA A 1 66  ? -2.630  6.347   16.004  1.000 13.075 ? 1256 ALA A CB  1 
ATOM   367  N  N   . GLY A 1 67  ? -4.327  7.346   13.380  1.000 13.083 ? 1257 GLY A N   1 
ATOM   368  C  CA  . GLY A 1 67  ? -4.344  7.786   11.976  1.000 12.834 ? 1257 GLY A CA  1 
ATOM   369  C  C   . GLY A 1 67  ? -4.973  6.728   11.084  1.000 12.475 ? 1257 GLY A C   1 
ATOM   370  O  O   . GLY A 1 67  ? -6.068  6.235   11.414  1.000 12.015 ? 1257 GLY A O   1 
ATOM   371  N  N   . VAL A 1 68  ? -4.299  6.369   9.995   1.000 12.403 ? 1258 VAL A N   1 
ATOM   372  C  CA  . VAL A 1 68  ? -4.885  5.468   8.963   1.000 11.877 ? 1258 VAL A CA  1 
ATOM   373  C  C   . VAL A 1 68  ? -5.072  4.068   9.565   1.000 11.188 ? 1258 VAL A C   1 
ATOM   374  O  O   . VAL A 1 68  ? -6.094  3.440   9.250   1.000 10.873 ? 1258 VAL A O   1 
ATOM   375  C  CB  . VAL A 1 68  ? -4.064  5.449   7.663   1.000 12.395 ? 1258 VAL A CB  1 
ATOM   376  C  CG1 . VAL A 1 68  ? -4.677  4.483   6.661   1.000 12.682 ? 1258 VAL A CG1 1 
ATOM   377  C  CG2 . VAL A 1 68  ? -3.947  6.840   7.055   1.000 12.916 ? 1258 VAL A CG2 1 
ATOM   378  N  N   . SER A 1 69  ? -4.169  3.606   10.436  1.000 10.996 ? 1259 SER A N   1 
ATOM   379  C  CA  . SER A 1 69  ? -4.286  2.270   11.079  1.000 10.956 ? 1259 SER A CA  1 
ATOM   380  C  C   . SER A 1 69  ? -5.550  2.231   11.946  1.000 10.696 ? 1259 SER A C   1 
ATOM   381  O  O   . SER A 1 69  ? -6.186  1.177   12.016  1.000 10.382 ? 1259 SER A O   1 
ATOM   382  C  CB  . SER A 1 69  ? -3.054  1.892   11.870  1.000 11.611 ? 1259 SER A CB  1 
ATOM   383  O  OG  . SER A 1 69  ? -2.809  2.820   12.914  1.000 12.801 ? 1259 SER A OG  1 
ATOM   384  N  N   . LYS A 1 70  ? -5.908  3.345   12.587  1.000 10.815 ? 1260 LYS A N   1 
ATOM   385  C  CA  . LYS A 1 70  ? -7.154  3.435   13.388  1.000 11.442 ? 1260 LYS A CA  1 
ATOM   386  C  C   . LYS A 1 70  ? -8.356  3.232   12.467  1.000 11.256 ? 1260 LYS A C   1 
ATOM   387  O  O   . LYS A 1 70  ? -9.205  2.413   12.808  1.000 11.988 ? 1260 LYS A O   1 
ATOM   388  C  CB  . LYS A 1 70  ? -7.249  4.779   14.111  1.000 12.353 ? 1260 LYS A CB  1 
ATOM   389  C  CG  . LYS A 1 70  ? -8.517  4.995   14.923  1.000 13.673 ? 1260 LYS A CG  1 
ATOM   390  C  CD  . LYS A 1 70  ? -8.348  6.110   15.932  1.000 15.177 ? 1260 LYS A CD  1 
ATOM   391  C  CE  . LYS A 1 70  ? -9.635  6.545   16.599  1.000 16.617 ? 1260 LYS A CE  1 
ATOM   392  N  NZ  . LYS A 1 70  ? -10.431 7.436   15.727  1.000 18.035 ? 1260 LYS A NZ  1 
ATOM   393  N  N   . ALA A 1 71  ? -8.417  3.939   11.339  1.000 10.779 ? 1261 ALA A N   1 
ATOM   394  C  CA  . ALA A 1 71  ? -9.524  3.803   10.364  1.000 10.679 ? 1261 ALA A CA  1 
ATOM   395  C  C   . ALA A 1 71  ? -9.581  2.346   9.889   1.000 10.789 ? 1261 ALA A C   1 
ATOM   396  O  O   . ALA A 1 71  ? -10.669 1.736   9.904   1.000 10.888 ? 1261 ALA A O   1 
ATOM   397  C  CB  . ALA A 1 71  ? -9.342  4.756   9.213   1.000 10.932 ? 1261 ALA A CB  1 
ATOM   398  N  N   . ILE A 1 72  ? -8.438  1.777   9.511   1.000 10.613 ? 1262 ILE A N   1 
ATOM   399  C  CA  . ILE A 1 72  ? -8.404  0.400   8.948   1.000 10.889 ? 1262 ILE A CA  1 
ATOM   400  C  C   . ILE A 1 72  ? -8.900  -0.584  10.013  1.000 11.309 ? 1262 ILE A C   1 
ATOM   401  O  O   . ILE A 1 72  ? -9.790  -1.388  9.683   1.000 11.960 ? 1262 ILE A O   1 
ATOM   402  C  CB  . ILE A 1 72  ? -7.009  0.051   8.399   1.000 10.715 ? 1262 ILE A CB  1 
ATOM   403  C  CG1 . ILE A 1 72  ? -6.764  0.801   7.086   1.000 10.896 ? 1262 ILE A CG1 1 
ATOM   404  C  CG2 . ILE A 1 72  ? -6.853  -1.456  8.250   1.000 10.790 ? 1262 ILE A CG2 1 
ATOM   405  C  CD1 . ILE A 1 72  ? -5.375  0.674   6.534   1.000 11.110 ? 1262 ILE A CD1 1 
ATOM   406  N  N   . LEU A 1 73  ? -8.358  -0.543  11.233  1.000 11.606 ? 1263 LEU A N   1 
ATOM   407  C  CA  . LEU A 1 73  ? -8.731  -1.549  12.269  1.000 12.312 ? 1263 LEU A CA  1 
ATOM   408  C  C   . LEU A 1 73  ? -10.195 -1.354  12.687  1.000 13.015 ? 1263 LEU A C   1 
ATOM   409  O  O   . LEU A 1 73  ? -10.880 -2.373  12.886  1.000 13.117 ? 1263 LEU A O   1 
ATOM   410  C  CB  . LEU A 1 73  ? -7.783  -1.470  13.470  1.000 12.385 ? 1263 LEU A CB  1 
ATOM   411  C  CG  . LEU A 1 73  ? -6.380  -2.029  13.234  1.000 12.693 ? 1263 LEU A CG  1 
ATOM   412  C  CD1 . LEU A 1 73  ? -5.587  -2.043  14.531  1.000 12.935 ? 1263 LEU A CD1 1 
ATOM   413  C  CD2 . LEU A 1 73  ? -6.432  -3.428  12.623  1.000 12.619 ? 1263 LEU A CD2 1 
ATOM   414  N  N   . GLU A 1 74  ? -10.676 -0.114  12.814  1.000 14.181 ? 1264 GLU A N   1 
ATOM   415  C  CA  . GLU A 1 74  ? -12.083 0.165   13.218  1.000 15.568 ? 1264 GLU A CA  1 
ATOM   416  C  C   . GLU A 1 74  ? -13.038 -0.404  12.165  1.000 15.140 ? 1264 GLU A C   1 
ATOM   417  O  O   . GLU A 1 74  ? -14.038 -1.041  12.552  1.000 15.584 ? 1264 GLU A O   1 
ATOM   418  C  CB  . GLU A 1 74  ? -12.320 1.664   13.396  1.000 17.451 ? 1264 GLU A CB  1 
ATOM   419  C  CG  . GLU A 1 74  ? -11.768 2.210   14.697  1.000 20.030 ? 1264 GLU A CG  1 
ATOM   420  C  CD  . GLU A 1 74  ? -12.130 3.662   14.964  1.000 22.622 ? 1264 GLU A CD  1 
ATOM   421  O  OE1 . GLU A 1 74  ? -12.523 4.357   14.012  1.000 25.243 ? 1264 GLU A OE1 1 
ATOM   422  O  OE2 . GLU A 1 74  ? -12.022 4.089   16.129  1.000 26.504 ? 1264 GLU A OE2 1 
ATOM   423  N  N   . CYS A 1 75  ? -12.734 -0.214  10.883  1.000 14.530 ? 1265 CYS A N   1 
ATOM   424  C  CA  . CYS A 1 75  ? -13.590 -0.679  9.760   1.000 14.466 ? 1265 CYS A CA  1 
ATOM   425  C  C   . CYS A 1 75  ? -13.411 -2.185  9.547   1.000 13.599 ? 1265 CYS A C   1 
ATOM   426  O  O   . CYS A 1 75  ? -14.415 -2.850  9.272   1.000 13.184 ? 1265 CYS A O   1 
ATOM   427  C  CB  . CYS A 1 75  ? -13.306 0.113   8.493   1.000 15.034 ? 1265 CYS A CB  1 
ATOM   428  S  SG  . CYS A 1 75  ? -13.831 1.837   8.640   1.000 18.501 ? 1265 CYS A SG  1 
ATOM   429  N  N   . ALA A 1 76  ? -12.193 -2.718  9.677   1.000 12.488 ? 1266 ALA A N   1 
ATOM   430  C  CA  . ALA A 1 76  ? -11.911 -4.159  9.475   1.000 12.417 ? 1266 ALA A CA  1 
ATOM   431  C  C   . ALA A 1 76  ? -12.627 -4.967  10.562  1.000 12.595 ? 1266 ALA A C   1 
ATOM   432  O  O   . ALA A 1 76  ? -13.152 -6.043  10.241  1.000 12.711 ? 1266 ALA A O   1 
ATOM   433  C  CB  . ALA A 1 76  ? -10.422 -4.422  9.476   1.000 12.460 ? 1266 ALA A CB  1 
ATOM   434  N  N   . GLY A 1 77  ? -12.634 -4.471  11.802  1.000 12.984 ? 1267 GLY A N   1 
ATOM   435  C  CA  . GLY A 1 77  ? -13.340 -5.113  12.927  1.000 13.374 ? 1267 GLY A CA  1 
ATOM   436  C  C   . GLY A 1 77  ? -12.438 -5.953  13.814  1.000 14.461 ? 1267 GLY A C   1 
ATOM   437  O  O   . GLY A 1 77  ? -11.252 -6.154  13.500  1.000 13.677 ? 1267 GLY A O   1 
ATOM   438  N  N   . GLN A 1 78  ? -13.003 -6.465  14.906  1.000 16.222 ? 1268 GLN A N   1 
ATOM   439  C  CA  . GLN A 1 78  ? -12.230 -7.039  16.036  1.000 18.048 ? 1268 GLN A CA  1 
ATOM   440  C  C   . GLN A 1 78  ? -11.581 -8.373  15.639  1.000 17.671 ? 1268 GLN A C   1 
ATOM   441  O  O   . GLN A 1 78  ? -10.548 -8.701  16.232  1.000 18.450 ? 1268 GLN A O   1 
ATOM   442  C  CB  . GLN A 1 78  ? -13.146 -7.146  17.256  1.000 19.820 ? 1268 GLN A CB  1 
ATOM   443  C  CG  . GLN A 1 78  ? -13.646 -5.789  17.737  1.000 22.535 ? 1268 GLN A CG  1 
ATOM   444  C  CD  . GLN A 1 78  ? -14.529 -5.881  18.958  1.000 25.146 ? 1268 GLN A CD  1 
ATOM   445  O  OE1 . GLN A 1 78  ? -14.914 -6.966  19.392  1.000 29.684 ? 1268 GLN A OE1 1 
ATOM   446  N  NE2 . GLN A 1 78  ? -14.874 -4.730  19.514  1.000 27.015 ? 1268 GLN A NE2 1 
ATOM   447  N  N   . ASN A 1 79  ? -12.126 -9.109  14.662  1.000 17.744 ? 1269 ASN A N   1 
ATOM   448  C  CA  . ASN A 1 79  ? -11.545 -10.412 14.229  1.000 18.436 ? 1269 ASN A CA  1 
ATOM   449  C  C   . ASN A 1 79  ? -10.166 -10.160 13.597  1.000 17.310 ? 1269 ASN A C   1 
ATOM   450  O  O   . ASN A 1 79  ? -9.219  -10.907 13.914  1.000 17.359 ? 1269 ASN A O   1 
ATOM   451  C  CB  . ASN A 1 79  ? -12.509 -11.190 13.329  1.000 19.832 ? 1269 ASN A CB  1 
ATOM   452  C  CG  . ASN A 1 79  ? -13.848 -11.421 13.999  1.000 21.745 ? 1269 ASN A CG  1 
ATOM   453  O  OD1 . ASN A 1 79  ? -13.900 -11.749 15.184  1.000 24.309 ? 1269 ASN A OD1 1 
ATOM   454  N  ND2 . ASN A 1 79  ? -14.933 -11.207 13.274  1.000 22.807 ? 1269 ASN A ND2 1 
ATOM   455  N  N   . VAL A 1 80  ? -10.038 -9.107  12.783  1.000 16.188 ? 1270 VAL A N   1 
ATOM   456  C  CA  . VAL A 1 80  ? -8.737  -8.687  12.181  1.000 15.698 ? 1270 VAL A CA  1 
ATOM   457  C  C   . VAL A 1 80  ? -7.789  -8.221  13.298  1.000 15.854 ? 1270 VAL A C   1 
ATOM   458  O  O   . VAL A 1 80  ? -6.611  -8.616  13.270  1.000 15.073 ? 1270 VAL A O   1 
ATOM   459  C  CB  . VAL A 1 80  ? -8.950  -7.615  11.095  1.000 15.148 ? 1270 VAL A CB  1 
ATOM   460  C  CG1 . VAL A 1 80  ? -7.638  -6.989  10.655  1.000 14.982 ? 1270 VAL A CG1 1 
ATOM   461  C  CG2 . VAL A 1 80  ? -9.698  -8.186  9.899   1.000 15.254 ? 1270 VAL A CG2 1 
ATOM   462  N  N   . GLU A 1 81  ? -8.272  -7.429  14.263  1.000 16.941 ? 1271 GLU A N   1 
ATOM   463  C  CA  . GLU A 1 81  ? -7.439  -6.960  15.407  1.000 18.736 ? 1271 GLU A CA  1 
ATOM   464  C  C   . GLU A 1 81  ? -6.889  -8.168  16.175  1.000 19.158 ? 1271 GLU A C   1 
ATOM   465  O  O   . GLU A 1 81  ? -5.673  -8.184  16.454  1.000 18.000 ? 1271 GLU A O   1 
ATOM   466  C  CB  . GLU A 1 81  ? -8.232  -6.064  16.358  1.000 20.000 ? 1271 GLU A CB  1 
ATOM   467  C  CG  . GLU A 1 81  ? -8.412  -4.647  15.852  1.000 21.517 ? 1271 GLU A CG  1 
ATOM   468  C  CD  . GLU A 1 81  ? -8.690  -3.619  16.937  1.000 22.075 ? 1271 GLU A CD  1 
ATOM   469  O  OE1 . GLU A 1 81  ? -7.894  -3.531  17.896  1.000 24.059 ? 1271 GLU A OE1 1 
ATOM   470  O  OE2 . GLU A 1 81  ? -9.685  -2.894  16.813  1.000 24.557 ? 1271 GLU A OE2 1 
ATOM   471  N  N   . ARG A 1 82  ? -7.755  -9.126  16.516  1.000 20.790 ? 1272 ARG A N   1 
ATOM   472  C  CA  . ARG A 1 82  ? -7.386  -10.342 17.294  1.000 23.151 ? 1272 ARG A CA  1 
ATOM   473  C  C   . ARG A 1 82  ? -6.308  -11.122 16.534  1.000 22.906 ? 1272 ARG A C   1 
ATOM   474  O  O   . ARG A 1 82  ? -5.286  -11.475 17.158  1.000 23.778 ? 1272 ARG A O   1 
ATOM   475  C  CB  . ARG A 1 82  ? -8.609  -11.225 17.562  1.000 25.169 ? 1272 ARG A CB  1 
ATOM   476  C  CG  . ARG A 1 82  ? -9.233  -11.031 18.937  1.000 28.221 ? 1272 ARG A CG  1 
ATOM   477  C  CD  . ARG A 1 82  ? -10.308 -12.064 19.223  1.000 29.235 ? 1272 ARG A CD  1 
ATOM   478  N  NE  . ARG A 1 82  ? -11.491 -11.851 18.395  1.000 30.719 ? 1272 ARG A NE  1 
ATOM   479  C  CZ  . ARG A 1 82  ? -12.463 -10.980 18.655  1.000 31.733 ? 1272 ARG A CZ  1 
ATOM   480  N  NH1 . ARG A 1 82  ? -12.421 -10.222 19.739  1.000 33.091 ? 1272 ARG A NH1 1 
ATOM   481  N  NH2 . ARG A 1 82  ? -13.482 -10.864 17.819  1.000 33.066 ? 1272 ARG A NH2 1 
ATOM   482  N  N   . GLU A 1 83  ? -6.517  -11.341 15.233  1.000 22.650 ? 1273 GLU A N   1 
ATOM   483  C  CA  . GLU A 1 83  ? -5.626  -12.160 14.368  1.000 22.931 ? 1273 GLU A CA  1 
ATOM   484  C  C   . GLU A 1 83  ? -4.236  -11.514 14.305  1.000 21.696 ? 1273 GLU A C   1 
ATOM   485  O  O   . GLU A 1 83  ? -3.249  -12.253 14.395  1.000 21.422 ? 1273 GLU A O   1 
ATOM   486  C  CB  . GLU A 1 83  ? -6.244  -12.339 12.980  1.000 24.324 ? 1273 GLU A CB  1 
ATOM   487  C  CG  . GLU A 1 83  ? -5.409  -13.192 12.037  1.000 26.052 ? 1273 GLU A CG  1 
ATOM   488  C  CD  . GLU A 1 83  ? -5.236  -14.648 12.440  1.000 27.668 ? 1273 GLU A CD  1 
ATOM   489  O  OE1 . GLU A 1 83  ? -4.221  -15.251 12.033  1.000 28.702 ? 1273 GLU A OE1 1 
ATOM   490  O  OE2 . GLU A 1 83  ? -6.113  -15.179 13.153  1.000 28.672 ? 1273 GLU A OE2 1 
ATOM   491  N  N   . CYS A 1 84  ? -4.153  -10.186 14.164  1.000 20.496 ? 1274 CYS A N   1 
ATOM   492  C  CA  . CYS A 1 84  ? -2.867  -9.440  14.181  1.000 20.901 ? 1274 CYS A CA  1 
ATOM   493  C  C   . CYS A 1 84  ? -2.116  -9.724  15.485  1.000 22.077 ? 1274 CYS A C   1 
ATOM   494  O  O   . CYS A 1 84  ? -0.971  -10.206 15.414  1.000 22.635 ? 1274 CYS A O   1 
ATOM   495  C  CB  . CYS A 1 84  ? -3.076  -7.940  14.045  1.000 20.696 ? 1274 CYS A CB  1 
ATOM   496  S  SG  . CYS A 1 84  ? -3.502  -7.447  12.356  1.000 20.377 ? 1274 CYS A SG  1 
ATOM   497  N  N   . SER A 1 85  ? -2.742  -9.429  16.626  1.000 23.547 ? 1275 SER A N   1 
ATOM   498  C  CA  . SER A 1 85  ? -2.126  -9.543  17.975  1.000 24.692 ? 1275 SER A CA  1 
ATOM   499  C  C   . SER A 1 85  ? -1.625  -10.974 18.217  1.000 26.051 ? 1275 SER A C   1 
ATOM   500  O  O   . SER A 1 85  ? -0.519  -11.125 18.784  1.000 28.640 ? 1275 SER A O   1 
ATOM   501  C  CB  . SER A 1 85  ? -3.098  -9.105  19.040  1.000 25.141 ? 1275 SER A CB  1 
ATOM   502  O  OG  . SER A 1 85  ? -3.391  -7.719  18.911  1.000 24.595 ? 1275 SER A OG  1 
ATOM   503  N  N   . GLN A 1 86  ? -2.397  -11.979 17.798  1.000 26.389 ? 1276 GLN A N   1 
ATOM   504  C  CA  . GLN A 1 86  ? -2.098  -13.420 18.025  1.000 28.333 ? 1276 GLN A CA  1 
ATOM   505  C  C   . GLN A 1 86  ? -0.944  -13.865 17.119  1.000 27.943 ? 1276 GLN A C   1 
ATOM   506  O  O   . GLN A 1 86  ? -0.024  -14.530 17.633  1.000 28.187 ? 1276 GLN A O   1 
ATOM   507  C  CB  . GLN A 1 86  ? -3.357  -14.263 17.820  1.000 29.915 ? 1276 GLN A CB  1 
ATOM   508  C  CG  . GLN A 1 86  ? -4.329  -14.153 18.986  1.000 32.096 ? 1276 GLN A CG  1 
ATOM   509  C  CD  . GLN A 1 86  ? -5.647  -14.842 18.739  1.000 33.768 ? 1276 GLN A CD  1 
ATOM   510  O  OE1 . GLN A 1 86  ? -5.853  -15.498 17.721  1.000 36.797 ? 1276 GLN A OE1 1 
ATOM   511  N  NE2 . GLN A 1 86  ? -6.560  -14.695 19.686  1.000 35.872 ? 1276 GLN A NE2 1 
ATOM   512  N  N   . GLN A 1 87  ? -0.974  -13.500 15.833  1.000 26.870 ? 1277 GLN A N   1 
ATOM   513  C  CA  . GLN A 1 87  ? 0.129   -13.802 14.879  1.000 26.170 ? 1277 GLN A CA  1 
ATOM   514  C  C   . GLN A 1 87  ? 1.428   -13.154 15.372  1.000 26.339 ? 1277 GLN A C   1 
ATOM   515  O  O   . GLN A 1 87  ? 2.487   -13.795 15.240  1.000 26.679 ? 1277 GLN A O   1 
ATOM   516  C  CB  . GLN A 1 87  ? -0.210  -13.329 13.463  1.000 25.498 ? 1277 GLN A CB  1 
ATOM   517  C  CG  . GLN A 1 87  ? -1.143  -14.270 12.713  1.000 25.599 ? 1277 GLN A CG  1 
ATOM   518  C  CD  . GLN A 1 87  ? -1.052  -14.105 11.216  1.000 25.636 ? 1277 GLN A CD  1 
ATOM   519  O  OE1 . GLN A 1 87  ? 0.032   -14.094 10.639  1.000 26.454 ? 1277 GLN A OE1 1 
ATOM   520  N  NE2 . GLN A 1 87  ? -2.200  -13.985 10.567  1.000 26.286 ? 1277 GLN A NE2 1 
ATOM   521  N  N   . ALA A 1 88  ? 1.360   -11.933 15.919  1.000 26.018 ? 1278 ALA A N   1 
ATOM   522  C  CA  . ALA A 1 88  ? 2.537   -11.162 16.393  1.000 27.369 ? 1278 ALA A CA  1 
ATOM   523  C  C   . ALA A 1 88  ? 3.172   -11.851 17.611  1.000 29.571 ? 1278 ALA A C   1 
ATOM   524  O  O   . ALA A 1 88  ? 4.393   -11.702 17.795  1.000 30.862 ? 1278 ALA A O   1 
ATOM   525  C  CB  . ALA A 1 88  ? 2.141   -9.741  16.712  1.000 27.039 ? 1278 ALA A CB  1 
ATOM   526  N  N   . GLN A 1 89  ? 2.371   -12.566 18.408  1.000 32.437 ? 1279 GLN A N   1 
ATOM   527  C  CA  . GLN A 1 89  ? 2.826   -13.301 19.621  1.000 35.388 ? 1279 GLN A CA  1 
ATOM   528  C  C   . GLN A 1 89  ? 3.568   -14.578 19.204  1.000 36.442 ? 1279 GLN A C   1 
ATOM   529  O  O   . GLN A 1 89  ? 4.559   -14.929 19.879  1.000 36.587 ? 1279 GLN A O   1 
ATOM   530  C  CB  . GLN A 1 89  ? 1.633   -13.638 20.521  1.000 36.423 ? 1279 GLN A CB  1 
ATOM   531  C  CG  . GLN A 1 89  ? 1.971   -14.588 21.663  1.000 37.899 ? 1279 GLN A CG  1 
ATOM   532  C  CD  . GLN A 1 89  ? 0.767   -14.947 22.502  1.000 38.887 ? 1279 GLN A CD  1 
ATOM   533  O  OE1 . GLN A 1 89  ? -0.363  -14.562 22.203  1.000 39.351 ? 1279 GLN A OE1 1 
ATOM   534  N  NE2 . GLN A 1 89  ? 1.007   -15.702 23.561  1.000 37.437 ? 1279 GLN A NE2 1 
ATOM   535  N  N   . GLN A 1 90  ? 3.098   -15.239 18.142  1.000 37.600 ? 1280 GLN A N   1 
ATOM   536  C  CA  . GLN A 1 90  ? 3.510   -16.614 17.744  1.000 37.937 ? 1280 GLN A CA  1 
ATOM   537  C  C   . GLN A 1 90  ? 4.947   -16.615 17.203  1.000 37.628 ? 1280 GLN A C   1 
ATOM   538  O  O   . GLN A 1 90  ? 5.628   -17.644 17.365  1.000 37.579 ? 1280 GLN A O   1 
ATOM   539  C  CB  . GLN A 1 90  ? 2.509   -17.185 16.737  1.000 39.699 ? 1280 GLN A CB  1 
ATOM   540  C  CG  . GLN A 1 90  ? 1.234   -17.695 17.394  1.000 41.247 ? 1280 GLN A CG  1 
ATOM   541  C  CD  . GLN A 1 90  ? 0.058   -17.785 16.453  1.000 42.951 ? 1280 GLN A CD  1 
ATOM   542  O  OE1 . GLN A 1 90  ? 0.173   -17.548 15.251  1.000 43.922 ? 1280 GLN A OE1 1 
ATOM   543  N  NE2 . GLN A 1 90  ? -1.098  -18.126 17.001  1.000 43.523 ? 1280 GLN A NE2 1 
ATOM   544  N  N   . ARG A 1 91  ? 5.392   -15.516 16.590  1.000 35.871 ? 1281 ARG A N   1 
ATOM   545  C  CA  . ARG A 1 91  ? 6.764   -15.374 16.031  1.000 35.113 ? 1281 ARG A CA  1 
ATOM   546  C  C   . ARG A 1 91  ? 7.044   -13.896 15.749  1.000 32.746 ? 1281 ARG A C   1 
ATOM   547  O  O   . ARG A 1 91  ? 6.102   -13.086 15.868  1.000 31.630 ? 1281 ARG A O   1 
ATOM   548  C  CB  . ARG A 1 91  ? 6.908   -16.208 14.753  1.000 36.772 ? 1281 ARG A CB  1 
ATOM   549  C  CG  . ARG A 1 91  ? 6.120   -15.665 13.570  1.000 38.263 ? 1281 ARG A CG  1 
ATOM   550  C  CD  . ARG A 1 91  ? 5.541   -16.744 12.671  1.000 39.728 ? 1281 ARG A CD  1 
ATOM   551  N  NE  . ARG A 1 91  ? 4.462   -16.203 11.851  1.000 41.802 ? 1281 ARG A NE  1 
ATOM   552  C  CZ  . ARG A 1 91  ? 3.240   -15.907 12.296  1.000 43.260 ? 1281 ARG A CZ  1 
ATOM   553  N  NH1 . ARG A 1 91  ? 2.915   -16.105 13.563  1.000 43.497 ? 1281 ARG A NH1 1 
ATOM   554  N  NH2 . ARG A 1 91  ? 2.341   -15.408 11.464  1.000 42.277 ? 1281 ARG A NH2 1 
ATOM   555  N  N   . LYS A 1 92  ? 8.294   -13.569 15.401  1.000 31.163 ? 1282 LYS A N   1 
ATOM   556  C  CA  . LYS A 1 92  ? 8.715   -12.224 14.931  1.000 29.946 ? 1282 LYS A CA  1 
ATOM   557  C  C   . LYS A 1 92  ? 8.406   -12.127 13.431  1.000 27.321 ? 1282 LYS A C   1 
ATOM   558  O  O   . LYS A 1 92  ? 9.015   -12.876 12.649  1.000 27.029 ? 1282 LYS A O   1 
ATOM   559  C  CB  . LYS A 1 92  ? 10.202  -11.988 15.212  1.000 31.166 ? 1282 LYS A CB  1 
ATOM   560  C  CG  . LYS A 1 92  ? 10.711  -10.594 14.867  1.000 33.094 ? 1282 LYS A CG  1 
ATOM   561  C  CD  . LYS A 1 92  ? 12.219  -10.464 14.945  1.000 34.641 ? 1282 LYS A CD  1 
ATOM   562  C  CE  . LYS A 1 92  ? 12.732  -9.185  14.317  1.000 35.617 ? 1282 LYS A CE  1 
ATOM   563  N  NZ  . LYS A 1 92  ? 14.202  -9.062  14.450  1.000 36.753 ? 1282 LYS A NZ  1 
ATOM   564  N  N   . ASN A 1 93  ? 7.477   -11.242 13.061  1.000 23.614 ? 1283 ASN A N   1 
ATOM   565  C  CA  . ASN A 1 93  ? 6.987   -11.054 11.671  1.000 21.230 ? 1283 ASN A CA  1 
ATOM   566  C  C   . ASN A 1 93  ? 7.536   -9.742  11.108  1.000 19.724 ? 1283 ASN A C   1 
ATOM   567  O  O   . ASN A 1 93  ? 7.533   -8.743  11.850  1.000 19.386 ? 1283 ASN A O   1 
ATOM   568  C  CB  . ASN A 1 93  ? 5.459   -11.005 11.625  1.000 21.294 ? 1283 ASN A CB  1 
ATOM   569  C  CG  . ASN A 1 93  ? 4.810   -12.266 12.143  1.000 21.235 ? 1283 ASN A CG  1 
ATOM   570  O  OD1 . ASN A 1 93  ? 4.733   -13.260 11.427  1.000 22.642 ? 1283 ASN A OD1 1 
ATOM   571  N  ND2 . ASN A 1 93  ? 4.308   -12.220 13.368  1.000 21.048 ? 1283 ASN A ND2 1 
ATOM   572  N  N   . ASP A 1 94  ? 7.968   -9.742  9.843   1.000 17.933 ? 1284 ASP A N   1 
ATOM   573  C  CA  . ASP A 1 94  ? 8.256   -8.503  9.077   1.000 17.823 ? 1284 ASP A CA  1 
ATOM   574  C  C   . ASP A 1 94  ? 6.919   -7.877  8.666   1.000 15.389 ? 1284 ASP A C   1 
ATOM   575  O  O   . ASP A 1 94  ? 6.825   -6.637  8.625   1.000 16.390 ? 1284 ASP A O   1 
ATOM   576  C  CB  . ASP A 1 94  ? 9.153   -8.776  7.865   1.000 19.619 ? 1284 ASP A CB  1 
ATOM   577  C  CG  . ASP A 1 94  ? 10.608  -9.035  8.219   1.000 21.405 ? 1284 ASP A CG  1 
ATOM   578  O  OD1 . ASP A 1 94  ? 11.038  -8.625  9.320   1.000 23.693 ? 1284 ASP A OD1 1 
ATOM   579  O  OD2 . ASP A 1 94  ? 11.299  -9.648  7.392   1.000 24.163 ? 1284 ASP A OD2 1 
ATOM   580  N  N   . TYR A 1 95  ? 5.924   -8.718  8.384   1.000 13.516 ? 1285 TYR A N   1 
ATOM   581  C  CA  . TYR A 1 95  ? 4.537   -8.307  8.053   1.000 12.159 ? 1285 TYR A CA  1 
ATOM   582  C  C   . TYR A 1 95  ? 3.575   -9.449  8.386   1.000 11.701 ? 1285 TYR A C   1 
ATOM   583  O  O   . TYR A 1 95  ? 4.008   -10.616 8.536   1.000 11.800 ? 1285 TYR A O   1 
ATOM   584  C  CB  . TYR A 1 95  ? 4.444   -7.893  6.582   1.000 11.450 ? 1285 TYR A CB  1 
ATOM   585  C  CG  . TYR A 1 95  ? 4.875   -8.943  5.592   1.000 11.224 ? 1285 TYR A CG  1 
ATOM   586  C  CD1 . TYR A 1 95  ? 3.973   -9.872  5.105   1.000 10.946 ? 1285 TYR A CD1 1 
ATOM   587  C  CD2 . TYR A 1 95  ? 6.181   -9.005  5.138   1.000 11.146 ? 1285 TYR A CD2 1 
ATOM   588  C  CE1 . TYR A 1 95  ? 4.355   -10.841 4.189   1.000 11.091 ? 1285 TYR A CE1 1 
ATOM   589  C  CE2 . TYR A 1 95  ? 6.578   -9.963  4.220   1.000 11.255 ? 1285 TYR A CE2 1 
ATOM   590  C  CZ  . TYR A 1 95  ? 5.666   -10.889 3.751   1.000 11.182 ? 1285 TYR A CZ  1 
ATOM   591  O  OH  . TYR A 1 95  ? 6.063   -11.833 2.842   1.000 12.000 ? 1285 TYR A OH  1 
ATOM   592  N  N   . ILE A 1 96  ? 2.293   -9.117  8.529   1.000 11.013 ? 1286 ILE A N   1 
ATOM   593  C  CA  . ILE A 1 96  ? 1.222   -10.105 8.840   1.000 11.142 ? 1286 ILE A CA  1 
ATOM   594  C  C   . ILE A 1 96  ? 0.149   -10.004 7.759   1.000 10.629 ? 1286 ILE A C   1 
ATOM   595  O  O   . ILE A 1 96  ? -0.252  -8.876  7.419   1.000 11.063 ? 1286 ILE A O   1 
ATOM   596  C  CB  . ILE A 1 96  ? 0.667   -9.900  10.266  1.000 11.540 ? 1286 ILE A CB  1 
ATOM   597  C  CG1 . ILE A 1 96  ? 1.746   -10.226 11.307  1.000 11.937 ? 1286 ILE A CG1 1 
ATOM   598  C  CG2 . ILE A 1 96  ? -0.600  -10.717 10.484  1.000 11.949 ? 1286 ILE A CG2 1 
ATOM   599  C  CD1 . ILE A 1 96  ? 1.369   -9.894  12.737  1.000 12.540 ? 1286 ILE A CD1 1 
ATOM   600  N  N   . ILE A 1 97  ? -0.291  -11.153 7.245   1.000 10.133 ? 1287 ILE A N   1 
ATOM   601  C  CA  . ILE A 1 97  ? -1.472  -11.252 6.343   1.000 9.989  ? 1287 ILE A CA  1 
ATOM   602  C  C   . ILE A 1 97  ? -2.666  -11.720 7.172   1.000 10.001 ? 1287 ILE A C   1 
ATOM   603  O  O   . ILE A 1 97  ? -2.558  -12.783 7.831   1.000 10.375 ? 1287 ILE A O   1 
ATOM   604  C  CB  . ILE A 1 97  ? -1.182  -12.180 5.151   1.000 10.395 ? 1287 ILE A CB  1 
ATOM   605  C  CG1 . ILE A 1 97  ? 0.121   -11.779 4.454   1.000 10.675 ? 1287 ILE A CG1 1 
ATOM   606  C  CG2 . ILE A 1 97  ? -2.362  -12.195 4.197   1.000 10.439 ? 1287 ILE A CG2 1 
ATOM   607  C  CD1 . ILE A 1 97  ? 0.569   -12.720 3.360   1.000 10.974 ? 1287 ILE A CD1 1 
ATOM   608  N  N   . THR A 1 98  ? -3.733  -10.929 7.184   1.000 9.291  ? 1288 THR A N   1 
ATOM   609  C  CA  . THR A 1 98  ? -5.029  -11.317 7.784   1.000 9.412  ? 1288 THR A CA  1 
ATOM   610  C  C   . THR A 1 98  ? -6.084  -11.359 6.679   1.000 9.278  ? 1288 THR A C   1 
ATOM   611  O  O   . THR A 1 98  ? -5.831  -10.880 5.557   1.000 8.928  ? 1288 THR A O   1 
ATOM   612  C  CB  . THR A 1 98  ? -5.464  -10.376 8.913   1.000 9.476  ? 1288 THR A CB  1 
ATOM   613  O  OG1 . THR A 1 98  ? -5.735  -9.101  8.333   1.000 9.272  ? 1288 THR A OG1 1 
ATOM   614  C  CG2 . THR A 1 98  ? -4.439  -10.228 10.015  1.000 9.645  ? 1288 THR A CG2 1 
ATOM   615  N  N   . GLY A 1 99  ? -7.263  -11.874 7.001   1.000 9.376  ? 1289 GLY A N   1 
ATOM   616  C  CA  . GLY A 1 99  ? -8.446  -11.659 6.163   1.000 9.452  ? 1289 GLY A CA  1 
ATOM   617  C  C   . GLY A 1 99  ? -8.775  -10.179 6.085   1.000 9.730  ? 1289 GLY A C   1 
ATOM   618  O  O   . GLY A 1 99  ? -8.156  -9.386  6.828   1.000 9.360  ? 1289 GLY A O   1 
ATOM   619  N  N   . GLY A 1 100 ? -9.745  -9.817  5.249   1.000 10.101 ? 1290 GLY A N   1 
ATOM   620  C  CA  . GLY A 1 100 ? -10.158 -8.418  5.051   1.000 10.368 ? 1290 GLY A CA  1 
ATOM   621  C  C   . GLY A 1 100 ? -11.116 -7.925  6.122   1.000 10.446 ? 1290 GLY A C   1 
ATOM   622  O  O   . GLY A 1 100 ? -11.380 -6.708  6.157   1.000 11.033 ? 1290 GLY A O   1 
ATOM   623  N  N   . GLY A 1 101 ? -11.642 -8.813  6.974   1.000 10.677 ? 1291 GLY A N   1 
ATOM   624  C  CA  . GLY A 1 101 ? -12.724 -8.439  7.904   1.000 10.902 ? 1291 GLY A CA  1 
ATOM   625  C  C   . GLY A 1 101 ? -13.852 -7.754  7.151   1.000 11.120 ? 1291 GLY A C   1 
ATOM   626  O  O   . GLY A 1 101 ? -14.262 -8.275  6.097   1.000 12.000 ? 1291 GLY A O   1 
ATOM   627  N  N   . PHE A 1 102 ? -14.304 -6.593  7.623   1.000 11.077 ? 1292 PHE A N   1 
ATOM   628  C  CA  . PHE A 1 102 ? -15.411 -5.826  6.999   1.000 11.093 ? 1292 PHE A CA  1 
ATOM   629  C  C   . PHE A 1 102 ? -14.871 -4.715  6.091   1.000 10.606 ? 1292 PHE A C   1 
ATOM   630  O  O   . PHE A 1 102 ? -15.660 -3.864  5.667   1.000 10.644 ? 1292 PHE A O   1 
ATOM   631  C  CB  . PHE A 1 102 ? -16.369 -5.345  8.092   1.000 12.190 ? 1292 PHE A CB  1 
ATOM   632  C  CG  . PHE A 1 102 ? -17.080 -6.495  8.755   1.000 13.380 ? 1292 PHE A CG  1 
ATOM   633  C  CD1 . PHE A 1 102 ? -18.202 -7.054  8.166   1.000 14.119 ? 1292 PHE A CD1 1 
ATOM   634  C  CD2 . PHE A 1 102 ? -16.593 -7.060  9.928   1.000 14.307 ? 1292 PHE A CD2 1 
ATOM   635  C  CE1 . PHE A 1 102 ? -18.851 -8.127  8.757   1.000 14.576 ? 1292 PHE A CE1 1 
ATOM   636  C  CE2 . PHE A 1 102 ? -17.239 -8.140  10.513  1.000 14.869 ? 1292 PHE A CE2 1 
ATOM   637  C  CZ  . PHE A 1 102 ? -18.367 -8.671  9.924   1.000 14.730 ? 1292 PHE A CZ  1 
ATOM   638  N  N   . LEU A 1 103 ? -13.591 -4.754  5.723   1.000 10.227 ? 1293 LEU A N   1 
ATOM   639  C  CA  . LEU A 1 103 ? -13.101 -3.935  4.589   1.000 10.277 ? 1293 LEU A CA  1 
ATOM   640  C  C   . LEU A 1 103 ? -13.459 -4.651  3.283   1.000 9.972  ? 1293 LEU A C   1 
ATOM   641  O  O   . LEU A 1 103 ? -13.720 -5.877  3.305   1.000 9.153  ? 1293 LEU A O   1 
ATOM   642  C  CB  . LEU A 1 103 ? -11.590 -3.705  4.691   1.000 10.484 ? 1293 LEU A CB  1 
ATOM   643  C  CG  . LEU A 1 103 ? -11.126 -2.765  5.803   1.000 11.371 ? 1293 LEU A CG  1 
ATOM   644  C  CD1 . LEU A 1 103 ? -9.615  -2.589  5.760   1.000 11.596 ? 1293 LEU A CD1 1 
ATOM   645  C  CD2 . LEU A 1 103 ? -11.819 -1.414  5.721   1.000 12.023 ? 1293 LEU A CD2 1 
ATOM   646  N  N   . ARG A 1 104 ? -13.503 -3.905  2.189   1.000 10.403 ? 1294 ARG A N   1 
ATOM   647  C  CA  . ARG A 1 104 ? -13.854 -4.427  0.847   1.000 11.014 ? 1294 ARG A CA  1 
ATOM   648  C  C   . ARG A 1 104 ? -12.584 -5.010  0.223   1.000 10.185 ? 1294 ARG A C   1 
ATOM   649  O  O   . ARG A 1 104 ? -12.133 -4.497  -0.799  1.000 9.488  ? 1294 ARG A O   1 
ATOM   650  C  CB  . ARG A 1 104 ? -14.474 -3.315  -0.002  1.000 12.664 ? 1294 ARG A CB  1 
ATOM   651  C  CG  . ARG A 1 104 ? -15.875 -2.928  0.444   1.000 15.210 ? 1294 ARG A CG  1 
ATOM   652  C  CD  . ARG A 1 104 ? -16.386 -1.670  -0.239  1.000 17.581 ? 1294 ARG A CD  1 
ATOM   653  N  NE  . ARG A 1 104 ? -17.259 -0.959  0.684   1.000 20.983 ? 1294 ARG A NE  1 
ATOM   654  C  CZ  . ARG A 1 104 ? -18.520 -1.287  0.947   1.000 23.836 ? 1294 ARG A CZ  1 
ATOM   655  N  NH1 . ARG A 1 104 ? -19.214 -0.576  1.820   1.000 26.068 ? 1294 ARG A NH1 1 
ATOM   656  N  NH2 . ARG A 1 104 ? -19.089 -2.312  0.336   1.000 25.690 ? 1294 ARG A NH2 1 
ATOM   657  N  N   . CYS A 1 105 ? -12.046 -6.076  0.807   1.000 9.524  ? 1295 CYS A N   1 
ATOM   658  C  CA  . CYS A 1 105 ? -10.834 -6.750  0.276   1.000 9.395  ? 1295 CYS A CA  1 
ATOM   659  C  C   . CYS A 1 105 ? -10.806 -8.213  0.722   1.000 9.273  ? 1295 CYS A C   1 
ATOM   660  O  O   . CYS A 1 105 ? -11.579 -8.581  1.625   1.000 9.695  ? 1295 CYS A O   1 
ATOM   661  C  CB  . CYS A 1 105 ? -9.560  -6.017  0.686   1.000 9.466  ? 1295 CYS A CB  1 
ATOM   662  S  SG  . CYS A 1 105 ? -9.229  -6.046  2.465   1.000 9.741  ? 1295 CYS A SG  1 
ATOM   663  N  N   . LYS A 1 106 ? -9.937  -9.008  0.102   1.000 9.074  ? 1296 LYS A N   1 
ATOM   664  C  CA  . LYS A 1 106 ? -9.768  -10.450 0.413   1.000 9.023  ? 1296 LYS A CA  1 
ATOM   665  C  C   . LYS A 1 106 ? -8.715  -10.616 1.506   1.000 8.846  ? 1296 LYS A C   1 
ATOM   666  O  O   . LYS A 1 106 ? -8.835  -11.554 2.308   1.000 9.364  ? 1296 LYS A O   1 
ATOM   667  C  CB  . LYS A 1 106 ? -9.368  -11.218 -0.846  1.000 9.112  ? 1296 LYS A CB  1 
ATOM   668  C  CG  . LYS A 1 106 ? -10.416 -11.210 -1.947  1.000 9.385  ? 1296 LYS A CG  1 
ATOM   669  C  CD  . LYS A 1 106 ? -9.956  -11.871 -3.216  1.000 9.598  ? 1296 LYS A CD  1 
ATOM   670  C  CE  . LYS A 1 106 ? -10.997 -11.801 -4.307  1.000 9.631  ? 1296 LYS A CE  1 
ATOM   671  N  NZ  . LYS A 1 106 ? -10.387 -12.019 -5.637  1.000 10.035 ? 1296 LYS A NZ  1 
ATOM   672  N  N   . ASN A 1 107 ? -7.693  -9.763  1.524   1.000 8.455  ? 1297 ASN A N   1 
ATOM   673  C  CA  . ASN A 1 107 ? -6.654  -9.812  2.575   1.000 8.294  ? 1297 ASN A CA  1 
ATOM   674  C  C   . ASN A 1 107 ? -6.206  -8.397  2.917   1.000 7.881  ? 1297 ASN A C   1 
ATOM   675  O  O   . ASN A 1 107 ? -6.192  -7.524  2.028   1.000 7.662  ? 1297 ASN A O   1 
ATOM   676  C  CB  . ASN A 1 107 ? -5.443  -10.647 2.148   1.000 8.576  ? 1297 ASN A CB  1 
ATOM   677  C  CG  . ASN A 1 107 ? -5.729  -12.131 2.123   1.000 9.097  ? 1297 ASN A CG  1 
ATOM   678  O  OD1 . ASN A 1 107 ? -5.856  -12.708 1.047   1.000 10.110 ? 1297 ASN A OD1 1 
ATOM   679  N  ND2 . ASN A 1 107 ? -5.830  -12.748 3.289   1.000 9.705  ? 1297 ASN A ND2 1 
ATOM   680  N  N   . ILE A 1 108 ? -5.839  -8.204  4.175   1.000 7.556  ? 1298 ILE A N   1 
ATOM   681  C  CA  . ILE A 1 108 ? -5.063  -7.020  4.620   1.000 7.530  ? 1298 ILE A CA  1 
ATOM   682  C  C   . ILE A 1 108 ? -3.634  -7.493  4.839   1.000 7.454  ? 1298 ILE A C   1 
ATOM   683  O  O   . ILE A 1 108 ? -3.444  -8.528  5.500   1.000 7.823  ? 1298 ILE A O   1 
ATOM   684  C  CB  . ILE A 1 108 ? -5.650  -6.373  5.884   1.000 7.564  ? 1298 ILE A CB  1 
ATOM   685  C  CG1 . ILE A 1 108 ? -7.105  -5.960  5.669   1.000 7.788  ? 1298 ILE A CG1 1 
ATOM   686  C  CG2 . ILE A 1 108 ? -4.781  -5.202  6.329   1.000 7.602  ? 1298 ILE A CG2 1 
ATOM   687  C  CD1 . ILE A 1 108 ? -7.872  -5.762  6.944   1.000 7.964  ? 1298 ILE A CD1 1 
ATOM   688  N  N   . ILE A 1 109 ? -2.668  -6.784  4.268   1.000 7.453  ? 1299 ILE A N   1 
ATOM   689  C  CA  . ILE A 1 109 ? -1.235  -7.028  4.591   1.000 7.559  ? 1299 ILE A CA  1 
ATOM   690  C  C   . ILE A 1 109 ? -0.794  -5.891  5.508   1.000 7.662  ? 1299 ILE A C   1 
ATOM   691  O  O   . ILE A 1 109 ? -0.844  -4.729  5.095   1.000 7.726  ? 1299 ILE A O   1 
ATOM   692  C  CB  . ILE A 1 109 ? -0.365  -7.206  3.331   1.000 7.703  ? 1299 ILE A CB  1 
ATOM   693  C  CG1 . ILE A 1 109 ? -0.925  -8.329  2.460   1.000 7.826  ? 1299 ILE A CG1 1 
ATOM   694  C  CG2 . ILE A 1 109 ? 1.085   -7.458  3.726   1.000 7.789  ? 1299 ILE A CG2 1 
ATOM   695  C  CD1 . ILE A 1 109 ? -0.099  -8.679  1.248   1.000 7.833  ? 1299 ILE A CD1 1 
ATOM   696  N  N   . HIS A 1 110 ? -0.472  -6.230  6.746   1.000 7.712  ? 1300 HIS A N   1 
ATOM   697  C  CA  . HIS A 1 110 ? -0.021  -5.267  7.774   1.000 7.777  ? 1300 HIS A CA  1 
ATOM   698  C  C   . HIS A 1 110 ? 1.501   -5.184  7.691   1.000 7.955  ? 1300 HIS A C   1 
ATOM   699  O  O   . HIS A 1 110 ? 2.168   -6.170  8.035   1.000 7.995  ? 1300 HIS A O   1 
ATOM   700  C  CB  . HIS A 1 110 ? -0.527  -5.673  9.163   1.000 7.691  ? 1300 HIS A CB  1 
ATOM   701  C  CG  . HIS A 1 110 ? -1.981  -5.995  9.206   1.000 7.734  ? 1300 HIS A CG  1 
ATOM   702  N  ND1 . HIS A 1 110 ? -2.923  -5.110  9.711   1.000 7.861  ? 1300 HIS A ND1 1 
ATOM   703  C  CD2 . HIS A 1 110 ? -2.656  -7.098  8.815   1.000 7.989  ? 1300 HIS A CD2 1 
ATOM   704  C  CE1 . HIS A 1 110 ? -4.116  -5.659  9.621   1.000 8.068  ? 1300 HIS A CE1 1 
ATOM   705  N  NE2 . HIS A 1 110 ? -3.981  -6.889  9.080   1.000 8.094  ? 1300 HIS A NE2 1 
ATOM   706  N  N   . VAL A 1 111 ? 2.020   -4.051  7.224   1.000 8.365  ? 1301 VAL A N   1 
ATOM   707  C  CA  . VAL A 1 111 ? 3.485   -3.822  7.087   1.000 8.611  ? 1301 VAL A CA  1 
ATOM   708  C  C   . VAL A 1 111 ? 3.913   -2.852  8.187   1.000 8.783  ? 1301 VAL A C   1 
ATOM   709  O  O   . VAL A 1 111 ? 3.072   -2.080  8.687   1.000 9.062  ? 1301 VAL A O   1 
ATOM   710  C  CB  . VAL A 1 111 ? 3.872   -3.333  5.678   1.000 8.775  ? 1301 VAL A CB  1 
ATOM   711  C  CG1 . VAL A 1 111 ? 3.407   -4.313  4.612   1.000 8.800  ? 1301 VAL A CG1 1 
ATOM   712  C  CG2 . VAL A 1 111 ? 3.347   -1.940  5.379   1.000 8.898  ? 1301 VAL A CG2 1 
ATOM   713  N  N   . ILE A 1 112 ? 5.176   -2.938  8.594   1.000 8.808  ? 1302 ILE A N   1 
ATOM   714  C  CA  . ILE A 1 112 ? 5.726   -2.069  9.668   1.000 8.796  ? 1302 ILE A CA  1 
ATOM   715  C  C   . ILE A 1 112 ? 6.142   -0.749  9.024   1.000 9.033  ? 1302 ILE A C   1 
ATOM   716  O  O   . ILE A 1 112 ? 7.025   -0.767  8.147   1.000 9.094  ? 1302 ILE A O   1 
ATOM   717  C  CB  . ILE A 1 112 ? 6.871   -2.782  10.407  1.000 8.958  ? 1302 ILE A CB  1 
ATOM   718  C  CG1 . ILE A 1 112 ? 6.384   -4.095  11.020  1.000 8.938  ? 1302 ILE A CG1 1 
ATOM   719  C  CG2 . ILE A 1 112 ? 7.476   -1.862  11.452  1.000 8.945  ? 1302 ILE A CG2 1 
ATOM   720  C  CD1 . ILE A 1 112 ? 7.476   -4.952  11.616  1.000 9.149  ? 1302 ILE A CD1 1 
ATOM   721  N  N   . GLY A 1 113 ? 5.491   0.348   9.415   1.000 9.231  ? 1303 GLY A N   1 
ATOM   722  C  CA  . GLY A 1 113 ? 5.696   1.684   8.821   1.000 9.588  ? 1303 GLY A CA  1 
ATOM   723  C  C   . GLY A 1 113 ? 7.147   2.141   8.895   1.000 9.847  ? 1303 GLY A C   1 
ATOM   724  O  O   . GLY A 1 113 ? 7.592   2.854   7.976   1.000 10.425 ? 1303 GLY A O   1 
ATOM   725  N  N   . GLY A 1 114 ? 7.859   1.756   9.954   1.000 10.462 ? 1304 GLY A N   1 
ATOM   726  C  CA  . GLY A 1 114 ? 9.268   2.123   10.188  1.000 10.482 ? 1304 GLY A CA  1 
ATOM   727  C  C   . GLY A 1 114 ? 10.237  1.342   9.318   1.000 10.931 ? 1304 GLY A C   1 
ATOM   728  O  O   . GLY A 1 114 ? 11.397  1.786   9.191   1.000 11.380 ? 1304 GLY A O   1 
ATOM   729  N  N   . ASN A 1 115 ? 9.800   0.218   8.741   1.000 10.956 ? 1305 ASN A N   1 
ATOM   730  C  CA  . ASN A 1 115 ? 10.660  -0.646  7.889   1.000 11.398 ? 1305 ASN A CA  1 
ATOM   731  C  C   . ASN A 1 115 ? 10.928  0.032   6.543   1.000 10.920 ? 1305 ASN A C   1 
ATOM   732  O  O   . ASN A 1 115 ? 10.206  0.963   6.172   1.000 10.109 ? 1305 ASN A O   1 
ATOM   733  C  CB  . ASN A 1 115 ? 10.051  -2.031  7.665   1.000 12.124 ? 1305 ASN A CB  1 
ATOM   734  C  CG  . ASN A 1 115 ? 10.317  -2.994  8.799   1.000 12.852 ? 1305 ASN A CG  1 
ATOM   735  O  OD1 . ASN A 1 115 ? 10.869  -2.611  9.827   1.000 14.620 ? 1305 ASN A OD1 1 
ATOM   736  N  ND2 . ASN A 1 115 ? 9.920   -4.244  8.624   1.000 13.845 ? 1305 ASN A ND2 1 
ATOM   737  N  N   . ASP A 1 116 ? 11.954  -0.440  5.838   1.000 11.181 ? 1306 ASP A N   1 
ATOM   738  C  CA  . ASP A 1 116 ? 12.280  -0.036  4.449   1.000 11.403 ? 1306 ASP A CA  1 
ATOM   739  C  C   . ASP A 1 116 ? 11.011  -0.159  3.602   1.000 10.844 ? 1306 ASP A C   1 
ATOM   740  O  O   . ASP A 1 116 ? 10.502  -1.275  3.448   1.000 10.263 ? 1306 ASP A O   1 
ATOM   741  C  CB  . ASP A 1 116 ? 13.418  -0.899  3.903   1.000 12.165 ? 1306 ASP A CB  1 
ATOM   742  C  CG  . ASP A 1 116 ? 13.929  -0.464  2.546   1.000 13.461 ? 1306 ASP A CG  1 
ATOM   743  O  OD1 . ASP A 1 116 ? 13.098  -0.221  1.658   1.000 14.062 ? 1306 ASP A OD1 1 
ATOM   744  O  OD2 . ASP A 1 116 ? 15.165  -0.347  2.397   1.000 15.175 ? 1306 ASP A OD2 1 
ATOM   745  N  N   . VAL A 1 117 ? 10.514  0.953   3.074   1.000 10.272 ? 1307 VAL A N   1 
ATOM   746  C  CA  . VAL A 1 117 ? 9.201   0.961   2.366   1.000 10.022 ? 1307 VAL A CA  1 
ATOM   747  C  C   . VAL A 1 117 ? 9.353   0.202   1.047   1.000 10.004 ? 1307 VAL A C   1 
ATOM   748  O  O   . VAL A 1 117 ? 8.397   -0.480  0.654   1.000 9.884  ? 1307 VAL A O   1 
ATOM   749  C  CB  . VAL A 1 117 ? 8.661   2.390   2.181   1.000 10.127 ? 1307 VAL A CB  1 
ATOM   750  C  CG1 . VAL A 1 117 ? 7.421   2.424   1.300   1.000 10.331 ? 1307 VAL A CG1 1 
ATOM   751  C  CG2 . VAL A 1 117 ? 8.380   3.030   3.531   1.000 10.285 ? 1307 VAL A CG2 1 
ATOM   752  N  N   . LYS A 1 118 ? 10.519  0.270   0.401   1.000 10.077 ? 1308 LYS A N   1 
ATOM   753  C  CA  . LYS A 1 118 ? 10.734  -0.484  -0.854  1.000 10.688 ? 1308 LYS A CA  1 
ATOM   754  C  C   . LYS A 1 118 ? 10.600  -1.979  -0.533  1.000 10.469 ? 1308 LYS A C   1 
ATOM   755  O  O   . LYS A 1 118 ? 9.919   -2.695  -1.286  1.000 10.442 ? 1308 LYS A O   1 
ATOM   756  C  CB  . LYS A 1 118 ? 12.075  -0.126  -1.497  1.000 11.665 ? 1308 LYS A CB  1 
ATOM   757  C  CG  . LYS A 1 118 ? 12.256  -0.700  -2.889  1.000 12.572 ? 1308 LYS A CG  1 
ATOM   758  C  CD  . LYS A 1 118 ? 13.550  -0.304  -3.531  1.000 13.769 ? 1308 LYS A CD  1 
ATOM   759  C  CE  . LYS A 1 118 ? 13.690  -0.898  -4.908  1.000 15.223 ? 1308 LYS A CE  1 
ATOM   760  N  NZ  . LYS A 1 118 ? 15.070  -0.712  -5.409  1.000 16.880 ? 1308 LYS A NZ  1 
ATOM   761  N  N   . SER A 1 119 ? 11.218  -2.446  0.552   1.000 10.613 ? 1309 SER A N   1 
ATOM   762  C  CA  . SER A 1 119 ? 11.147  -3.868  0.978   1.000 10.918 ? 1309 SER A CA  1 
ATOM   763  C  C   . SER A 1 119 ? 9.683   -4.244  1.226   1.000 10.320 ? 1309 SER A C   1 
ATOM   764  O  O   . SER A 1 119 ? 9.242   -5.315  0.765   1.000 9.924  ? 1309 SER A O   1 
ATOM   765  C  CB  . SER A 1 119 ? 11.984  -4.124  2.203   1.000 11.764 ? 1309 SER A CB  1 
ATOM   766  O  OG  . SER A 1 119 ? 13.333  -3.759  1.970   1.000 14.171 ? 1309 SER A OG  1 
ATOM   767  N  N   . SER A 1 120 ? 8.943   -3.386  1.930   1.000 9.741  ? 1310 SER A N   1 
ATOM   768  C  CA  . SER A 1 120 ? 7.535   -3.665  2.305   1.000 9.506  ? 1310 SER A CA  1 
ATOM   769  C  C   . SER A 1 120 ? 6.689   -3.829  1.038   1.000 9.110  ? 1310 SER A C   1 
ATOM   770  O  O   . SER A 1 120 ? 5.920   -4.807  0.955   1.000 8.981  ? 1310 SER A O   1 
ATOM   771  C  CB  . SER A 1 120 ? 6.998   -2.594  3.205   1.000 9.670  ? 1310 SER A CB  1 
ATOM   772  O  OG  . SER A 1 120 ? 7.685   -2.613  4.440   1.000 10.579 ? 1310 SER A OG  1 
ATOM   773  N  N   . VAL A 1 121 ? 6.824   -2.907  0.084   1.000 8.819  ? 1311 VAL A N   1 
ATOM   774  C  CA  . VAL A 1 121 ? 6.010   -2.934  -1.163  1.000 8.735  ? 1311 VAL A CA  1 
ATOM   775  C  C   . VAL A 1 121 ? 6.416   -4.149  -2.006  1.000 8.814  ? 1311 VAL A C   1 
ATOM   776  O  O   . VAL A 1 121 ? 5.518   -4.826  -2.528  1.000 8.995  ? 1311 VAL A O   1 
ATOM   777  C  CB  . VAL A 1 121 ? 6.091   -1.604  -1.931  1.000 8.765  ? 1311 VAL A CB  1 
ATOM   778  C  CG1 . VAL A 1 121 ? 5.383   -1.706  -3.273  1.000 8.834  ? 1311 VAL A CG1 1 
ATOM   779  C  CG2 . VAL A 1 121 ? 5.505   -0.474  -1.094  1.000 8.776  ? 1311 VAL A CG2 1 
ATOM   780  N  N   . SER A 1 122 ? 7.709   -4.470  -2.085  1.000 8.926  ? 1312 SER A N   1 
ATOM   781  C  CA  . SER A 1 122 ? 8.183   -5.698  -2.778  1.000 9.347  ? 1312 SER A CA  1 
ATOM   782  C  C   . SER A 1 122 ? 7.475   -6.921  -2.181  1.000 8.820  ? 1312 SER A C   1 
ATOM   783  O  O   . SER A 1 122 ? 6.966   -7.748  -2.948  1.000 8.739  ? 1312 SER A O   1 
ATOM   784  C  CB  . SER A 1 122 ? 9.675   -5.820  -2.701  1.000 9.890  ? 1312 SER A CB  1 
ATOM   785  O  OG  . SER A 1 122 ? 10.302  -4.807  -3.474  1.000 12.086 ? 1312 SER A OG  1 
ATOM   786  N  N   . SER A 1 123 ? 7.407   -7.027  -0.854  1.000 8.521  ? 1313 SER A N   1 
ATOM   787  C  CA  . SER A 1 123 ? 6.757   -8.173  -0.168  1.000 8.571  ? 1313 SER A CA  1 
ATOM   788  C  C   . SER A 1 123 ? 5.269   -8.218  -0.536  1.000 8.449  ? 1313 SER A C   1 
ATOM   789  O  O   . SER A 1 123 ? 4.750   -9.294  -0.869  1.000 8.494  ? 1313 SER A O   1 
ATOM   790  C  CB  . SER A 1 123 ? 6.971   -8.089  1.311   1.000 8.740  ? 1313 SER A CB  1 
ATOM   791  O  OG  . SER A 1 123 ? 8.347   -8.276  1.626   1.000 9.233  ? 1313 SER A OG  1 
ATOM   792  N  N   . VAL A 1 124 ? 4.591   -7.074  -0.491  1.000 8.097  ? 1314 VAL A N   1 
ATOM   793  C  CA  . VAL A 1 124 ? 3.144   -6.998  -0.835  1.000 8.095  ? 1314 VAL A CA  1 
ATOM   794  C  C   . VAL A 1 124 ? 2.947   -7.497  -2.269  1.000 7.983  ? 1314 VAL A C   1 
ATOM   795  O  O   . VAL A 1 124 ? 2.023   -8.285  -2.498  1.000 7.853  ? 1314 VAL A O   1 
ATOM   796  C  CB  . VAL A 1 124 ? 2.580   -5.580  -0.625  1.000 8.284  ? 1314 VAL A CB  1 
ATOM   797  C  CG1 . VAL A 1 124 ? 1.197   -5.422  -1.243  1.000 8.669  ? 1314 VAL A CG1 1 
ATOM   798  C  CG2 . VAL A 1 124 ? 2.549   -5.215  0.849   1.000 8.435  ? 1314 VAL A CG2 1 
ATOM   799  N  N   . LEU A 1 125 ? 3.781   -7.059  -3.212  1.000 8.098  ? 1315 LEU A N   1 
ATOM   800  C  CA  . LEU A 1 125 ? 3.619   -7.442  -4.638  1.000 8.453  ? 1315 LEU A CA  1 
ATOM   801  C  C   . LEU A 1 125 ? 3.794   -8.961  -4.785  1.000 8.816  ? 1315 LEU A C   1 
ATOM   802  O  O   . LEU A 1 125 ? 2.982   -9.596  -5.477  1.000 8.547  ? 1315 LEU A O   1 
ATOM   803  C  CB  . LEU A 1 125 ? 4.621   -6.661  -5.489  1.000 8.461  ? 1315 LEU A CB  1 
ATOM   804  C  CG  . LEU A 1 125 ? 4.315   -5.172  -5.635  1.000 8.677  ? 1315 LEU A CG  1 
ATOM   805  C  CD1 . LEU A 1 125 ? 5.537   -4.411  -6.130  1.000 8.723  ? 1315 LEU A CD1 1 
ATOM   806  C  CD2 . LEU A 1 125 ? 3.132   -4.954  -6.563  1.000 8.873  ? 1315 LEU A CD2 1 
ATOM   807  N  N   . GLN A 1 126 ? 4.789   -9.537  -4.115  1.000 9.838  ? 1316 GLN A N   1 
ATOM   808  C  CA  . GLN A 1 126 ? 5.064   -10.992 -4.225  1.000 10.362 ? 1316 GLN A CA  1 
ATOM   809  C  C   . GLN A 1 126 ? 3.916   -11.787 -3.600  1.000 9.708  ? 1316 GLN A C   1 
ATOM   810  O  O   . GLN A 1 126 ? 3.517   -12.809 -4.180  1.000 9.276  ? 1316 GLN A O   1 
ATOM   811  C  CB  . GLN A 1 126 ? 6.404   -11.313 -3.574  1.000 11.775 ? 1316 GLN A CB  1 
ATOM   812  C  CG  . GLN A 1 126 ? 7.561   -10.725 -4.360  1.000 13.542 ? 1316 GLN A CG  1 
ATOM   813  C  CD  . GLN A 1 126 ? 8.903   -11.062 -3.767  1.000 15.540 ? 1316 GLN A CD  1 
ATOM   814  O  OE1 . GLN A 1 126 ? 9.054   -12.042 -3.040  1.000 18.658 ? 1316 GLN A OE1 1 
ATOM   815  N  NE2 . GLN A 1 126 ? 9.896   -10.249 -4.091  1.000 17.659 ? 1316 GLN A NE2 1 
ATOM   816  N  N   . GLU A 1 127 ? 3.389   -11.333 -2.460  1.000 9.358  ? 1317 GLU A N   1 
ATOM   817  C  CA  . GLU A 1 127 ? 2.266   -12.018 -1.776  1.000 9.506  ? 1317 GLU A CA  1 
ATOM   818  C  C   . GLU A 1 127 ? 1.012   -11.951 -2.653  1.000 9.400  ? 1317 GLU A C   1 
ATOM   819  O  O   . GLU A 1 127 ? 0.244   -12.923 -2.665  1.000 9.664  ? 1317 GLU A O   1 
ATOM   820  C  CB  . GLU A 1 127 ? 2.017   -11.390 -0.402  1.000 9.564  ? 1317 GLU A CB  1 
ATOM   821  C  CG  . GLU A 1 127 ? 3.135   -11.656 0.594   1.000 9.961  ? 1317 GLU A CG  1 
ATOM   822  C  CD  . GLU A 1 127 ? 3.328   -13.098 1.037   1.000 10.273 ? 1317 GLU A CD  1 
ATOM   823  O  OE1 . GLU A 1 127 ? 2.491   -13.949 0.682   1.000 10.524 ? 1317 GLU A OE1 1 
ATOM   824  O  OE2 . GLU A 1 127 ? 4.343   -13.370 1.716   1.000 11.281 ? 1317 GLU A OE2 1 
ATOM   825  N  N   . CYS A 1 128 ? 0.809   -10.852 -3.375  1.000 9.359  ? 1318 CYS A N   1 
ATOM   826  C  CA  . CYS A 1 128 ? -0.370  -10.690 -4.259  1.000 9.592  ? 1318 CYS A CA  1 
ATOM   827  C  C   . CYS A 1 128 ? -0.250  -11.638 -5.458  1.000 9.201  ? 1318 CYS A C   1 
ATOM   828  O  O   . CYS A 1 128 ? -1.251  -12.278 -5.804  1.000 9.179  ? 1318 CYS A O   1 
ATOM   829  C  CB  . CYS A 1 128 ? -0.538  -9.239  -4.669  1.000 9.906  ? 1318 CYS A CB  1 
ATOM   830  S  SG  . CYS A 1 128 ? -1.216  -8.247  -3.317  1.000 11.582 ? 1318 CYS A SG  1 
ATOM   831  N  N   . GLU A 1 129 ? 0.939   -11.772 -6.044  1.000 9.007  ? 1319 GLU A N   1 
ATOM   832  C  CA  . GLU A 1 129 ? 1.151   -12.729 -7.165  1.000 9.137  ? 1319 GLU A CA  1 
ATOM   833  C  C   . GLU A 1 129 ? 0.927   -14.157 -6.660  1.000 8.924  ? 1319 GLU A C   1 
ATOM   834  O  O   . GLU A 1 129 ? 0.348   -14.956 -7.399  1.000 8.256  ? 1319 GLU A O   1 
ATOM   835  C  CB  . GLU A 1 129 ? 2.546   -12.589 -7.769  1.000 9.481  ? 1319 GLU A CB  1 
ATOM   836  C  CG  . GLU A 1 129 ? 2.730   -11.321 -8.584  1.000 9.844  ? 1319 GLU A CG  1 
ATOM   837  C  CD  . GLU A 1 129 ? 1.965   -11.246 -9.895  1.000 10.204 ? 1319 GLU A CD  1 
ATOM   838  O  OE1 . GLU A 1 129 ? 1.439   -12.290 -10.336 1.000 10.848 ? 1319 GLU A OE1 1 
ATOM   839  O  OE2 . GLU A 1 129 ? 1.901   -10.148 -10.484 1.000 10.411 ? 1319 GLU A OE2 1 
ATOM   840  N  N   . LYS A 1 130 ? 1.369   -14.482 -5.447  1.000 8.841  ? 1320 LYS A N   1 
ATOM   841  C  CA  . LYS A 1 130 ? 1.194   -15.838 -4.869  1.000 9.417  ? 1320 LYS A CA  1 
ATOM   842  C  C   . LYS A 1 130 ? -0.299  -16.187 -4.807  1.000 9.507  ? 1320 LYS A C   1 
ATOM   843  O  O   . LYS A 1 130 ? -0.626  -17.362 -4.907  1.000 9.814  ? 1320 LYS A O   1 
ATOM   844  C  CB  . LYS A 1 130 ? 1.859   -15.904 -3.491  1.000 9.948  ? 1320 LYS A CB  1 
ATOM   845  C  CG  . LYS A 1 130 ? 1.598   -17.175 -2.699  1.000 10.701 ? 1320 LYS A CG  1 
ATOM   846  C  CD  . LYS A 1 130 ? 2.451   -17.255 -1.461  1.000 11.415 ? 1320 LYS A CD  1 
ATOM   847  C  CE  . LYS A 1 130 ? 2.047   -18.395 -0.551  1.000 12.580 ? 1320 LYS A CE  1 
ATOM   848  N  NZ  . LYS A 1 130 ? 2.727   -18.315 0.763   1.000 14.214 ? 1320 LYS A NZ  1 
ATOM   849  N  N   . LYS A 1 131 ? -1.183  -15.201 -4.623  1.000 9.408  ? 1321 LYS A N   1 
ATOM   850  C  CA  . LYS A 1 131 ? -2.645  -15.435 -4.503  1.000 9.660  ? 1321 LYS A CA  1 
ATOM   851  C  C   . LYS A 1 131 ? -3.370  -15.148 -5.825  1.000 9.335  ? 1321 LYS A C   1 
ATOM   852  O  O   . LYS A 1 131 ? -4.618  -15.220 -5.838  1.000 9.685  ? 1321 LYS A O   1 
ATOM   853  C  CB  . LYS A 1 131 ? -3.174  -14.602 -3.333  1.000 10.363 ? 1321 LYS A CB  1 
ATOM   854  C  CG  . LYS A 1 131 ? -2.820  -15.190 -1.976  1.000 11.322 ? 1321 LYS A CG  1 
ATOM   855  C  CD  . LYS A 1 131 ? -3.330  -14.408 -0.802  1.000 12.199 ? 1321 LYS A CD  1 
ATOM   856  C  CE  . LYS A 1 131 ? -3.349  -15.214 0.482   1.000 12.661 ? 1321 LYS A CE  1 
ATOM   857  N  NZ  . LYS A 1 131 ? -2.052  -15.877 0.745   1.000 13.037 ? 1321 LYS A NZ  1 
ATOM   858  N  N   . ASN A 1 132 ? -2.627  -14.843 -6.898  1.000 9.080  ? 1322 ASN A N   1 
ATOM   859  C  CA  . ASN A 1 132 ? -3.172  -14.479 -8.235  1.000 9.227  ? 1322 ASN A CA  1 
ATOM   860  C  C   . ASN A 1 132 ? -4.100  -13.260 -8.116  1.000 8.996  ? 1322 ASN A C   1 
ATOM   861  O  O   . ASN A 1 132 ? -5.072  -13.163 -8.890  1.000 9.450  ? 1322 ASN A O   1 
ATOM   862  C  CB  . ASN A 1 132 ? -3.890  -15.661 -8.893  1.000 9.613  ? 1322 ASN A CB  1 
ATOM   863  C  CG  . ASN A 1 132 ? -2.938  -16.673 -9.490  1.000 10.211 ? 1322 ASN A CG  1 
ATOM   864  O  OD1 . ASN A 1 132 ? -1.733  -16.588 -9.288  1.000 10.961 ? 1322 ASN A OD1 1 
ATOM   865  N  ND2 . ASN A 1 132 ? -3.459  -17.620 -10.252 1.000 10.951 ? 1322 ASN A ND2 1 
ATOM   866  N  N   . TYR A 1 133 ? -3.778  -12.323 -7.227  1.000 8.602  ? 1323 TYR A N   1 
ATOM   867  C  CA  . TYR A 1 133 ? -4.551  -11.070 -7.038  1.000 8.821  ? 1323 TYR A CA  1 
ATOM   868  C  C   . TYR A 1 133 ? -4.165  -10.045 -8.109  1.000 8.994  ? 1323 TYR A C   1 
ATOM   869  O  O   . TYR A 1 133 ? -3.014  -10.043 -8.583  1.000 8.979  ? 1323 TYR A O   1 
ATOM   870  C  CB  . TYR A 1 133 ? -4.327  -10.506 -5.634  1.000 8.514  ? 1323 TYR A CB  1 
ATOM   871  C  CG  . TYR A 1 133 ? -4.962  -11.277 -4.502  1.000 8.566  ? 1323 TYR A CG  1 
ATOM   872  C  CD1 . TYR A 1 133 ? -5.970  -12.206 -4.714  1.000 8.519  ? 1323 TYR A CD1 1 
ATOM   873  C  CD2 . TYR A 1 133 ? -4.591  -11.026 -3.192  1.000 8.721  ? 1323 TYR A CD2 1 
ATOM   874  C  CE1 . TYR A 1 133 ? -6.556  -12.893 -3.667  1.000 8.701  ? 1323 TYR A CE1 1 
ATOM   875  C  CE2 . TYR A 1 133 ? -5.191  -11.679 -2.127  1.000 8.744  ? 1323 TYR A CE2 1 
ATOM   876  C  CZ  . TYR A 1 133 ? -6.169  -12.632 -2.364  1.000 8.913  ? 1323 TYR A CZ  1 
ATOM   877  O  OH  . TYR A 1 133 ? -6.763  -13.295 -1.339  1.000 9.318  ? 1323 TYR A OH  1 
ATOM   878  N  N   . SER A 1 134 ? -5.126  -9.190  -8.475  1.000 9.225  ? 1324 SER A N   1 
ATOM   879  C  CA  . SER A 1 134 ? -4.966  -8.205  -9.576  1.000 9.698  ? 1324 SER A CA  1 
ATOM   880  C  C   . SER A 1 134 ? -4.877  -6.769  -9.049  1.000 9.010  ? 1324 SER A C   1 
ATOM   881  O  O   . SER A 1 134 ? -4.275  -5.940  -9.747  1.000 8.759  ? 1324 SER A O   1 
ATOM   882  C  CB  . SER A 1 134 ? -6.050  -8.344  -10.599 1.000 10.669 ? 1324 SER A CB  1 
ATOM   883  O  OG  . SER A 1 134 ? -7.316  -8.099  -10.036 1.000 12.792 ? 1324 SER A OG  1 
ATOM   884  N  N   . SER A 1 135 ? -5.455  -6.452  -7.891  1.000 8.482  ? 1325 SER A N   1 
ATOM   885  C  CA  . SER A 1 135 ? -5.529  -5.046  -7.411  1.000 8.466  ? 1325 SER A CA  1 
ATOM   886  C  C   . SER A 1 135 ? -5.000  -4.927  -5.983  1.000 8.307  ? 1325 SER A C   1 
ATOM   887  O  O   . SER A 1 135 ? -5.299  -5.788  -5.134  1.000 8.078  ? 1325 SER A O   1 
ATOM   888  C  CB  . SER A 1 135 ? -6.920  -4.490  -7.522  1.000 8.711  ? 1325 SER A CB  1 
ATOM   889  O  OG  . SER A 1 135 ? -7.843  -5.294  -6.820  1.000 9.263  ? 1325 SER A OG  1 
ATOM   890  N  N   . ILE A 1 136 ? -4.248  -3.859  -5.744  1.000 7.913  ? 1326 ILE A N   1 
ATOM   891  C  CA  . ILE A 1 136 ? -3.646  -3.523  -4.427  1.000 8.274  ? 1326 ILE A CA  1 
ATOM   892  C  C   . ILE A 1 136 ? -3.998  -2.074  -4.125  1.000 8.139  ? 1326 ILE A C   1 
ATOM   893  O  O   . ILE A 1 136 ? -3.885  -1.242  -5.025  1.000 8.502  ? 1326 ILE A O   1 
ATOM   894  C  CB  . ILE A 1 136 ? -2.123  -3.725  -4.452  1.000 8.529  ? 1326 ILE A CB  1 
ATOM   895  C  CG1 . ILE A 1 136 ? -1.745  -5.123  -4.945  1.000 8.765  ? 1326 ILE A CG1 1 
ATOM   896  C  CG2 . ILE A 1 136 ? -1.535  -3.404  -3.090  1.000 9.061  ? 1326 ILE A CG2 1 
ATOM   897  C  CD1 . ILE A 1 136 ? -0.276  -5.317  -5.204  1.000 8.589  ? 1326 ILE A CD1 1 
ATOM   898  N  N   . CYS A 1 137 ? -4.394  -1.789  -2.894  1.000 8.455  ? 1327 CYS A N   1 
ATOM   899  C  CA  . CYS A 1 137 ? -4.528  -0.403  -2.403  1.000 9.090  ? 1327 CYS A CA  1 
ATOM   900  C  C   . CYS A 1 137 ? -3.643  -0.241  -1.175  1.000 8.434  ? 1327 CYS A C   1 
ATOM   901  O  O   . CYS A 1 137 ? -3.753  -1.076  -0.267  1.000 8.382  ? 1327 CYS A O   1 
ATOM   902  C  CB  . CYS A 1 137 ? -5.970  -0.085  -2.056  1.000 10.078 ? 1327 CYS A CB  1 
ATOM   903  S  SG  . CYS A 1 137 ? -6.231  1.692   -1.888  1.000 12.553 ? 1327 CYS A SG  1 
ATOM   904  N  N   . LEU A 1 138 ? -2.819  0.804   -1.143  1.000 8.340  ? 1328 LEU A N   1 
ATOM   905  C  CA  . LEU A 1 138 ? -1.953  1.057   0.030   1.000 8.517  ? 1328 LEU A CA  1 
ATOM   906  C  C   . LEU A 1 138 ? -1.992  2.527   0.393   1.000 8.187  ? 1328 LEU A C   1 
ATOM   907  O  O   . LEU A 1 138 ? -2.335  3.366   -0.433  1.000 7.945  ? 1328 LEU A O   1 
ATOM   908  C  CB  . LEU A 1 138 ? -0.523  0.603   -0.247  1.000 9.172  ? 1328 LEU A CB  1 
ATOM   909  C  CG  . LEU A 1 138 ? 0.153   1.239   -1.455  1.000 9.362  ? 1328 LEU A CG  1 
ATOM   910  C  CD1 . LEU A 1 138 ? 1.651   1.393   -1.219  1.000 9.836  ? 1328 LEU A CD1 1 
ATOM   911  C  CD2 . LEU A 1 138 ? -0.085  0.404   -2.704  1.000 9.944  ? 1328 LEU A CD2 1 
ATOM   912  N  N   . PRO A 1 139 ? -1.657  2.851   1.651   1.000 7.842  ? 1329 PRO A N   1 
ATOM   913  C  CA  . PRO A 1 139 ? -1.462  4.235   2.063   1.000 7.866  ? 1329 PRO A CA  1 
ATOM   914  C  C   . PRO A 1 139 ? -0.036  4.675   1.713   1.000 7.846  ? 1329 PRO A C   1 
ATOM   915  O  O   . PRO A 1 139 ? 0.735   3.891   1.182   1.000 8.102  ? 1329 PRO A O   1 
ATOM   916  C  CB  . PRO A 1 139 ? -1.695  4.141   3.573   1.000 7.776  ? 1329 PRO A CB  1 
ATOM   917  C  CG  . PRO A 1 139 ? -1.091  2.799   3.935   1.000 7.932  ? 1329 PRO A CG  1 
ATOM   918  C  CD  . PRO A 1 139 ? -1.424  1.905   2.755   1.000 7.808  ? 1329 PRO A CD  1 
ATOM   919  N  N   . ALA A 1 140 ? 0.298   5.924   2.027   1.000 7.931  ? 1330 ALA A N   1 
ATOM   920  C  CA  . ALA A 1 140 ? 1.687   6.422   1.965   1.000 8.062  ? 1330 ALA A CA  1 
ATOM   921  C  C   . ALA A 1 140 ? 2.439   5.821   3.155   1.000 8.164  ? 1330 ALA A C   1 
ATOM   922  O  O   . ALA A 1 140 ? 2.614   6.492   4.179   1.000 8.538  ? 1330 ALA A O   1 
ATOM   923  C  CB  . ALA A 1 140 ? 1.713   7.925   1.944   1.000 8.070  ? 1330 ALA A CB  1 
ATOM   924  N  N   . ILE A 1 141 ? 2.804   4.547   3.023   1.000 8.109  ? 1331 ILE A N   1 
ATOM   925  C  CA  . ILE A 1 141 ? 3.412   3.705   4.092   1.000 8.697  ? 1331 ILE A CA  1 
ATOM   926  C  C   . ILE A 1 141 ? 4.527   4.491   4.780   1.000 9.113  ? 1331 ILE A C   1 
ATOM   927  O  O   . ILE A 1 141 ? 5.423   4.979   4.078   1.000 9.540  ? 1331 ILE A O   1 
ATOM   928  C  CB  . ILE A 1 141 ? 3.947   2.376   3.511   1.000 8.954  ? 1331 ILE A CB  1 
ATOM   929  C  CG1 . ILE A 1 141 ? 2.844   1.522   2.874   1.000 9.147  ? 1331 ILE A CG1 1 
ATOM   930  C  CG2 . ILE A 1 141 ? 4.694   1.599   4.590   1.000 9.242  ? 1331 ILE A CG2 1 
ATOM   931  C  CD1 . ILE A 1 141 ? 3.358   0.478   1.908   1.000 9.186  ? 1331 ILE A CD1 1 
ATOM   932  N  N   . GLY A 1 142 ? 4.469   4.582   6.109   1.000 9.656  ? 1332 GLY A N   1 
ATOM   933  C  CA  . GLY A 1 142 ? 5.569   5.127   6.924   1.000 10.286 ? 1332 GLY A CA  1 
ATOM   934  C  C   . GLY A 1 142 ? 5.503   6.633   7.096   1.000 10.595 ? 1332 GLY A C   1 
ATOM   935  O  O   . GLY A 1 142 ? 6.327   7.142   7.864   1.000 10.919 ? 1332 GLY A O   1 
ATOM   936  N  N   . THR A 1 143 ? 4.572   7.342   6.444   1.000 10.960 ? 1333 THR A N   1 
ATOM   937  C  CA  . THR A 1 143 ? 4.496   8.828   6.547   1.000 11.424 ? 1333 THR A CA  1 
ATOM   938  C  C   . THR A 1 143 ? 3.710   9.267   7.788   1.000 12.516 ? 1333 THR A C   1 
ATOM   939  O  O   . THR A 1 143 ? 3.778   10.467  8.098   1.000 14.099 ? 1333 THR A O   1 
ATOM   940  C  CB  . THR A 1 143 ? 3.895   9.504   5.312   1.000 11.192 ? 1333 THR A CB  1 
ATOM   941  O  OG1 . THR A 1 143 ? 2.546   9.069   5.132   1.000 11.524 ? 1333 THR A OG1 1 
ATOM   942  C  CG2 . THR A 1 143 ? 4.719   9.256   4.070   1.000 11.114 ? 1333 THR A CG2 1 
ATOM   943  N  N   . GLY A 1 144 ? 2.980   8.358   8.443   1.000 12.924 ? 1334 GLY A N   1 
ATOM   944  C  CA  . GLY A 1 144 ? 2.217   8.662   9.666   1.000 13.510 ? 1334 GLY A CA  1 
ATOM   945  C  C   . GLY A 1 144 ? 3.087   8.510   10.901  1.000 13.895 ? 1334 GLY A C   1 
ATOM   946  O  O   . GLY A 1 144 ? 4.057   9.261   11.036  1.000 14.162 ? 1334 GLY A O   1 
ATOM   947  N  N   . ASN A 1 145 ? 2.754   7.538   11.744  1.000 14.478 ? 1335 ASN A N   1 
ATOM   948  C  CA  . ASN A 1 145 ? 3.424   7.237   13.035  1.000 15.497 ? 1335 ASN A CA  1 
ATOM   949  C  C   . ASN A 1 145 ? 4.947   7.178   12.847  1.000 14.830 ? 1335 ASN A C   1 
ATOM   950  O  O   . ASN A 1 145 ? 5.664   7.759   13.672  1.000 14.950 ? 1335 ASN A O   1 
ATOM   951  C  CB  . ASN A 1 145 ? 2.867   5.938   13.618  1.000 17.371 ? 1335 ASN A CB  1 
ATOM   952  C  CG  . ASN A 1 145 ? 3.513   5.539   14.924  1.000 18.794 ? 1335 ASN A CG  1 
ATOM   953  O  OD1 . ASN A 1 145 ? 3.309   6.193   15.945  1.000 22.182 ? 1335 ASN A OD1 1 
ATOM   954  N  ND2 . ASN A 1 145 ? 4.268   4.451   14.905  1.000 19.354 ? 1335 ASN A ND2 1 
ATOM   955  N  N   . ALA A 1 146 ? 5.435   6.514   11.799  1.000 13.856 ? 1336 ALA A N   1 
ATOM   956  C  CA  . ALA A 1 146 ? 6.883   6.262   11.576  1.000 13.715 ? 1336 ALA A CA  1 
ATOM   957  C  C   . ALA A 1 146 ? 7.624   7.537   11.143  1.000 13.925 ? 1336 ALA A C   1 
ATOM   958  O  O   . ALA A 1 146 ? 8.866   7.550   11.212  1.000 13.478 ? 1336 ALA A O   1 
ATOM   959  C  CB  . ALA A 1 146 ? 7.049   5.155   10.564  1.000 13.587 ? 1336 ALA A CB  1 
ATOM   960  N  N   . LYS A 1 147 ? 6.904   8.557   10.677  1.000 14.043 ? 1337 LYS A N   1 
ATOM   961  C  CA  . LYS A 1 147 ? 7.444   9.891   10.286  1.000 14.754 ? 1337 LYS A CA  1 
ATOM   962  C  C   . LYS A 1 147 ? 8.595   9.736   9.281   1.000 14.378 ? 1337 LYS A C   1 
ATOM   963  O  O   . LYS A 1 147 ? 9.595   10.470  9.388   1.000 15.206 ? 1337 LYS A O   1 
ATOM   964  C  CB  . LYS A 1 147 ? 7.854   10.667  11.538  1.000 16.832 ? 1337 LYS A CB  1 
ATOM   965  C  CG  . LYS A 1 147 ? 6.681   11.071  12.420  1.000 18.275 ? 1337 LYS A CG  1 
ATOM   966  C  CD  . LYS A 1 147 ? 7.107   11.792  13.664  1.000 20.198 ? 1337 LYS A CD  1 
ATOM   967  C  CE  . LYS A 1 147 ? 5.985   11.993  14.654  1.000 21.779 ? 1337 LYS A CE  1 
ATOM   968  N  NZ  . LYS A 1 147 ? 6.521   12.295  16.001  1.000 23.529 ? 1337 LYS A NZ  1 
ATOM   969  N  N   . GLN A 1 148 ? 8.468   8.824   8.319   1.000 12.794 ? 1338 GLN A N   1 
ATOM   970  C  CA  . GLN A 1 148 ? 9.375   8.796   7.142   1.000 12.551 ? 1338 GLN A CA  1 
ATOM   971  C  C   . GLN A 1 148 ? 8.991   9.954   6.214   1.000 12.543 ? 1338 GLN A C   1 
ATOM   972  O  O   . GLN A 1 148 ? 7.804   10.308  6.156   1.000 13.330 ? 1338 GLN A O   1 
ATOM   973  C  CB  . GLN A 1 148 ? 9.319   7.446   6.427   1.000 12.208 ? 1338 GLN A CB  1 
ATOM   974  C  CG  . GLN A 1 148 ? 9.813   6.299   7.291   1.000 12.392 ? 1338 GLN A CG  1 
ATOM   975  C  CD  . GLN A 1 148 ? 10.320  5.122   6.494   1.000 12.519 ? 1338 GLN A CD  1 
ATOM   976  O  OE1 . GLN A 1 148 ? 11.197  5.247   5.637   1.000 13.276 ? 1338 GLN A OE1 1 
ATOM   977  N  NE2 . GLN A 1 148 ? 9.785   3.950   6.793   1.000 11.823 ? 1338 GLN A NE2 1 
ATOM   978  N  N   . HIS A 1 149 ? 9.964   10.540  5.522   1.000 12.847 ? 1339 HIS A N   1 
ATOM   979  C  CA  . HIS A 1 149 ? 9.757   11.723  4.649   1.000 13.654 ? 1339 HIS A CA  1 
ATOM   980  C  C   . HIS A 1 149 ? 8.917   11.312  3.441   1.000 12.757 ? 1339 HIS A C   1 
ATOM   981  O  O   . HIS A 1 149 ? 9.217   10.318  2.789   1.000 12.050 ? 1339 HIS A O   1 
ATOM   982  C  CB  . HIS A 1 149 ? 11.100  12.329  4.230   1.000 15.169 ? 1339 HIS A CB  1 
ATOM   983  C  CG  . HIS A 1 149 ? 10.962  13.609  3.479   1.000 17.711 ? 1339 HIS A CG  1 
ATOM   984  N  ND1 . HIS A 1 149 ? 11.068  14.851  4.091   1.000 20.149 ? 1339 HIS A ND1 1 
ATOM   985  C  CD2 . HIS A 1 149 ? 10.727  13.849  2.172   1.000 19.139 ? 1339 HIS A CD2 1 
ATOM   986  C  CE1 . HIS A 1 149 ? 10.906  15.797  3.185   1.000 19.639 ? 1339 HIS A CE1 1 
ATOM   987  N  NE2 . HIS A 1 149 ? 10.690  15.208  2.003   1.000 20.596 ? 1339 HIS A NE2 1 
ATOM   988  N  N   . PRO A 1 150 ? 7.822   12.035  3.125   1.000 12.508 ? 1340 PRO A N   1 
ATOM   989  C  CA  . PRO A 1 150 ? 6.974   11.689  1.982   1.000 12.232 ? 1340 PRO A CA  1 
ATOM   990  C  C   . PRO A 1 150 ? 7.704   11.491  0.642   1.000 12.105 ? 1340 PRO A C   1 
ATOM   991  O  O   . PRO A 1 150 ? 7.308   10.619  -0.093  1.000 10.622 ? 1340 PRO A O   1 
ATOM   992  C  CB  . PRO A 1 150 ? 5.991   12.868  1.907   1.000 12.737 ? 1340 PRO A CB  1 
ATOM   993  C  CG  . PRO A 1 150 ? 5.888   13.358  3.329   1.000 13.204 ? 1340 PRO A CG  1 
ATOM   994  C  CD  . PRO A 1 150 ? 7.270   13.150  3.913   1.000 12.825 ? 1340 PRO A CD  1 
ATOM   995  N  N   . ASP A 1 151 ? 8.720   12.297  0.317   1.000 12.873 ? 1341 ASP A N   1 
ATOM   996  C  CA  . ASP A 1 151 ? 9.426   12.124  -0.979  1.000 13.815 ? 1341 ASP A CA  1 
ATOM   997  C  C   . ASP A 1 151 ? 10.236  10.826  -0.962  1.000 12.666 ? 1341 ASP A C   1 
ATOM   998  O  O   . ASP A 1 151 ? 10.319  10.184  -2.011  1.000 12.404 ? 1341 ASP A O   1 
ATOM   999  C  CB  . ASP A 1 151 ? 10.326  13.287  -1.394  1.000 16.121 ? 1341 ASP A CB  1 
ATOM   1000 C  CG  . ASP A 1 151 ? 10.730  13.169  -2.862  1.000 18.604 ? 1341 ASP A CG  1 
ATOM   1001 O  OD1 . ASP A 1 151 ? 9.835   12.895  -3.713  1.000 20.474 ? 1341 ASP A OD1 1 
ATOM   1002 O  OD2 . ASP A 1 151 ? 11.935  13.301  -3.152  1.000 23.225 ? 1341 ASP A OD2 1 
ATOM   1003 N  N   . LYS A 1 152 ? 10.804  10.437  0.181   1.000 11.902 ? 1342 LYS A N   1 
ATOM   1004 C  CA  . LYS A 1 152 ? 11.540  9.151   0.284   1.000 11.783 ? 1342 LYS A CA  1 
ATOM   1005 C  C   . LYS A 1 152 ? 10.564  7.983   0.140   1.000 10.821 ? 1342 LYS A C   1 
ATOM   1006 O  O   . LYS A 1 152 ? 10.914  6.985   -0.505  1.000 10.266 ? 1342 LYS A O   1 
ATOM   1007 C  CB  . LYS A 1 152 ? 12.286  9.064   1.613   1.000 12.642 ? 1342 LYS A CB  1 
ATOM   1008 C  CG  . LYS A 1 152 ? 13.487  9.986   1.713   1.000 13.578 ? 1342 LYS A CG  1 
ATOM   1009 C  CD  . LYS A 1 152 ? 14.367  9.605   2.873   1.000 14.650 ? 1342 LYS A CD  1 
ATOM   1010 C  CE  . LYS A 1 152 ? 15.394  10.658  3.199   1.000 15.724 ? 1342 LYS A CE  1 
ATOM   1011 N  NZ  . LYS A 1 152 ? 16.182  10.252  4.387   1.000 16.411 ? 1342 LYS A NZ  1 
ATOM   1012 N  N   . VAL A 1 153 ? 9.384   8.100   0.749   1.000 9.892  ? 1343 VAL A N   1 
ATOM   1013 C  CA  . VAL A 1 153 ? 8.320   7.057   0.701   1.000 9.566  ? 1343 VAL A CA  1 
ATOM   1014 C  C   . VAL A 1 153 ? 7.808   6.943   -0.742  1.000 9.488  ? 1343 VAL A C   1 
ATOM   1015 O  O   . VAL A 1 153 ? 7.687   5.809   -1.257  1.000 9.516  ? 1343 VAL A O   1 
ATOM   1016 C  CB  . VAL A 1 153 ? 7.203   7.376   1.715   1.000 9.438  ? 1343 VAL A CB  1 
ATOM   1017 C  CG1 . VAL A 1 153 ? 5.960   6.517   1.512   1.000 9.580  ? 1343 VAL A CG1 1 
ATOM   1018 C  CG2 . VAL A 1 153 ? 7.719   7.250   3.145   1.000 9.645  ? 1343 VAL A CG2 1 
ATOM   1019 N  N   . ALA A 1 154 ? 7.512   8.066   -1.391  1.000 9.395  ? 1344 ALA A N   1 
ATOM   1020 C  CA  . ALA A 1 154 ? 7.042   8.073   -2.797  1.000 9.573  ? 1344 ALA A CA  1 
ATOM   1021 C  C   . ALA A 1 154 ? 8.093   7.390   -3.685  1.000 9.637  ? 1344 ALA A C   1 
ATOM   1022 O  O   . ALA A 1 154 ? 7.738   6.495   -4.480  1.000 9.579  ? 1344 ALA A O   1 
ATOM   1023 C  CB  . ALA A 1 154 ? 6.753   9.478   -3.255  1.000 9.896  ? 1344 ALA A CB  1 
ATOM   1024 N  N   . GLU A 1 155 ? 9.360   7.784   -3.544  1.000 9.887  ? 1345 GLU A N   1 
ATOM   1025 C  CA  . GLU A 1 155 ? 10.480  7.205   -4.325  1.000 10.491 ? 1345 GLU A CA  1 
ATOM   1026 C  C   . GLU A 1 155 ? 10.510  5.693   -4.097  1.000 9.848  ? 1345 GLU A C   1 
ATOM   1027 O  O   . GLU A 1 155 ? 10.674  4.949   -5.074  1.000 9.476  ? 1345 GLU A O   1 
ATOM   1028 C  CB  . GLU A 1 155 ? 11.802  7.855   -3.927  1.000 11.501 ? 1345 GLU A CB  1 
ATOM   1029 C  CG  . GLU A 1 155 ? 12.960  7.512   -4.851  1.000 12.827 ? 1345 GLU A CG  1 
ATOM   1030 C  CD  . GLU A 1 155 ? 13.138  8.362   -6.104  1.000 14.738 ? 1345 GLU A CD  1 
ATOM   1031 O  OE1 . GLU A 1 155 ? 12.489  9.426   -6.231  1.000 16.449 ? 1345 GLU A OE1 1 
ATOM   1032 O  OE2 . GLU A 1 155 ? 13.952  7.962   -6.969  1.000 17.303 ? 1345 GLU A OE2 1 
ATOM   1033 N  N   . ALA A 1 156 ? 10.355  5.257   -2.844  1.000 9.478  ? 1346 ALA A N   1 
ATOM   1034 C  CA  . ALA A 1 156 ? 10.505  3.843   -2.439  1.000 9.628  ? 1346 ALA A CA  1 
ATOM   1035 C  C   . ALA A 1 156 ? 9.361   3.013   -3.026  1.000 9.214  ? 1346 ALA A C   1 
ATOM   1036 O  O   . ALA A 1 156 ? 9.613   1.911   -3.526  1.000 9.535  ? 1346 ALA A O   1 
ATOM   1037 C  CB  . ALA A 1 156 ? 10.555  3.738   -0.939  1.000 9.677  ? 1346 ALA A CB  1 
ATOM   1038 N  N   . ILE A 1 157 ? 8.131   3.513   -2.961  1.000 8.797  ? 1347 ILE A N   1 
ATOM   1039 C  CA  . ILE A 1 157 ? 6.946   2.758   -3.455  1.000 8.737  ? 1347 ILE A CA  1 
ATOM   1040 C  C   . ILE A 1 157 ? 7.079   2.574   -4.967  1.000 8.685  ? 1347 ILE A C   1 
ATOM   1041 O  O   . ILE A 1 157 ? 6.886   1.449   -5.453  1.000 8.790  ? 1347 ILE A O   1 
ATOM   1042 C  CB  . ILE A 1 157 ? 5.642   3.477   -3.058  1.000 8.766  ? 1347 ILE A CB  1 
ATOM   1043 C  CG1 . ILE A 1 157 ? 5.427   3.397   -1.544  1.000 8.841  ? 1347 ILE A CG1 1 
ATOM   1044 C  CG2 . ILE A 1 157 ? 4.466   2.921   -3.840  1.000 8.976  ? 1347 ILE A CG2 1 
ATOM   1045 C  CD1 . ILE A 1 157 ? 4.273   4.221   -1.034  1.000 8.969  ? 1347 ILE A CD1 1 
ATOM   1046 N  N   . ILE A 1 158 ? 7.398   3.641   -5.695  1.000 8.533  ? 1348 ILE A N   1 
ATOM   1047 C  CA  . ILE A 1 158 ? 7.430   3.560   -7.180  1.000 8.776  ? 1348 ILE A CA  1 
ATOM   1048 C  C   . ILE A 1 158 ? 8.656   2.734   -7.592  1.000 9.112  ? 1348 ILE A C   1 
ATOM   1049 O  O   . ILE A 1 158 ? 8.518   1.922   -8.507  1.000 8.945  ? 1348 ILE A O   1 
ATOM   1050 C  CB  . ILE A 1 158 ? 7.362   4.957   -7.820  1.000 8.946  ? 1348 ILE A CB  1 
ATOM   1051 C  CG1 . ILE A 1 158 ? 6.141   5.733   -7.316  1.000 8.937  ? 1348 ILE A CG1 1 
ATOM   1052 C  CG2 . ILE A 1 158 ? 7.355   4.831   -9.334  1.000 9.202  ? 1348 ILE A CG2 1 
ATOM   1053 C  CD1 . ILE A 1 158 ? 6.103   7.174   -7.746  1.000 9.129  ? 1348 ILE A CD1 1 
ATOM   1054 N  N   . ASP A 1 159 ? 9.793   2.890   -6.910  1.000 9.380  ? 1349 ASP A N   1 
ATOM   1055 C  CA  . ASP A 1 159 ? 11.002  2.064   -7.184  1.000 10.098 ? 1349 ASP A CA  1 
ATOM   1056 C  C   . ASP A 1 159 ? 10.676  0.571   -7.008  1.000 9.894  ? 1349 ASP A C   1 
ATOM   1057 O  O   . ASP A 1 159 ? 11.158  -0.241  -7.822  1.000 10.093 ? 1349 ASP A O   1 
ATOM   1058 C  CB  . ASP A 1 159 ? 12.173  2.455   -6.280  1.000 11.036 ? 1349 ASP A CB  1 
ATOM   1059 C  CG  . ASP A 1 159 ? 12.916  3.720   -6.663  1.000 12.124 ? 1349 ASP A CG  1 
ATOM   1060 O  OD1 . ASP A 1 159 ? 12.575  4.336   -7.689  1.000 13.333 ? 1349 ASP A OD1 1 
ATOM   1061 O  OD2 . ASP A 1 159 ? 13.857  4.076   -5.922  1.000 13.741 ? 1349 ASP A OD2 1 
ATOM   1062 N  N   . ALA A 1 160 ? 9.924   0.196   -5.972  1.000 9.686  ? 1350 ALA A N   1 
ATOM   1063 C  CA  . ALA A 1 160 ? 9.549   -1.214  -5.716  1.000 9.323  ? 1350 ALA A CA  1 
ATOM   1064 C  C   . ALA A 1 160 ? 8.750   -1.756  -6.904  1.000 9.297  ? 1350 ALA A C   1 
ATOM   1065 O  O   . ALA A 1 160 ? 9.014   -2.885  -7.346  1.000 9.839  ? 1350 ALA A O   1 
ATOM   1066 C  CB  . ALA A 1 160 ? 8.769   -1.344  -4.433  1.000 9.221  ? 1350 ALA A CB  1 
ATOM   1067 N  N   . ILE A 1 161 ? 7.793   -0.979  -7.413  1.000 9.235  ? 1351 ILE A N   1 
ATOM   1068 C  CA  . ILE A 1 161 ? 6.963   -1.431  -8.566  1.000 9.372  ? 1351 ILE A CA  1 
ATOM   1069 C  C   . ILE A 1 161 ? 7.849   -1.534  -9.813  1.000 10.029 ? 1351 ILE A C   1 
ATOM   1070 O  O   . ILE A 1 161 ? 7.705   -2.524  -10.540 1.000 9.889  ? 1351 ILE A O   1 
ATOM   1071 C  CB  . ILE A 1 161 ? 5.751   -0.509  -8.778  1.000 9.399  ? 1351 ILE A CB  1 
ATOM   1072 C  CG1 . ILE A 1 161 ? 4.882   -0.441  -7.521  1.000 9.450  ? 1351 ILE A CG1 1 
ATOM   1073 C  CG2 . ILE A 1 161 ? 4.956   -0.961  -9.986  1.000 9.491  ? 1351 ILE A CG2 1 
ATOM   1074 C  CD1 . ILE A 1 161 ? 3.933   0.733   -7.495  1.000 9.622  ? 1351 ILE A CD1 1 
ATOM   1075 N  N   . GLU A 1 162 ? 8.733   -0.564  -10.050 1.000 10.619 ? 1352 GLU A N   1 
ATOM   1076 C  CA  . GLU A 1 162 ? 9.644   -0.594  -11.228 1.000 11.696 ? 1352 GLU A CA  1 
ATOM   1077 C  C   . GLU A 1 162 ? 10.516  -1.850  -11.153 1.000 11.842 ? 1352 GLU A C   1 
ATOM   1078 O  O   . GLU A 1 162 ? 10.674  -2.508  -12.186 1.000 12.164 ? 1352 GLU A O   1 
ATOM   1079 C  CB  . GLU A 1 162 ? 10.545  0.638   -11.301 1.000 12.738 ? 1352 GLU A CB  1 
ATOM   1080 C  CG  . GLU A 1 162 ? 11.369  0.683   -12.579 1.000 13.925 ? 1352 GLU A CG  1 
ATOM   1081 C  CD  . GLU A 1 162 ? 12.398  1.796   -12.680 1.000 15.362 ? 1352 GLU A CD  1 
ATOM   1082 O  OE1 . GLU A 1 162 ? 12.154  2.887   -12.144 1.000 15.298 ? 1352 GLU A OE1 1 
ATOM   1083 O  OE2 . GLU A 1 162 ? 13.453  1.564   -13.315 1.000 19.733 ? 1352 GLU A OE2 1 
ATOM   1084 N  N   . ASP A 1 163 ? 11.072  -2.162  -9.980  1.000 12.417 ? 1353 ASP A N   1 
ATOM   1085 C  CA  . ASP A 1 163 ? 11.961  -3.344  -9.807  1.000 13.333 ? 1353 ASP A CA  1 
ATOM   1086 C  C   . ASP A 1 163 ? 11.167  -4.620  -10.108 1.000 12.470 ? 1353 ASP A C   1 
ATOM   1087 O  O   . ASP A 1 163 ? 11.672  -5.507  -10.825 1.000 11.695 ? 1353 ASP A O   1 
ATOM   1088 C  CB  . ASP A 1 163 ? 12.560  -3.376  -8.403  1.000 15.124 ? 1353 ASP A CB  1 
ATOM   1089 C  CG  . ASP A 1 163 ? 13.730  -2.428  -8.215  1.000 17.728 ? 1353 ASP A CG  1 
ATOM   1090 O  OD1 . ASP A 1 163 ? 14.040  -1.665  -9.154  1.000 20.565 ? 1353 ASP A OD1 1 
ATOM   1091 O  OD2 . ASP A 1 163 ? 14.322  -2.463  -7.127  1.000 21.827 ? 1353 ASP A OD2 1 
ATOM   1092 N  N   . PHE A 1 164 ? 9.956   -4.709  -9.572  1.000 11.816 ? 1354 PHE A N   1 
ATOM   1093 C  CA  . PHE A 1 164 ? 9.033   -5.855  -9.768  1.000 11.924 ? 1354 PHE A CA  1 
ATOM   1094 C  C   . PHE A 1 164 ? 8.797   -6.058  -11.267 1.000 11.846 ? 1354 PHE A C   1 
ATOM   1095 O  O   . PHE A 1 164 ? 8.896   -7.193  -11.767 1.000 11.324 ? 1354 PHE A O   1 
ATOM   1096 C  CB  . PHE A 1 164 ? 7.752   -5.566  -8.992  1.000 12.072 ? 1354 PHE A CB  1 
ATOM   1097 C  CG  . PHE A 1 164 ? 6.677   -6.615  -9.073  1.000 12.283 ? 1354 PHE A CG  1 
ATOM   1098 C  CD1 . PHE A 1 164 ? 6.741   -7.764  -8.305  1.000 12.866 ? 1354 PHE A CD1 1 
ATOM   1099 C  CD2 . PHE A 1 164 ? 5.562   -6.406  -9.872  1.000 13.139 ? 1354 PHE A CD2 1 
ATOM   1100 C  CE1 . PHE A 1 164 ? 5.717   -8.700  -8.360  1.000 12.756 ? 1354 PHE A CE1 1 
ATOM   1101 C  CE2 . PHE A 1 164 ? 4.546   -7.343  -9.933  1.000 13.323 ? 1354 PHE A CE2 1 
ATOM   1102 C  CZ  . PHE A 1 164 ? 4.631   -8.491  -9.182  1.000 12.968 ? 1354 PHE A CZ  1 
ATOM   1103 N  N   . VAL A 1 165 ? 8.520   -4.968  -11.980 1.000 11.898 ? 1355 VAL A N   1 
ATOM   1104 C  CA  . VAL A 1 165 ? 8.200   -5.001  -13.435 1.000 12.752 ? 1355 VAL A CA  1 
ATOM   1105 C  C   . VAL A 1 165 ? 9.469   -5.393  -14.200 1.000 13.469 ? 1355 VAL A C   1 
ATOM   1106 O  O   . VAL A 1 165 ? 9.378   -6.254  -15.096 1.000 13.652 ? 1355 VAL A O   1 
ATOM   1107 C  CB  . VAL A 1 165 ? 7.613   -3.653  -13.895 1.000 13.077 ? 1355 VAL A CB  1 
ATOM   1108 C  CG1 . VAL A 1 165 ? 7.711   -3.455  -15.400 1.000 13.955 ? 1355 VAL A CG1 1 
ATOM   1109 C  CG2 . VAL A 1 165 ? 6.177   -3.490  -13.415 1.000 13.180 ? 1355 VAL A CG2 1 
ATOM   1110 N  N   . GLN A 1 166 ? 10.607  -4.796  -13.848 1.000 14.432 ? 1356 GLN A N   1 
ATOM   1111 C  CA  . GLN A 1 166 ? 11.913  -5.022  -14.531 1.000 16.105 ? 1356 GLN A CA  1 
ATOM   1112 C  C   . GLN A 1 166 ? 12.289  -6.507  -14.433 1.000 16.299 ? 1356 GLN A C   1 
ATOM   1113 O  O   . GLN A 1 166 ? 12.861  -7.033  -15.411 1.000 16.127 ? 1356 GLN A O   1 
ATOM   1114 C  CB  . GLN A 1 166 ? 12.988  -4.109  -13.936 1.000 17.347 ? 1356 GLN A CB  1 
ATOM   1115 C  CG  . GLN A 1 166 ? 14.329  -4.175  -14.661 1.000 19.150 ? 1356 GLN A CG  1 
ATOM   1116 C  CD  . GLN A 1 166 ? 15.154  -5.371  -14.251 1.000 21.053 ? 1356 GLN A CD  1 
ATOM   1117 O  OE1 . GLN A 1 166 ? 15.146  -5.798  -13.096 1.000 25.336 ? 1356 GLN A OE1 1 
ATOM   1118 N  NE2 . GLN A 1 166 ? 15.893  -5.919  -15.204 1.000 24.144 ? 1356 GLN A NE2 1 
ATOM   1119 N  N   . LYS A 1 167 ? 11.962  -7.160  -13.316 1.000 16.769 ? 1357 LYS A N   1 
ATOM   1120 C  CA  . LYS A 1 167 ? 12.280  -8.594  -13.074 1.000 18.117 ? 1357 LYS A CA  1 
ATOM   1121 C  C   . LYS A 1 167 ? 11.319  -9.493  -13.861 1.000 17.360 ? 1357 LYS A C   1 
ATOM   1122 O  O   . LYS A 1 167 ? 11.520  -10.726 -13.826 1.000 19.216 ? 1357 LYS A O   1 
ATOM   1123 C  CB  . LYS A 1 167 ? 12.198  -8.922  -11.580 1.000 20.158 ? 1357 LYS A CB  1 
ATOM   1124 C  CG  . LYS A 1 167 ? 13.346  -8.384  -10.739 1.000 22.961 ? 1357 LYS A CG  1 
ATOM   1125 C  CD  . LYS A 1 167 ? 13.205  -8.725  -9.277  1.000 25.411 ? 1357 LYS A CD  1 
ATOM   1126 C  CE  . LYS A 1 167 ? 14.263  -8.069  -8.417  1.000 27.549 ? 1357 LYS A CE  1 
ATOM   1127 N  NZ  . LYS A 1 167 ? 14.088  -8.422  -6.989  1.000 29.310 ? 1357 LYS A NZ  1 
ATOM   1128 N  N   . GLY A 1 168 ? 10.310  -8.919  -14.525 1.000 15.944 ? 1358 GLY A N   1 
ATOM   1129 C  CA  . GLY A 1 168 ? 9.283   -9.659  -15.281 1.000 15.790 ? 1358 GLY A CA  1 
ATOM   1130 C  C   . GLY A 1 168 ? 8.259   -10.315 -14.368 1.000 15.481 ? 1358 GLY A C   1 
ATOM   1131 O  O   . GLY A 1 168 ? 7.571   -11.258 -14.820 1.000 15.743 ? 1358 GLY A O   1 
ATOM   1132 N  N   . SER A 1 169 ? 8.122   -9.826  -13.135 1.000 15.152 ? 1359 SER A N   1 
ATOM   1133 C  CA  . SER A 1 169 ? 7.319   -10.482 -12.071 1.000 14.880 ? 1359 SER A CA  1 
ATOM   1134 C  C   . SER A 1 169 ? 5.824   -10.179 -12.218 1.000 14.702 ? 1359 SER A C   1 
ATOM   1135 O  O   . SER A 1 169 ? 5.027   -10.938 -11.653 1.000 15.915 ? 1359 SER A O   1 
ATOM   1136 C  CB  . SER A 1 169 ? 7.811   -10.085 -10.712 1.000 14.639 ? 1359 SER A CB  1 
ATOM   1137 O  OG  . SER A 1 169 ? 9.116   -10.584 -10.485 1.000 15.501 ? 1359 SER A OG  1 
ATOM   1138 N  N   . ALA A 1 170 ? 5.442   -9.093  -12.891 1.000 14.693 ? 1360 ALA A N   1 
ATOM   1139 C  CA  . ALA A 1 170 ? 4.021   -8.722  -13.077 1.000 14.446 ? 1360 ALA A CA  1 
ATOM   1140 C  C   . ALA A 1 170 ? 3.331   -9.794  -13.921 1.000 14.282 ? 1360 ALA A C   1 
ATOM   1141 O  O   . ALA A 1 170 ? 3.665   -9.938  -15.122 1.000 16.041 ? 1360 ALA A O   1 
ATOM   1142 C  CB  . ALA A 1 170 ? 3.884   -7.360  -13.711 1.000 14.738 ? 1360 ALA A CB  1 
ATOM   1143 N  N   . GLN A 1 171 ? 2.413   -10.536 -13.310 1.000 12.942 ? 1361 GLN A N   1 
ATOM   1144 C  CA  . GLN A 1 171 ? 1.583   -11.540 -14.007 1.000 12.801 ? 1361 GLN A CA  1 
ATOM   1145 C  C   . GLN A 1 171 ? 0.120   -11.240 -13.685 1.000 11.761 ? 1361 GLN A C   1 
ATOM   1146 O  O   . GLN A 1 171 ? -0.596  -10.720 -14.567 1.000 11.785 ? 1361 GLN A O   1 
ATOM   1147 C  CB  . GLN A 1 171 ? 2.053   -12.936 -13.604 1.000 13.700 ? 1361 GLN A CB  1 
ATOM   1148 C  CG  . GLN A 1 171 ? 3.469   -13.238 -14.068 1.000 14.945 ? 1361 GLN A CG  1 
ATOM   1149 C  CD  . GLN A 1 171 ? 3.539   -13.522 -15.549 1.000 16.067 ? 1361 GLN A CD  1 
ATOM   1150 O  OE1 . GLN A 1 171 ? 3.666   -12.616 -16.376 1.000 17.713 ? 1361 GLN A OE1 1 
ATOM   1151 N  NE2 . GLN A 1 171 ? 3.469   -14.796 -15.897 1.000 16.017 ? 1361 GLN A NE2 1 
ATOM   1152 N  N   . SER A 1 172 ? -0.297  -11.522 -12.452 1.000 11.142 ? 1362 SER A N   1 
ATOM   1153 C  CA  . SER A 1 172 ? -1.685  -11.294 -11.982 1.000 10.543 ? 1362 SER A CA  1 
ATOM   1154 C  C   . SER A 1 172 ? -1.874  -9.824  -11.603 1.000 9.911  ? 1362 SER A C   1 
ATOM   1155 O  O   . SER A 1 172 ? -2.976  -9.313  -11.818 1.000 9.466  ? 1362 SER A O   1 
ATOM   1156 C  CB  . SER A 1 172 ? -2.036  -12.200 -10.837 1.000 10.815 ? 1362 SER A CB  1 
ATOM   1157 O  OG  . SER A 1 172 ? -2.194  -13.544 -11.281 1.000 11.790 ? 1362 SER A OG  1 
ATOM   1158 N  N   . VAL A 1 173 ? -0.855  -9.177  -11.029 1.000 9.657  ? 1363 VAL A N   1 
ATOM   1159 C  CA  . VAL A 1 173 ? -0.992  -7.786  -10.501 1.000 9.919  ? 1363 VAL A CA  1 
ATOM   1160 C  C   . VAL A 1 173 ? -1.142  -6.831  -11.691 1.000 10.179 ? 1363 VAL A C   1 
ATOM   1161 O  O   . VAL A 1 173 ? -0.250  -6.794  -12.550 1.000 10.701 ? 1363 VAL A O   1 
ATOM   1162 C  CB  . VAL A 1 173 ? 0.170   -7.394  -9.575  1.000 9.709  ? 1363 VAL A CB  1 
ATOM   1163 C  CG1 . VAL A 1 173 ? 0.125   -5.912  -9.201  1.000 9.592  ? 1363 VAL A CG1 1 
ATOM   1164 C  CG2 . VAL A 1 173 ? 0.157   -8.261  -8.325  1.000 9.580  ? 1363 VAL A CG2 1 
ATOM   1165 N  N   . LYS A 1 174 ? -2.263  -6.109  -11.744 1.000 10.779 ? 1364 LYS A N   1 
ATOM   1166 C  CA  . LYS A 1 174 ? -2.615  -5.194  -12.861 1.000 11.525 ? 1364 LYS A CA  1 
ATOM   1167 C  C   . LYS A 1 174 ? -2.722  -3.745  -12.374 1.000 11.158 ? 1364 LYS A C   1 
ATOM   1168 O  O   . LYS A 1 174 ? -2.527  -2.843  -13.199 1.000 10.688 ? 1364 LYS A O   1 
ATOM   1169 C  CB  . LYS A 1 174 ? -3.948  -5.622  -13.483 1.000 13.232 ? 1364 LYS A CB  1 
ATOM   1170 C  CG  . LYS A 1 174 ? -3.964  -7.001  -14.136 1.000 15.521 ? 1364 LYS A CG  1 
ATOM   1171 C  CD  . LYS A 1 174 ? -2.787  -7.276  -15.025 1.000 17.749 ? 1364 LYS A CD  1 
ATOM   1172 C  CE  . LYS A 1 174 ? -2.976  -8.501  -15.893 1.000 19.813 ? 1364 LYS A CE  1 
ATOM   1173 N  NZ  . LYS A 1 174 ? -1.881  -8.643  -16.882 1.000 21.884 ? 1364 LYS A NZ  1 
ATOM   1174 N  N   . LYS A 1 175 ? -3.044  -3.519  -11.101 1.000 10.850 ? 1365 LYS A N   1 
ATOM   1175 C  CA  . LYS A 1 175 ? -3.356  -2.158  -10.607 1.000 11.009 ? 1365 LYS A CA  1 
ATOM   1176 C  C   . LYS A 1 175 ? -2.828  -2.004  -9.182  1.000 9.998  ? 1365 LYS A C   1 
ATOM   1177 O  O   . LYS A 1 175 ? -3.156  -2.837  -8.323  1.000 9.284  ? 1365 LYS A O   1 
ATOM   1178 C  CB  . LYS A 1 175 ? -4.861  -1.891  -10.666 1.000 12.522 ? 1365 LYS A CB  1 
ATOM   1179 C  CG  . LYS A 1 175 ? -5.263  -0.517  -10.143 1.000 14.297 ? 1365 LYS A CG  1 
ATOM   1180 C  CD  . LYS A 1 175 ? -6.711  -0.157  -10.360 1.000 16.561 ? 1365 LYS A CD  1 
ATOM   1181 C  CE  . LYS A 1 175 ? -6.973  1.290   -10.001 1.000 18.036 ? 1365 LYS A CE  1 
ATOM   1182 N  NZ  . LYS A 1 175 ? -8.377  1.679   -10.267 1.000 19.924 ? 1365 LYS A NZ  1 
ATOM   1183 N  N   . VAL A 1 176 ? -2.038  -0.956  -8.962  1.000 9.060  ? 1366 VAL A N   1 
ATOM   1184 C  CA  . VAL A 1 176 ? -1.538  -0.559  -7.622  1.000 8.973  ? 1366 VAL A CA  1 
ATOM   1185 C  C   . VAL A 1 176 ? -1.981  0.881   -7.388  1.000 8.764  ? 1366 VAL A C   1 
ATOM   1186 O  O   . VAL A 1 176 ? -1.619  1.747   -8.189  1.000 8.729  ? 1366 VAL A O   1 
ATOM   1187 C  CB  . VAL A 1 176 ? -0.010  -0.723  -7.520  1.000 8.938  ? 1366 VAL A CB  1 
ATOM   1188 C  CG1 . VAL A 1 176 ? 0.500   -0.282  -6.156  1.000 9.315  ? 1366 VAL A CG1 1 
ATOM   1189 C  CG2 . VAL A 1 176 ? 0.413   -2.154  -7.832  1.000 9.265  ? 1366 VAL A CG2 1 
ATOM   1190 N  N   . LYS A 1 177 ? -2.798  1.093   -6.363  1.000 8.688  ? 1367 LYS A N   1 
ATOM   1191 C  CA  . LYS A 1 177 ? -3.412  2.407   -6.071  1.000 8.765  ? 1367 LYS A CA  1 
ATOM   1192 C  C   . LYS A 1 177 ? -2.941  2.859   -4.694  1.000 8.529  ? 1367 LYS A C   1 
ATOM   1193 O  O   . LYS A 1 177 ? -3.143  2.105   -3.724  1.000 9.156  ? 1367 LYS A O   1 
ATOM   1194 C  CB  . LYS A 1 177 ? -4.934  2.310   -6.125  1.000 9.183  ? 1367 LYS A CB  1 
ATOM   1195 C  CG  . LYS A 1 177 ? -5.649  3.647   -6.022  1.000 9.886  ? 1367 LYS A CG  1 
ATOM   1196 C  CD  . LYS A 1 177 ? -7.138  3.497   -6.015  1.000 10.342 ? 1367 LYS A CD  1 
ATOM   1197 C  CE  . LYS A 1 177 ? -7.849  4.828   -5.946  1.000 11.009 ? 1367 LYS A CE  1 
ATOM   1198 N  NZ  . LYS A 1 177 ? -9.302  4.656   -6.159  1.000 11.685 ? 1367 LYS A NZ  1 
ATOM   1199 N  N   . VAL A 1 178 ? -2.353  4.047   -4.606  1.000 7.867  ? 1368 VAL A N   1 
ATOM   1200 C  CA  . VAL A 1 178 ? -1.976  4.644   -3.297  1.000 7.815  ? 1368 VAL A CA  1 
ATOM   1201 C  C   . VAL A 1 178 ? -3.076  5.635   -2.945  1.000 7.796  ? 1368 VAL A C   1 
ATOM   1202 O  O   . VAL A 1 178 ? -3.285  6.583   -3.720  1.000 7.823  ? 1368 VAL A O   1 
ATOM   1203 C  CB  . VAL A 1 178 ? -0.592  5.313   -3.318  1.000 7.701  ? 1368 VAL A CB  1 
ATOM   1204 C  CG1 . VAL A 1 178 ? -0.108  5.592   -1.899  1.000 7.799  ? 1368 VAL A CG1 1 
ATOM   1205 C  CG2 . VAL A 1 178 ? 0.424   4.478   -4.083  1.000 7.786  ? 1368 VAL A CG2 1 
ATOM   1206 N  N   . VAL A 1 179 ? -3.797  5.370   -1.863  1.000 8.011  ? 1369 VAL A N   1 
ATOM   1207 C  CA  . VAL A 1 179 ? -4.836  6.314   -1.374  1.000 8.020  ? 1369 VAL A CA  1 
ATOM   1208 C  C   . VAL A 1 179 ? -4.248  6.995   -0.146  1.000 8.156  ? 1369 VAL A C   1 
ATOM   1209 O  O   . VAL A 1 179 ? -3.940  6.298   0.831   1.000 8.157  ? 1369 VAL A O   1 
ATOM   1210 C  CB  . VAL A 1 179 ? -6.192  5.636   -1.117  1.000 8.344  ? 1369 VAL A CB  1 
ATOM   1211 C  CG1 . VAL A 1 179 ? -7.139  6.576   -0.385  1.000 8.519  ? 1369 VAL A CG1 1 
ATOM   1212 C  CG2 . VAL A 1 179 ? -6.788  5.169   -2.432  1.000 8.745  ? 1369 VAL A CG2 1 
ATOM   1213 N  N   . ILE A 1 180 ? -4.056  8.306   -0.257  1.000 8.095  ? 1370 ILE A N   1 
ATOM   1214 C  CA  . ILE A 1 180 ? -3.172  9.109   0.625   1.000 8.444  ? 1370 ILE A CA  1 
ATOM   1215 C  C   . ILE A 1 180 ? -4.045  10.010  1.503   1.000 8.460  ? 1370 ILE A C   1 
ATOM   1216 O  O   . ILE A 1 180 ? -4.909  10.733  0.978   1.000 8.364  ? 1370 ILE A O   1 
ATOM   1217 C  CB  . ILE A 1 180 ? -2.181  9.891   -0.251  1.000 8.405  ? 1370 ILE A CB  1 
ATOM   1218 C  CG1 . ILE A 1 180 ? -1.366  8.935   -1.130  1.000 8.493  ? 1370 ILE A CG1 1 
ATOM   1219 C  CG2 . ILE A 1 180 ? -1.299  10.794  0.590   1.000 8.647  ? 1370 ILE A CG2 1 
ATOM   1220 C  CD1 . ILE A 1 180 ? -0.597  9.618   -2.232  1.000 8.626  ? 1370 ILE A CD1 1 
ATOM   1221 N  N   . PHE A 1 181 ? -3.848  9.938   2.815   1.000 9.114  ? 1371 PHE A N   1 
ATOM   1222 C  CA  . PHE A 1 181 ? -4.660  10.698  3.796   1.000 10.083 ? 1371 PHE A CA  1 
ATOM   1223 C  C   . PHE A 1 181 ? -4.545  12.207  3.511   1.000 10.051 ? 1371 PHE A C   1 
ATOM   1224 O  O   . PHE A 1 181 ? -5.598  12.882  3.427   1.000 9.965  ? 1371 PHE A O   1 
ATOM   1225 C  CB  . PHE A 1 181 ? -4.235  10.331  5.217   1.000 11.186 ? 1371 PHE A CB  1 
ATOM   1226 C  CG  . PHE A 1 181 ? -5.061  10.983  6.292   1.000 12.494 ? 1371 PHE A CG  1 
ATOM   1227 C  CD1 . PHE A 1 181 ? -6.273  10.432  6.680   1.000 13.733 ? 1371 PHE A CD1 1 
ATOM   1228 C  CD2 . PHE A 1 181 ? -4.633  12.150  6.902   1.000 13.713 ? 1371 PHE A CD2 1 
ATOM   1229 C  CE1 . PHE A 1 181 ? -7.033  11.033  7.674   1.000 14.567 ? 1371 PHE A CE1 1 
ATOM   1230 C  CE2 . PHE A 1 181 ? -5.390  12.745  7.901   1.000 14.631 ? 1371 PHE A CE2 1 
ATOM   1231 C  CZ  . PHE A 1 181 ? -6.585  12.183  8.283   1.000 14.752 ? 1371 PHE A CZ  1 
ATOM   1232 N  N   . LEU A 1 182 ? -3.323  12.719  3.346   1.000 9.726  ? 1372 LEU A N   1 
ATOM   1233 C  CA  . LEU A 1 182 ? -3.069  14.174  3.177   1.000 9.826  ? 1372 LEU A CA  1 
ATOM   1234 C  C   . LEU A 1 182 ? -2.888  14.530  1.706   1.000 9.734  ? 1372 LEU A C   1 
ATOM   1235 O  O   . LEU A 1 182 ? -1.980  14.036  1.046   1.000 9.654  ? 1372 LEU A O   1 
ATOM   1236 C  CB  . LEU A 1 182 ? -1.811  14.574  3.944   1.000 10.422 ? 1372 LEU A CB  1 
ATOM   1237 C  CG  . LEU A 1 182 ? -1.862  14.383  5.454   1.000 10.706 ? 1372 LEU A CG  1 
ATOM   1238 C  CD1 . LEU A 1 182 ? -0.512  14.730  6.054   1.000 11.126 ? 1372 LEU A CD1 1 
ATOM   1239 C  CD2 . LEU A 1 182 ? -2.971  15.221  6.073   1.000 11.189 ? 1372 LEU A CD2 1 
ATOM   1240 N  N   . PRO A 1 183 ? -3.710  15.451  1.163   1.000 9.434  ? 1373 PRO A N   1 
ATOM   1241 C  CA  . PRO A 1 183 ? -3.473  15.979  -0.178  1.000 9.534  ? 1373 PRO A CA  1 
ATOM   1242 C  C   . PRO A 1 183 ? -2.046  16.515  -0.385  1.000 9.503  ? 1373 PRO A C   1 
ATOM   1243 O  O   . PRO A 1 183 ? -1.528  16.421  -1.476  1.000 9.317  ? 1373 PRO A O   1 
ATOM   1244 C  CB  . PRO A 1 183 ? -4.524  17.087  -0.300  1.000 9.634  ? 1373 PRO A CB  1 
ATOM   1245 C  CG  . PRO A 1 183 ? -5.654  16.615  0.585   1.000 9.529  ? 1373 PRO A CG  1 
ATOM   1246 C  CD  . PRO A 1 183 ? -4.963  15.951  1.757   1.000 9.376  ? 1373 PRO A CD  1 
ATOM   1247 N  N   . GLN A 1 184 ? -1.409  17.069  0.650   1.000 9.276  ? 1374 GLN A N   1 
ATOM   1248 C  CA  . GLN A 1 184 ? -0.040  17.630  0.495   1.000 9.630  ? 1374 GLN A CA  1 
ATOM   1249 C  C   . GLN A 1 184 ? 0.943   16.491  0.195   1.000 9.306  ? 1374 GLN A C   1 
ATOM   1250 O  O   . GLN A 1 184 ? 1.950   16.734  -0.483  1.000 9.991  ? 1374 GLN A O   1 
ATOM   1251 C  CB  . GLN A 1 184 ? 0.385   18.421  1.730   1.000 9.985  ? 1374 GLN A CB  1 
ATOM   1252 C  CG  . GLN A 1 184 ? 0.573   17.568  2.973   1.000 10.076 ? 1374 GLN A CG  1 
ATOM   1253 C  CD  . GLN A 1 184 ? 0.518   18.405  4.225   1.000 10.382 ? 1374 GLN A CD  1 
ATOM   1254 O  OE1 . GLN A 1 184 ? -0.500  19.029  4.527   1.000 11.117 ? 1374 GLN A OE1 1 
ATOM   1255 N  NE2 . GLN A 1 184 ? 1.611   18.402  4.972   1.000 11.017 ? 1374 GLN A NE2 1 
ATOM   1256 N  N   . VAL A 1 185 ? 0.660   15.279  0.667   1.000 9.052  ? 1375 VAL A N   1 
ATOM   1257 C  CA  . VAL A 1 185 ? 1.519   14.099  0.370   1.000 8.739  ? 1375 VAL A CA  1 
ATOM   1258 C  C   . VAL A 1 185 ? 1.172   13.598  -1.039  1.000 8.775  ? 1375 VAL A C   1 
ATOM   1259 O  O   . VAL A 1 185 ? 2.090   13.171  -1.744  1.000 8.563  ? 1375 VAL A O   1 
ATOM   1260 C  CB  . VAL A 1 185 ? 1.379   13.009  1.447   1.000 8.715  ? 1375 VAL A CB  1 
ATOM   1261 C  CG1 . VAL A 1 185 ? 2.092   11.722  1.051   1.000 8.837  ? 1375 VAL A CG1 1 
ATOM   1262 C  CG2 . VAL A 1 185 ? 1.892   13.503  2.789   1.000 8.721  ? 1375 VAL A CG2 1 
ATOM   1263 N  N   . LEU A 1 186 ? -0.097  13.660  -1.450  1.000 9.201  ? 1376 LEU A N   1 
ATOM   1264 C  CA  . LEU A 1 186 ? -0.493  13.353  -2.853  1.000 9.515  ? 1376 LEU A CA  1 
ATOM   1265 C  C   . LEU A 1 186 ? 0.349   14.214  -3.806  1.000 9.625  ? 1376 LEU A C   1 
ATOM   1266 O  O   . LEU A 1 186 ? 0.871   13.680  -4.803  1.000 9.424  ? 1376 LEU A O   1 
ATOM   1267 C  CB  . LEU A 1 186 ? -1.996  13.585  -3.040  1.000 10.050 ? 1376 LEU A CB  1 
ATOM   1268 C  CG  . LEU A 1 186 ? -2.513  13.547  -4.479  1.000 10.688 ? 1376 LEU A CG  1 
ATOM   1269 C  CD1 . LEU A 1 186 ? -2.313  12.175  -5.097  1.000 10.912 ? 1376 LEU A CD1 1 
ATOM   1270 C  CD2 . LEU A 1 186 ? -3.982  13.947  -4.545  1.000 11.224 ? 1376 LEU A CD2 1 
ATOM   1271 N  N   . ASP A 1 187 ? 0.530   15.496  -3.493  1.000 9.778  ? 1377 ASP A N   1 
ATOM   1272 C  CA  . ASP A 1 187 ? 1.317   16.429  -4.342  1.000 10.277 ? 1377 ASP A CA  1 
ATOM   1273 C  C   . ASP A 1 187 ? 2.750   15.899  -4.518  1.000 9.519  ? 1377 ASP A C   1 
ATOM   1274 O  O   . ASP A 1 187 ? 3.300   16.008  -5.628  1.000 9.288  ? 1377 ASP A O   1 
ATOM   1275 C  CB  . ASP A 1 187 ? 1.296   17.841  -3.754  1.000 11.227 ? 1377 ASP A CB  1 
ATOM   1276 C  CG  . ASP A 1 187 ? -0.071  18.503  -3.794  1.000 12.539 ? 1377 ASP A CG  1 
ATOM   1277 O  OD1 . ASP A 1 187 ? -0.904  18.094  -4.631  1.000 14.732 ? 1377 ASP A OD1 1 
ATOM   1278 O  OD2 . ASP A 1 187 ? -0.306  19.403  -2.956  1.000 14.949 ? 1377 ASP A OD2 1 
ATOM   1279 N  N   . VAL A 1 188 ? 3.346   15.347  -3.463  1.000 9.323  ? 1378 VAL A N   1 
ATOM   1280 C  CA  . VAL A 1 188 ? 4.721   14.769  -3.500  1.000 9.281  ? 1378 VAL A CA  1 
ATOM   1281 C  C   . VAL A 1 188 ? 4.730   13.552  -4.442  1.000 8.919  ? 1378 VAL A C   1 
ATOM   1282 O  O   . VAL A 1 188 ? 5.686   13.394  -5.231  1.000 9.028  ? 1378 VAL A O   1 
ATOM   1283 C  CB  . VAL A 1 188 ? 5.209   14.412  -2.084  1.000 9.528  ? 1378 VAL A CB  1 
ATOM   1284 C  CG1 . VAL A 1 188 ? 6.526   13.649  -2.105  1.000 9.553  ? 1378 VAL A CG1 1 
ATOM   1285 C  CG2 . VAL A 1 188 ? 5.331   15.660  -1.221  1.000 9.498  ? 1378 VAL A CG2 1 
ATOM   1286 N  N   . PHE A 1 189 ? 3.716   12.690  -4.373  1.000 8.939  ? 1379 PHE A N   1 
ATOM   1287 C  CA  . PHE A 1 189 ? 3.642   11.486  -5.242  1.000 8.832  ? 1379 PHE A CA  1 
ATOM   1288 C  C   . PHE A 1 189 ? 3.512   11.930  -6.701  1.000 9.151  ? 1379 PHE A C   1 
ATOM   1289 O  O   . PHE A 1 189 ? 4.201   11.377  -7.575  1.000 8.873  ? 1379 PHE A O   1 
ATOM   1290 C  CB  . PHE A 1 189 ? 2.498   10.564  -4.826  1.000 8.559  ? 1379 PHE A CB  1 
ATOM   1291 C  CG  . PHE A 1 189 ? 2.848   9.601   -3.718  1.000 8.539  ? 1379 PHE A CG  1 
ATOM   1292 C  CD1 . PHE A 1 189 ? 3.001   10.047  -2.416  1.000 8.743  ? 1379 PHE A CD1 1 
ATOM   1293 C  CD2 . PHE A 1 189 ? 3.007   8.248   -3.978  1.000 8.609  ? 1379 PHE A CD2 1 
ATOM   1294 C  CE1 . PHE A 1 189 ? 3.328   9.167   -1.399  1.000 8.775  ? 1379 PHE A CE1 1 
ATOM   1295 C  CE2 . PHE A 1 189 ? 3.306   7.367   -2.954  1.000 8.637  ? 1379 PHE A CE2 1 
ATOM   1296 C  CZ  . PHE A 1 189 ? 3.466   7.828   -1.668  1.000 8.732  ? 1379 PHE A CZ  1 
ATOM   1297 N  N   . TYR A 1 190 ? 2.661   12.923  -6.960  1.000 9.023  ? 1380 TYR A N   1 
ATOM   1298 C  CA  . TYR A 1 190 ? 2.452   13.445  -8.329  1.000 9.361  ? 1380 TYR A CA  1 
ATOM   1299 C  C   . TYR A 1 190 ? 3.799   13.930  -8.881  1.000 9.110  ? 1380 TYR A C   1 
ATOM   1300 O  O   . TYR A 1 190 ? 4.168   13.577  -10.000 1.000 8.528  ? 1380 TYR A O   1 
ATOM   1301 C  CB  . TYR A 1 190 ? 1.387   14.541  -8.346  1.000 10.179 ? 1380 TYR A CB  1 
ATOM   1302 C  CG  . TYR A 1 190 ? 1.365   15.286  -9.651  1.000 11.402 ? 1380 TYR A CG  1 
ATOM   1303 C  CD1 . TYR A 1 190 ? 0.672   14.804  -10.745 1.000 12.331 ? 1380 TYR A CD1 1 
ATOM   1304 C  CD2 . TYR A 1 190 ? 2.130   16.428  -9.803  1.000 12.277 ? 1380 TYR A CD2 1 
ATOM   1305 C  CE1 . TYR A 1 190 ? 0.705   15.477  -11.959 1.000 13.020 ? 1380 TYR A CE1 1 
ATOM   1306 C  CE2 . TYR A 1 190 ? 2.171   17.112  -11.001 1.000 13.496 ? 1380 TYR A CE2 1 
ATOM   1307 C  CZ  . TYR A 1 190 ? 1.450   16.639  -12.077 1.000 13.479 ? 1380 TYR A CZ  1 
ATOM   1308 O  OH  . TYR A 1 190 ? 1.507   17.335  -13.251 1.000 16.488 ? 1380 TYR A OH  1 
ATOM   1309 N  N   . ALA A 1 191 ? 4.538   14.722  -8.111  1.000 8.807  ? 1381 ALA A N   1 
ATOM   1310 C  CA  . ALA A 1 191 ? 5.851   15.242  -8.560  1.000 8.980  ? 1381 ALA A CA  1 
ATOM   1311 C  C   . ALA A 1 191 ? 6.800   14.081  -8.879  1.000 9.032  ? 1381 ALA A C   1 
ATOM   1312 O  O   . ALA A 1 191 ? 7.531   14.158  -9.877  1.000 9.398  ? 1381 ALA A O   1 
ATOM   1313 C  CB  . ALA A 1 191 ? 6.434   16.165  -7.529  1.000 9.047  ? 1381 ALA A CB  1 
ATOM   1314 N  N   . ASN A 1 192 ? 6.787   13.025  -8.072  1.000 9.007  ? 1382 ASN A N   1 
ATOM   1315 C  CA  . ASN A 1 192 ? 7.697   11.867  -8.269  1.000 9.368  ? 1382 ASN A CA  1 
ATOM   1316 C  C   . ASN A 1 192 ? 7.296   11.146  -9.562  1.000 9.288  ? 1382 ASN A C   1 
ATOM   1317 O  O   . ASN A 1 192 ? 8.184   10.736  -10.317 1.000 9.540  ? 1382 ASN A O   1 
ATOM   1318 C  CB  . ASN A 1 192 ? 7.702   10.977  -7.029  1.000 9.966  ? 1382 ASN A CB  1 
ATOM   1319 C  CG  . ASN A 1 192 ? 8.980   10.187  -6.899  1.000 11.085 ? 1382 ASN A CG  1 
ATOM   1320 O  OD1 . ASN A 1 192 ? 9.169   9.207   -7.610  1.000 12.380 ? 1382 ASN A OD1 1 
ATOM   1321 N  ND2 . ASN A 1 192 ? 9.853   10.615  -5.998  1.000 11.511 ? 1382 ASN A ND2 1 
ATOM   1322 N  N   . MET A 1 193 ? 5.999   11.035  -9.837  1.000 8.915  ? 1383 MET A N   1 
ATOM   1323 C  CA  . MET A 1 193 ? 5.504   10.407  -11.090 1.000 8.962  ? 1383 MET A CA  1 
ATOM   1324 C  C   . MET A 1 193 ? 5.966   11.218  -12.306 1.000 9.478  ? 1383 MET A C   1 
ATOM   1325 O  O   . MET A 1 193 ? 6.418   10.611  -13.288 1.000 9.218  ? 1383 MET A O   1 
ATOM   1326 C  CB  . MET A 1 193 ? 3.980   10.305  -11.055 1.000 8.850  ? 1383 MET A CB  1 
ATOM   1327 C  CG  . MET A 1 193 ? 3.497   9.298   -10.029 1.000 8.873  ? 1383 MET A CG  1 
ATOM   1328 S  SD  . MET A 1 193 ? 1.730   9.455   -9.662  1.000 9.122  ? 1383 MET A SD  1 
ATOM   1329 C  CE  . MET A 1 193 ? 1.002   8.826   -11.171 1.000 9.389  ? 1383 MET A CE  1 
ATOM   1330 N  N   . LYS A 1 194 ? 5.834   12.543  -12.256 1.000 9.794  ? 1384 LYS A N   1 
ATOM   1331 C  CA  . LYS A 1 194 ? 6.243   13.440  -13.369 1.000 10.439 ? 1384 LYS A CA  1 
ATOM   1332 C  C   . LYS A 1 194 ? 7.756   13.331  -13.594 1.000 10.969 ? 1384 LYS A C   1 
ATOM   1333 O  O   . LYS A 1 194 ? 8.174   13.383  -14.764 1.000 11.103 ? 1384 LYS A O   1 
ATOM   1334 C  CB  . LYS A 1 194 ? 5.798   14.877  -13.091 1.000 10.799 ? 1384 LYS A CB  1 
ATOM   1335 C  CG  . LYS A 1 194 ? 4.291   15.086  -13.085 1.000 11.239 ? 1384 LYS A CG  1 
ATOM   1336 C  CD  . LYS A 1 194 ? 3.626   14.858  -14.428 1.000 11.694 ? 1384 LYS A CD  1 
ATOM   1337 C  CE  . LYS A 1 194 ? 3.849   15.984  -15.413 1.000 12.516 ? 1384 LYS A CE  1 
ATOM   1338 N  NZ  . LYS A 1 194 ? 3.148   15.745  -16.700 1.000 12.991 ? 1384 LYS A NZ  1 
ATOM   1339 N  N   . LYS A 1 195 ? 8.539   13.142  -12.533 1.000 11.578 ? 1385 LYS A N   1 
ATOM   1340 C  CA  . LYS A 1 195 ? 10.014  12.989  -12.645 1.000 12.178 ? 1385 LYS A CA  1 
ATOM   1341 C  C   . LYS A 1 195 ? 10.322  11.779  -13.545 1.000 12.330 ? 1385 LYS A C   1 
ATOM   1342 O  O   . LYS A 1 195 ? 11.262  11.869  -14.366 1.000 12.368 ? 1385 LYS A O   1 
ATOM   1343 C  CB  . LYS A 1 195 ? 10.643  12.881  -11.252 1.000 13.118 ? 1385 LYS A CB  1 
ATOM   1344 C  CG  . LYS A 1 195 ? 12.166  12.829  -11.243 1.000 14.110 ? 1385 LYS A CG  1 
ATOM   1345 C  CD  . LYS A 1 195 ? 12.758  12.917  -9.863  1.000 14.831 ? 1385 LYS A CD  1 
ATOM   1346 C  CE  . LYS A 1 195 ? 12.452  11.697  -9.027  1.000 15.801 ? 1385 LYS A CE  1 
ATOM   1347 N  NZ  . LYS A 1 195 ? 13.161  11.736  -7.728  1.000 16.460 ? 1385 LYS A NZ  1 
ATOM   1348 N  N   . ARG A 1 196 ? 9.540   10.701  -13.436 1.000 12.176 ? 1386 ARG A N   1 
ATOM   1349 C  CA  . ARG A 1 196 ? 9.833   9.399   -14.097 1.000 12.762 ? 1386 ARG A CA  1 
ATOM   1350 C  C   . ARG A 1 196 ? 9.259   9.342   -15.515 1.000 13.681 ? 1386 ARG A C   1 
ATOM   1351 O  O   . ARG A 1 196 ? 9.746   8.535   -16.306 1.000 13.895 ? 1386 ARG A O   1 
ATOM   1352 C  CB  . ARG A 1 196 ? 9.259   8.258   -13.259 1.000 12.635 ? 1386 ARG A CB  1 
ATOM   1353 C  CG  . ARG A 1 196 ? 9.864   8.183   -11.868 1.000 12.992 ? 1386 ARG A CG  1 
ATOM   1354 C  CD  . ARG A 1 196 ? 9.037   7.325   -10.938 1.000 13.124 ? 1386 ARG A CD  1 
ATOM   1355 N  NE  . ARG A 1 196 ? 9.612   7.404   -9.602  1.000 13.623 ? 1386 ARG A NE  1 
ATOM   1356 C  CZ  . ARG A 1 196 ? 10.420  6.514   -9.038  1.000 13.777 ? 1386 ARG A CZ  1 
ATOM   1357 N  NH1 . ARG A 1 196 ? 10.759  5.394   -9.660  1.000 14.286 ? 1386 ARG A NH1 1 
ATOM   1358 N  NH2 . ARG A 1 196 ? 10.871  6.745   -7.818  1.000 13.444 ? 1386 ARG A NH2 1 
ATOM   1359 N  N   . GLU A 1 197 ? 8.240   10.149  -15.806 1.000 14.797 ? 1387 GLU A N   1 
ATOM   1360 C  CA  . GLU A 1 197 ? 7.428   10.073  -17.048 1.000 15.655 ? 1387 GLU A CA  1 
ATOM   1361 C  C   . GLU A 1 197 ? 8.321   10.188  -18.292 1.000 17.288 ? 1387 GLU A C   1 
ATOM   1362 O  O   . GLU A 1 197 ? 9.164   11.076  -18.329 1.000 19.459 ? 1387 GLU A O   1 
ATOM   1363 C  CB  . GLU A 1 197 ? 6.403   11.195  -16.977 1.000 15.994 ? 1387 GLU A CB  1 
ATOM   1364 C  CG  . GLU A 1 197 ? 5.481   11.263  -18.162 1.000 16.195 ? 1387 GLU A CG  1 
ATOM   1365 C  CD  . GLU A 1 197 ? 4.485   12.397  -18.041 1.000 15.926 ? 1387 GLU A CD  1 
ATOM   1366 O  OE1 . GLU A 1 197 ? 3.419   12.294  -18.641 1.000 16.807 ? 1387 GLU A OE1 1 
ATOM   1367 O  OE2 . GLU A 1 197 ? 4.802   13.387  -17.360 1.000 16.898 ? 1387 GLU A OE2 1 
HETATM 1368 C  C1  . GOL B 2 .   ? 5.039   -13.862 -10.246 1.000 18.016 ? 1401 GOL A C1  1 
HETATM 1369 O  O1  . GOL B 2 .   ? 5.925   -13.227 -11.163 1.000 18.407 ? 1401 GOL A O1  1 
HETATM 1370 C  C2  . GOL B 2 .   ? 5.735   -14.205 -8.947  1.000 18.244 ? 1401 GOL A C2  1 
HETATM 1371 O  O2  . GOL B 2 .   ? 6.875   -15.016 -9.220  1.000 18.071 ? 1401 GOL A O2  1 
HETATM 1372 C  C3  . GOL B 2 .   ? 6.169   -12.988 -8.157  1.000 18.277 ? 1401 GOL A C3  1 
HETATM 1373 O  O3  . GOL B 2 .   ? 6.649   -13.339 -6.863  1.000 18.566 ? 1401 GOL A O3  1 
HETATM 1374 C  C1  . GOL C 2 .   ? -11.576 -12.116 8.997   1.000 24.061 ? 1402 GOL A C1  1 
HETATM 1375 O  O1  . GOL C 2 .   ? -11.472 -11.673 7.644   1.000 20.695 ? 1402 GOL A O1  1 
HETATM 1376 C  C2  . GOL C 2 .   ? -10.377 -12.937 9.426   1.000 24.583 ? 1402 GOL A C2  1 
HETATM 1377 O  O2  . GOL C 2 .   ? -9.990  -13.810 8.368   1.000 25.796 ? 1402 GOL A O2  1 
HETATM 1378 C  C3  . GOL C 2 .   ? -9.197  -12.091 9.859   1.000 25.493 ? 1402 GOL A C3  1 
HETATM 1379 O  O3  . GOL C 2 .   ? -7.955  -12.778 9.720   1.000 25.874 ? 1402 GOL A O3  1 
HETATM 1380 CL CL  . CL  D 3 .   ? -1.493  7.937   3.894   1.000 9.263  ? 1403 CL  A CL  1 
HETATM 1381 CL CL  . CL  E 3 .   ? 3.366   4.879   9.425   1.000 23.678 ? 1404 CL  A CL  1 
HETATM 1382 O  O   . HOH F 4 .   ? 10.047  -5.017  -5.965  1.000 20.076 ? 1501 HOH A O   1 
HETATM 1383 O  O   . HOH F 4 .   ? -7.419  13.052  -4.704  1.000 16.125 ? 1502 HOH A O   1 
HETATM 1384 O  O   . HOH F 4 .   ? 0.066   17.288  -15.352 1.000 27.349 ? 1503 HOH A O   1 
HETATM 1385 O  O   . HOH F 4 .   ? 13.568  5.029   -12.238 1.000 35.077 ? 1504 HOH A O   1 
HETATM 1386 O  O   . HOH F 4 .   ? 15.567  5.895   -6.611  1.000 26.409 ? 1505 HOH A O   1 
HETATM 1387 O  O   . HOH F 4 .   ? 0.393   -6.624  -15.201 1.000 24.950 ? 1506 HOH A O   1 
HETATM 1388 O  O   . HOH F 4 .   ? -9.509  3.622   -8.860  1.000 31.925 ? 1507 HOH A O   1 
HETATM 1389 O  O   . HOH F 4 .   ? -18.208 -3.155  -6.045  1.000 30.302 ? 1508 HOH A O   1 
HETATM 1390 O  O   . HOH F 4 .   ? -6.365  8.820   -17.026 1.000 24.689 ? 1509 HOH A O   1 
HETATM 1391 O  O   . HOH F 4 .   ? -12.841 -1.115  2.196   1.000 13.825 ? 1510 HOH A O   1 
HETATM 1392 O  O   . HOH F 4 .   ? 2.071   0.431   18.428  1.000 15.616 ? 1511 HOH A O   1 
HETATM 1393 O  O   . HOH F 4 .   ? -10.703 18.925  -11.079 1.000 24.079 ? 1512 HOH A O   1 
HETATM 1394 O  O   . HOH F 4 .   ? 4.315   11.338  -21.419 1.000 15.297 ? 1513 HOH A O   1 
HETATM 1395 O  O   . HOH F 4 .   ? -4.354  -1.562  19.324  1.000 17.840 ? 1514 HOH A O   1 
HETATM 1396 O  O   . HOH F 4 .   ? 0.074   -14.390 -0.282  1.000 13.510 ? 1515 HOH A O   1 
HETATM 1397 O  O   . HOH F 4 .   ? -16.491 -8.715  4.749   1.000 10.815 ? 1516 HOH A O   1 
HETATM 1398 O  O   . HOH F 4 .   ? -6.964  3.894   19.205  1.000 21.706 ? 1517 HOH A O   1 
HETATM 1399 O  O   . HOH F 4 .   ? 8.187   14.404  -5.154  1.000 22.338 ? 1518 HOH A O   1 
HETATM 1400 O  O   . HOH F 4 .   ? -11.137 6.350   -0.947  1.000 18.065 ? 1519 HOH A O   1 
HETATM 1401 O  O   . HOH F 4 .   ? 9.977   -10.125 -8.009  1.000 25.350 ? 1520 HOH A O   1 
HETATM 1402 O  O   . HOH F 4 .   ? 2.083   -16.159 2.184   1.000 19.349 ? 1521 HOH A O   1 
HETATM 1403 O  O   . HOH F 4 .   ? 7.658   -0.161  5.494   1.000 8.860  ? 1522 HOH A O   1 
HETATM 1404 O  O   . HOH F 4 .   ? -2.367  -1.658  13.122  1.000 10.736 ? 1523 HOH A O   1 
HETATM 1405 O  O   . HOH F 4 .   ? -11.884 -3.196  15.320  1.000 19.778 ? 1524 HOH A O   1 
HETATM 1406 O  O   . HOH F 4 .   ? 6.065   11.978  7.329   1.000 24.395 ? 1525 HOH A O   1 
HETATM 1407 O  O   . HOH F 4 .   ? 3.608   -17.002 -17.417 1.000 17.664 ? 1526 HOH A O   1 
HETATM 1408 O  O   . HOH F 4 .   ? -4.294  6.390   3.499   1.000 8.426  ? 1527 HOH A O   1 
HETATM 1409 O  O   . HOH F 4 .   ? 3.297   19.355  -13.291 1.000 27.090 ? 1528 HOH A O   1 
HETATM 1410 O  O   . HOH F 4 .   ? 12.216  7.489   -15.996 1.000 24.489 ? 1529 HOH A O   1 
HETATM 1411 O  O   . HOH F 4 .   ? 15.680  2.183   -5.300  1.000 28.885 ? 1530 HOH A O   1 
HETATM 1412 O  O   . HOH F 4 .   ? 13.506  13.375  -14.468 1.000 13.560 ? 1531 HOH A O   1 
HETATM 1413 O  O   . HOH F 4 .   ? 13.443  6.177   -1.037  1.000 21.011 ? 1532 HOH A O   1 
HETATM 1414 O  O   . HOH F 4 .   ? 3.477   -13.147 7.718   1.000 36.757 ? 1533 HOH A O   1 
HETATM 1415 O  O   . HOH F 4 .   ? -4.516  -14.110 -12.571 1.000 29.529 ? 1534 HOH A O   1 
HETATM 1416 O  O   . HOH F 4 .   ? 5.487   -1.287  18.936  1.000 32.248 ? 1535 HOH A O   1 
HETATM 1417 O  O   . HOH F 4 .   ? -4.960  -10.283 -13.405 1.000 27.600 ? 1536 HOH A O   1 
HETATM 1418 O  O   . HOH F 4 .   ? 13.416  6.821   5.633   1.000 24.261 ? 1537 HOH A O   1 
HETATM 1419 O  O   . HOH F 4 .   ? -6.091  -16.900 -4.279  1.000 19.971 ? 1538 HOH A O   1 
HETATM 1420 O  O   . HOH F 4 .   ? 8.545   16.448  -10.961 1.000 17.537 ? 1539 HOH A O   1 
HETATM 1421 O  O   . HOH F 4 .   ? 12.027  4.374   9.790   1.000 17.590 ? 1540 HOH A O   1 
HETATM 1422 O  O   . HOH F 4 .   ? 10.814  -6.266  10.675  1.000 28.168 ? 1541 HOH A O   1 
HETATM 1423 O  O   . HOH F 4 .   ? 3.204   19.155  -0.647  1.000 20.850 ? 1542 HOH A O   1 
HETATM 1424 O  O   . HOH F 4 .   ? 6.995   14.962  -16.918 1.000 24.977 ? 1543 HOH A O   1 
HETATM 1425 O  O   . HOH F 4 .   ? 12.138  13.713  -6.138  1.000 22.855 ? 1544 HOH A O   1 
HETATM 1426 O  O   . HOH F 4 .   ? -13.520 -9.000  3.510   1.000 10.117 ? 1545 HOH A O   1 
HETATM 1427 O  O   . HOH F 4 .   ? -5.317  -4.138  18.602  1.000 21.798 ? 1546 HOH A O   1 
HETATM 1428 O  O   . HOH F 4 .   ? 5.116   -5.617  -16.601 1.000 21.997 ? 1547 HOH A O   1 
HETATM 1429 O  O   . HOH F 4 .   ? 13.980  4.430   -3.203  1.000 25.419 ? 1548 HOH A O   1 
HETATM 1430 O  O   . HOH F 4 .   ? -6.796  7.193   4.084   1.000 9.814  ? 1549 HOH A O   1 
HETATM 1431 O  O   . HOH F 4 .   ? 9.242   -4.677  5.389   1.000 21.407 ? 1550 HOH A O   1 
HETATM 1432 O  O   . HOH F 4 .   ? 9.081   -13.340 -10.606 1.000 17.694 ? 1551 HOH A O   1 
HETATM 1433 O  O   . HOH F 4 .   ? -2.838  -2.960  -15.939 1.000 21.240 ? 1552 HOH A O   1 
HETATM 1434 O  O   . HOH F 4 .   ? 3.195   18.365  -7.065  1.000 23.617 ? 1553 HOH A O   1 
HETATM 1435 O  O   . HOH F 4 .   ? 0.880   -13.725 8.034   1.000 17.473 ? 1554 HOH A O   1 
HETATM 1436 O  O   . HOH F 4 .   ? 16.315  -7.619  13.398  1.000 41.295 ? 1555 HOH A O   1 
HETATM 1437 O  O   . HOH F 4 .   ? -2.676  18.143  3.063   1.000 11.269 ? 1556 HOH A O   1 
HETATM 1438 O  O   . HOH F 4 .   ? -7.009  -15.990 -1.932  1.000 22.402 ? 1557 HOH A O   1 
HETATM 1439 O  O   . HOH F 4 .   ? 14.390  1.045   -8.683  1.000 35.911 ? 1558 HOH A O   1 
HETATM 1440 O  O   . HOH F 4 .   ? -9.938  0.855   20.222  1.000 24.439 ? 1559 HOH A O   1 
HETATM 1441 O  O   . HOH F 4 .   ? 0.987   11.177  6.049   1.000 22.289 ? 1560 HOH A O   1 
HETATM 1442 O  O   . HOH F 4 .   ? 8.668   -11.043 1.511   1.000 28.252 ? 1561 HOH A O   1 
HETATM 1443 O  O   . HOH F 4 .   ? -1.999  8.238   -19.214 1.000 22.628 ? 1562 HOH A O   1 
HETATM 1444 O  O   . HOH F 4 .   ? 1.295   -7.516  19.659  1.000 30.024 ? 1563 HOH A O   1 
HETATM 1445 O  O   . HOH F 4 .   ? -2.898  20.479  -2.897  1.000 29.680 ? 1564 HOH A O   1 
HETATM 1446 O  O   . HOH F 4 .   ? 13.556  8.374   -9.721  1.000 34.939 ? 1565 HOH A O   1 
HETATM 1447 O  O   . HOH F 4 .   ? -15.218 3.752   5.516   1.000 28.313 ? 1566 HOH A O   1 
HETATM 1448 O  O   . HOH F 4 .   ? -2.326  2.255   7.729   1.000 17.428 ? 1567 HOH A O   1 
HETATM 1449 O  O   . HOH F 4 .   ? -1.174  4.107   10.374  1.000 22.524 ? 1568 HOH A O   1 
HETATM 1450 O  O   . HOH F 4 .   ? 7.269   0.233   15.165  1.000 27.690 ? 1569 HOH A O   1 
HETATM 1451 O  O   . HOH F 4 .   ? -8.780  0.311   -4.637  1.000 15.769 ? 1570 HOH A O   1 
HETATM 1452 O  O   . HOH F 4 .   ? 13.550  -2.450  7.081   1.000 20.925 ? 1571 HOH A O   1 
HETATM 1453 O  O   . HOH F 4 .   ? -7.261  16.252  -11.430 1.000 21.722 ? 1572 HOH A O   1 
HETATM 1454 O  O   . HOH F 4 .   ? -2.457  -4.230  12.902  1.000 20.446 ? 1573 HOH A O   1 
HETATM 1455 O  O   . HOH F 4 .   ? 10.466  5.286   11.962  1.000 22.236 ? 1574 HOH A O   1 
HETATM 1456 O  O   . HOH F 4 .   ? 9.350   -6.935  3.965   1.000 23.183 ? 1575 HOH A O   1 
HETATM 1457 O  O   . HOH F 4 .   ? -12.253 1.373   -4.707  1.000 19.648 ? 1576 HOH A O   1 
HETATM 1458 O  O   . HOH F 4 .   ? 12.970  -4.400  -2.419  1.000 30.307 ? 1577 HOH A O   1 
HETATM 1459 O  O   . HOH F 4 .   ? -9.427  14.865  -13.928 1.000 26.852 ? 1578 HOH A O   1 
HETATM 1460 O  O   . HOH F 4 .   ? 6.769   -7.531  -15.239 1.000 17.949 ? 1579 HOH A O   1 
HETATM 1461 O  O   . HOH F 4 .   ? 5.600   -10.285 15.125  1.000 20.892 ? 1580 HOH A O   1 
HETATM 1462 O  O   . HOH F 4 .   ? -8.332  6.608   6.432   1.000 14.429 ? 1581 HOH A O   1 
HETATM 1463 O  O   . HOH F 4 .   ? 7.054   1.552   12.761  1.000 22.020 ? 1582 HOH A O   1 
HETATM 1464 O  O   . HOH F 4 .   ? 4.399   2.963   12.148  1.000 22.948 ? 1583 HOH A O   1 
HETATM 1465 O  O   . HOH F 4 .   ? -9.641  4.338   -11.883 1.000 31.427 ? 1584 HOH A O   1 
HETATM 1466 O  O   . HOH F 4 .   ? -1.648  7.599   9.502   1.000 20.497 ? 1585 HOH A O   1 
HETATM 1467 O  O   . HOH F 4 .   ? -0.862  11.157  3.983   1.000 10.950 ? 1586 HOH A O   1 
HETATM 1468 O  O   . HOH F 4 .   ? -6.574  -0.804  -6.279  1.000 17.741 ? 1587 HOH A O   1 
HETATM 1469 O  O   . HOH F 4 .   ? -9.355  -2.007  -7.323  1.000 33.373 ? 1588 HOH A O   1 
HETATM 1470 O  O   . HOH F 4 .   ? -0.088  6.530   11.633  1.000 21.289 ? 1589 HOH A O   1 
HETATM 1471 O  O   . HOH F 4 .   ? -12.517 9.884   1.055   1.000 22.520 ? 1590 HOH A O   1 
HETATM 1472 O  O   . HOH F 4 .   ? 10.469  4.974   -18.986 1.000 17.810 ? 1591 HOH A O   1 
HETATM 1473 O  O   . HOH F 4 .   ? -1.779  -16.026 3.762   1.000 42.089 ? 1592 HOH A O   1 
HETATM 1474 O  O   . HOH F 4 .   ? -4.109  -5.417  16.516  1.000 24.412 ? 1593 HOH A O   1 
HETATM 1475 O  O   . HOH F 4 .   ? 12.198  2.780   -16.482 1.000 28.670 ? 1594 HOH A O   1 
HETATM 1476 O  O   . HOH F 4 .   ? -10.297 7.704   -5.970  1.000 35.121 ? 1595 HOH A O   1 
HETATM 1477 O  O   . HOH F 4 .   ? 9.835   -7.735  -6.283  1.000 18.972 ? 1596 HOH A O   1 
HETATM 1478 O  O   . HOH F 4 .   ? 3.107   13.334  6.386   1.000 31.919 ? 1597 HOH A O   1 
HETATM 1479 O  O   . HOH F 4 .   ? -0.245  7.914   6.803   1.000 25.448 ? 1598 HOH A O   1 
HETATM 1480 O  O   . HOH F 4 .   ? 9.922   14.240  -7.244  1.000 22.389 ? 1599 HOH A O   1 
HETATM 1481 O  O   . HOH F 4 .   ? 11.848  9.271   -19.729 1.000 42.519 ? 1600 HOH A O   1 
HETATM 1482 O  O   . HOH F 4 .   ? 9.779   16.519  -13.390 1.000 23.172 ? 1601 HOH A O   1 
HETATM 1483 O  O   . HOH F 4 .   ? 1.226   21.932  3.000   1.000 31.747 ? 1602 HOH A O   1 
HETATM 1484 O  O   . HOH F 4 .   ? -10.658 11.749  -18.319 1.000 41.081 ? 1603 HOH A O   1 
HETATM 1485 O  O   . HOH F 4 .   ? 10.223  16.632  -8.703  1.000 22.982 ? 1604 HOH A O   1 
HETATM 1486 O  O   . HOH F 4 .   ? 9.004   3.574   13.415  1.000 28.416 ? 1605 HOH A O   1 
HETATM 1487 O  O   . HOH F 4 .   ? 13.439  17.972  5.932   1.000 30.921 ? 1606 HOH A O   1 
HETATM 1488 O  O   . HOH F 4 .   ? 6.245   18.130  -11.048 1.000 32.936 ? 1607 HOH A O   1 
HETATM 1489 O  O   . HOH F 4 .   ? 14.715  2.495   -1.579  1.000 36.777 ? 1608 HOH A O   1 
# 
loop_
_pdbx_poly_seq_scheme.asym_id 
_pdbx_poly_seq_scheme.entity_id 
_pdbx_poly_seq_scheme.seq_id 
_pdbx_poly_seq_scheme.mon_id 
_pdbx_poly_seq_scheme.ndb_seq_num 
_pdbx_poly_seq_scheme.pdb_seq_num 
_pdbx_poly_seq_scheme.auth_seq_num 
_pdbx_poly_seq_scheme.pdb_mon_id 
_pdbx_poly_seq_scheme.auth_mon_id 
_pdbx_poly_seq_scheme.pdb_strand_id 
_pdbx_poly_seq_scheme.pdb_ins_code 
_pdbx_poly_seq_scheme.hetero 
A 1 1   MET 1   1191 ?    ?   ?   A . n 
A 1 2   GLY 2   1192 ?    ?   ?   A . n 
A 1 3   SER 3   1193 ?    ?   ?   A . n 
A 1 4   SER 4   1194 ?    ?   ?   A . n 
A 1 5   HIS 5   1195 ?    ?   ?   A . n 
A 1 6   HIS 6   1196 ?    ?   ?   A . n 
A 1 7   HIS 7   1197 ?    ?   ?   A . n 
A 1 8   HIS 8   1198 ?    ?   ?   A . n 
A 1 9   HIS 9   1199 ?    ?   ?   A . n 
A 1 10  HIS 10  1200 ?    ?   ?   A . n 
A 1 11  GLU 11  1201 ?    ?   ?   A . n 
A 1 12  ASN 12  1202 ?    ?   ?   A . n 
A 1 13  LEU 13  1203 ?    ?   ?   A . n 
A 1 14  TYR 14  1204 ?    ?   ?   A . n 
A 1 15  PHE 15  1205 ?    ?   ?   A . n 
A 1 16  GLN 16  1206 ?    ?   ?   A . n 
A 1 17  GLY 17  1207 ?    ?   ?   A . n 
A 1 18  PHE 18  1208 1208 PHE PHE A . n 
A 1 19  TYR 19  1209 1209 TYR TYR A . n 
A 1 20  GLY 20  1210 1210 GLY GLY A . n 
A 1 21  THR 21  1211 1211 THR THR A . n 
A 1 22  VAL 22  1212 1212 VAL VAL A . n 
A 1 23  SER 23  1213 1213 SER SER A . n 
A 1 24  SER 24  1214 1214 SER SER A . n 
A 1 25  PRO 25  1215 1215 PRO PRO A . n 
A 1 26  ASP 26  1216 1216 ASP ASP A . n 
A 1 27  SER 27  1217 1217 SER SER A . n 
A 1 28  GLY 28  1218 1218 GLY GLY A . n 
A 1 29  VAL 29  1219 1219 VAL VAL A . n 
A 1 30  TYR 30  1220 1220 TYR TYR A . n 
A 1 31  GLU 31  1221 1221 GLU GLU A . n 
A 1 32  MET 32  1222 1222 MET MET A . n 
A 1 33  LYS 33  1223 1223 LYS LYS A . n 
A 1 34  ILE 34  1224 1224 ILE ILE A . n 
A 1 35  GLY 35  1225 1225 GLY GLY A . n 
A 1 36  SER 36  1226 1226 SER SER A . n 
A 1 37  ILE 37  1227 1227 ILE ILE A . n 
A 1 38  ILE 38  1228 1228 ILE ILE A . n 
A 1 39  PHE 39  1229 1229 PHE PHE A . n 
A 1 40  GLN 40  1230 1230 GLN GLN A . n 
A 1 41  VAL 41  1231 1231 VAL VAL A . n 
A 1 42  ALA 42  1232 1232 ALA ALA A . n 
A 1 43  SER 43  1233 1233 SER SER A . n 
A 1 44  GLY 44  1234 1234 GLY GLY A . n 
A 1 45  ASP 45  1235 1235 ASP ASP A . n 
A 1 46  ILE 46  1236 1236 ILE ILE A . n 
A 1 47  THR 47  1237 1237 THR THR A . n 
A 1 48  LYS 48  1238 1238 LYS LYS A . n 
A 1 49  GLU 49  1239 1239 GLU GLU A . n 
A 1 50  GLU 50  1240 1240 GLU GLU A . n 
A 1 51  ALA 51  1241 1241 ALA ALA A . n 
A 1 52  ASP 52  1242 1242 ASP ASP A . n 
A 1 53  VAL 53  1243 1243 VAL VAL A . n 
A 1 54  ILE 54  1244 1244 ILE ILE A . n 
A 1 55  VAL 55  1245 1245 VAL VAL A . n 
A 1 56  ASN 56  1246 1246 ASN ASN A . n 
A 1 57  SER 57  1247 1247 SER SER A . n 
A 1 58  THR 58  1248 1248 THR THR A . n 
A 1 59  SER 59  1249 1249 SER SER A . n 
A 1 60  ASN 60  1250 1250 ASN ASN A . n 
A 1 61  SER 61  1251 1251 SER SER A . n 
A 1 62  PHE 62  1252 1252 PHE PHE A . n 
A 1 63  ASN 63  1253 1253 ASN ASN A . n 
A 1 64  LEU 64  1254 1254 LEU LEU A . n 
A 1 65  LYS 65  1255 1255 LYS LYS A . n 
A 1 66  ALA 66  1256 1256 ALA ALA A . n 
A 1 67  GLY 67  1257 1257 GLY GLY A . n 
A 1 68  VAL 68  1258 1258 VAL VAL A . n 
A 1 69  SER 69  1259 1259 SER SER A . n 
A 1 70  LYS 70  1260 1260 LYS LYS A . n 
A 1 71  ALA 71  1261 1261 ALA ALA A . n 
A 1 72  ILE 72  1262 1262 ILE ILE A . n 
A 1 73  LEU 73  1263 1263 LEU LEU A . n 
A 1 74  GLU 74  1264 1264 GLU GLU A . n 
A 1 75  CYS 75  1265 1265 CYS CYS A . n 
A 1 76  ALA 76  1266 1266 ALA ALA A . n 
A 1 77  GLY 77  1267 1267 GLY GLY A . n 
A 1 78  GLN 78  1268 1268 GLN GLN A . n 
A 1 79  ASN 79  1269 1269 ASN ASN A . n 
A 1 80  VAL 80  1270 1270 VAL VAL A . n 
A 1 81  GLU 81  1271 1271 GLU GLU A . n 
A 1 82  ARG 82  1272 1272 ARG ARG A . n 
A 1 83  GLU 83  1273 1273 GLU GLU A . n 
A 1 84  CYS 84  1274 1274 CYS CYS A . n 
A 1 85  SER 85  1275 1275 SER SER A . n 
A 1 86  GLN 86  1276 1276 GLN GLN A . n 
A 1 87  GLN 87  1277 1277 GLN GLN A . n 
A 1 88  ALA 88  1278 1278 ALA ALA A . n 
A 1 89  GLN 89  1279 1279 GLN GLN A . n 
A 1 90  GLN 90  1280 1280 GLN GLN A . n 
A 1 91  ARG 91  1281 1281 ARG ARG A . n 
A 1 92  LYS 92  1282 1282 LYS LYS A . n 
A 1 93  ASN 93  1283 1283 ASN ASN A . n 
A 1 94  ASP 94  1284 1284 ASP ASP A . n 
A 1 95  TYR 95  1285 1285 TYR TYR A . n 
A 1 96  ILE 96  1286 1286 ILE ILE A . n 
A 1 97  ILE 97  1287 1287 ILE ILE A . n 
A 1 98  THR 98  1288 1288 THR THR A . n 
A 1 99  GLY 99  1289 1289 GLY GLY A . n 
A 1 100 GLY 100 1290 1290 GLY GLY A . n 
A 1 101 GLY 101 1291 1291 GLY GLY A . n 
A 1 102 PHE 102 1292 1292 PHE PHE A . n 
A 1 103 LEU 103 1293 1293 LEU LEU A . n 
A 1 104 ARG 104 1294 1294 ARG ARG A . n 
A 1 105 CYS 105 1295 1295 CYS CYS A . n 
A 1 106 LYS 106 1296 1296 LYS LYS A . n 
A 1 107 ASN 107 1297 1297 ASN ASN A . n 
A 1 108 ILE 108 1298 1298 ILE ILE A . n 
A 1 109 ILE 109 1299 1299 ILE ILE A . n 
A 1 110 HIS 110 1300 1300 HIS HIS A . n 
A 1 111 VAL 111 1301 1301 VAL VAL A . n 
A 1 112 ILE 112 1302 1302 ILE ILE A . n 
A 1 113 GLY 113 1303 1303 GLY GLY A . n 
A 1 114 GLY 114 1304 1304 GLY GLY A . n 
A 1 115 ASN 115 1305 1305 ASN ASN A . n 
A 1 116 ASP 116 1306 1306 ASP ASP A . n 
A 1 117 VAL 117 1307 1307 VAL VAL A . n 
A 1 118 LYS 118 1308 1308 LYS LYS A . n 
A 1 119 SER 119 1309 1309 SER SER A . n 
A 1 120 SER 120 1310 1310 SER SER A . n 
A 1 121 VAL 121 1311 1311 VAL VAL A . n 
A 1 122 SER 122 1312 1312 SER SER A . n 
A 1 123 SER 123 1313 1313 SER SER A . n 
A 1 124 VAL 124 1314 1314 VAL VAL A . n 
A 1 125 LEU 125 1315 1315 LEU LEU A . n 
A 1 126 GLN 126 1316 1316 GLN GLN A . n 
A 1 127 GLU 127 1317 1317 GLU GLU A . n 
A 1 128 CYS 128 1318 1318 CYS CYS A . n 
A 1 129 GLU 129 1319 1319 GLU GLU A . n 
A 1 130 LYS 130 1320 1320 LYS LYS A . n 
A 1 131 LYS 131 1321 1321 LYS LYS A . n 
A 1 132 ASN 132 1322 1322 ASN ASN A . n 
A 1 133 TYR 133 1323 1323 TYR TYR A . n 
A 1 134 SER 134 1324 1324 SER SER A . n 
A 1 135 SER 135 1325 1325 SER SER A . n 
A 1 136 ILE 136 1326 1326 ILE ILE A . n 
A 1 137 CYS 137 1327 1327 CYS CYS A . n 
A 1 138 LEU 138 1328 1328 LEU LEU A . n 
A 1 139 PRO 139 1329 1329 PRO PRO A . n 
A 1 140 ALA 140 1330 1330 ALA ALA A . n 
A 1 141 ILE 141 1331 1331 ILE ILE A . n 
A 1 142 GLY 142 1332 1332 GLY GLY A . n 
A 1 143 THR 143 1333 1333 THR THR A . n 
A 1 144 GLY 144 1334 1334 GLY GLY A . n 
A 1 145 ASN 145 1335 1335 ASN ASN A . n 
A 1 146 ALA 146 1336 1336 ALA ALA A . n 
A 1 147 LYS 147 1337 1337 LYS LYS A . n 
A 1 148 GLN 148 1338 1338 GLN GLN A . n 
A 1 149 HIS 149 1339 1339 HIS HIS A . n 
A 1 150 PRO 150 1340 1340 PRO PRO A . n 
A 1 151 ASP 151 1341 1341 ASP ASP A . n 
A 1 152 LYS 152 1342 1342 LYS LYS A . n 
A 1 153 VAL 153 1343 1343 VAL VAL A . n 
A 1 154 ALA 154 1344 1344 ALA ALA A . n 
A 1 155 GLU 155 1345 1345 GLU GLU A . n 
A 1 156 ALA 156 1346 1346 ALA ALA A . n 
A 1 157 ILE 157 1347 1347 ILE ILE A . n 
A 1 158 ILE 158 1348 1348 ILE ILE A . n 
A 1 159 ASP 159 1349 1349 ASP ASP A . n 
A 1 160 ALA 160 1350 1350 ALA ALA A . n 
A 1 161 ILE 161 1351 1351 ILE ILE A . n 
A 1 162 GLU 162 1352 1352 GLU GLU A . n 
A 1 163 ASP 163 1353 1353 ASP ASP A . n 
A 1 164 PHE 164 1354 1354 PHE PHE A . n 
A 1 165 VAL 165 1355 1355 VAL VAL A . n 
A 1 166 GLN 166 1356 1356 GLN GLN A . n 
A 1 167 LYS 167 1357 1357 LYS LYS A . n 
A 1 168 GLY 168 1358 1358 GLY GLY A . n 
A 1 169 SER 169 1359 1359 SER SER A . n 
A 1 170 ALA 170 1360 1360 ALA ALA A . n 
A 1 171 GLN 171 1361 1361 GLN GLN A . n 
A 1 172 SER 172 1362 1362 SER SER A . n 
A 1 173 VAL 173 1363 1363 VAL VAL A . n 
A 1 174 LYS 174 1364 1364 LYS LYS A . n 
A 1 175 LYS 175 1365 1365 LYS LYS A . n 
A 1 176 VAL 176 1366 1366 VAL VAL A . n 
A 1 177 LYS 177 1367 1367 LYS LYS A . n 
A 1 178 VAL 178 1368 1368 VAL VAL A . n 
A 1 179 VAL 179 1369 1369 VAL VAL A . n 
A 1 180 ILE 180 1370 1370 ILE ILE A . n 
A 1 181 PHE 181 1371 1371 PHE PHE A . n 
A 1 182 LEU 182 1372 1372 LEU LEU A . n 
A 1 183 PRO 183 1373 1373 PRO PRO A . n 
A 1 184 GLN 184 1374 1374 GLN GLN A . n 
A 1 185 VAL 185 1375 1375 VAL VAL A . n 
A 1 186 LEU 186 1376 1376 LEU LEU A . n 
A 1 187 ASP 187 1377 1377 ASP ASP A . n 
A 1 188 VAL 188 1378 1378 VAL VAL A . n 
A 1 189 PHE 189 1379 1379 PHE PHE A . n 
A 1 190 TYR 190 1380 1380 TYR TYR A . n 
A 1 191 ALA 191 1381 1381 ALA ALA A . n 
A 1 192 ASN 192 1382 1382 ASN ASN A . n 
A 1 193 MET 193 1383 1383 MET MET A . n 
A 1 194 LYS 194 1384 1384 LYS LYS A . n 
A 1 195 LYS 195 1385 1385 LYS LYS A . n 
A 1 196 ARG 196 1386 1386 ARG ARG A . n 
A 1 197 GLU 197 1387 1387 GLU GLU A . n 
# 
loop_
_pdbx_nonpoly_scheme.asym_id 
_pdbx_nonpoly_scheme.entity_id 
_pdbx_nonpoly_scheme.mon_id 
_pdbx_nonpoly_scheme.ndb_seq_num 
_pdbx_nonpoly_scheme.pdb_seq_num 
_pdbx_nonpoly_scheme.auth_seq_num 
_pdbx_nonpoly_scheme.pdb_mon_id 
_pdbx_nonpoly_scheme.auth_mon_id 
_pdbx_nonpoly_scheme.pdb_strand_id 
_pdbx_nonpoly_scheme.pdb_ins_code 
B 2 GOL 1   1401 1   GOL GOL A . 
C 2 GOL 1   1402 2   GOL GOL A . 
D 3 CL  1   1403 3   CL  CL  A . 
E 3 CL  1   1404 4   CL  CL  A . 
F 4 HOH 1   1501 75  HOH HOH A . 
F 4 HOH 2   1502 17  HOH HOH A . 
F 4 HOH 3   1503 61  HOH HOH A . 
F 4 HOH 4   1504 99  HOH HOH A . 
F 4 HOH 5   1505 98  HOH HOH A . 
F 4 HOH 6   1506 28  HOH HOH A . 
F 4 HOH 7   1507 87  HOH HOH A . 
F 4 HOH 8   1508 91  HOH HOH A . 
F 4 HOH 9   1509 43  HOH HOH A . 
F 4 HOH 10  1510 14  HOH HOH A . 
F 4 HOH 11  1511 16  HOH HOH A . 
F 4 HOH 12  1512 64  HOH HOH A . 
F 4 HOH 13  1513 7   HOH HOH A . 
F 4 HOH 14  1514 12  HOH HOH A . 
F 4 HOH 15  1515 21  HOH HOH A . 
F 4 HOH 16  1516 8   HOH HOH A . 
F 4 HOH 17  1517 58  HOH HOH A . 
F 4 HOH 18  1518 67  HOH HOH A . 
F 4 HOH 19  1519 36  HOH HOH A . 
F 4 HOH 20  1520 66  HOH HOH A . 
F 4 HOH 21  1521 109 HOH HOH A . 
F 4 HOH 22  1522 1   HOH HOH A . 
F 4 HOH 23  1523 6   HOH HOH A . 
F 4 HOH 24  1524 15  HOH HOH A . 
F 4 HOH 25  1525 52  HOH HOH A . 
F 4 HOH 26  1526 19  HOH HOH A . 
F 4 HOH 27  1527 2   HOH HOH A . 
F 4 HOH 28  1528 37  HOH HOH A . 
F 4 HOH 29  1529 45  HOH HOH A . 
F 4 HOH 30  1530 97  HOH HOH A . 
F 4 HOH 31  1531 13  HOH HOH A . 
F 4 HOH 32  1532 32  HOH HOH A . 
F 4 HOH 33  1533 70  HOH HOH A . 
F 4 HOH 34  1534 83  HOH HOH A . 
F 4 HOH 35  1535 102 HOH HOH A . 
F 4 HOH 36  1536 68  HOH HOH A . 
F 4 HOH 37  1537 60  HOH HOH A . 
F 4 HOH 38  1538 44  HOH HOH A . 
F 4 HOH 39  1539 34  HOH HOH A . 
F 4 HOH 40  1540 47  HOH HOH A . 
F 4 HOH 41  1541 46  HOH HOH A . 
F 4 HOH 42  1542 49  HOH HOH A . 
F 4 HOH 43  1543 31  HOH HOH A . 
F 4 HOH 44  1544 78  HOH HOH A . 
F 4 HOH 45  1545 11  HOH HOH A . 
F 4 HOH 46  1546 79  HOH HOH A . 
F 4 HOH 47  1547 24  HOH HOH A . 
F 4 HOH 48  1548 76  HOH HOH A . 
F 4 HOH 49  1549 3   HOH HOH A . 
F 4 HOH 50  1550 65  HOH HOH A . 
F 4 HOH 51  1551 55  HOH HOH A . 
F 4 HOH 52  1552 51  HOH HOH A . 
F 4 HOH 53  1553 71  HOH HOH A . 
F 4 HOH 54  1554 10  HOH HOH A . 
F 4 HOH 55  1555 95  HOH HOH A . 
F 4 HOH 56  1556 4   HOH HOH A . 
F 4 HOH 57  1557 90  HOH HOH A . 
F 4 HOH 58  1558 100 HOH HOH A . 
F 4 HOH 59  1559 82  HOH HOH A . 
F 4 HOH 60  1560 56  HOH HOH A . 
F 4 HOH 61  1561 89  HOH HOH A . 
F 4 HOH 62  1562 18  HOH HOH A . 
F 4 HOH 63  1563 69  HOH HOH A . 
F 4 HOH 64  1564 103 HOH HOH A . 
F 4 HOH 65  1565 107 HOH HOH A . 
F 4 HOH 66  1566 72  HOH HOH A . 
F 4 HOH 67  1567 29  HOH HOH A . 
F 4 HOH 68  1568 40  HOH HOH A . 
F 4 HOH 69  1569 62  HOH HOH A . 
F 4 HOH 70  1570 27  HOH HOH A . 
F 4 HOH 71  1571 20  HOH HOH A . 
F 4 HOH 72  1572 42  HOH HOH A . 
F 4 HOH 73  1573 22  HOH HOH A . 
F 4 HOH 74  1574 38  HOH HOH A . 
F 4 HOH 75  1575 35  HOH HOH A . 
F 4 HOH 76  1576 41  HOH HOH A . 
F 4 HOH 77  1577 92  HOH HOH A . 
F 4 HOH 78  1578 59  HOH HOH A . 
F 4 HOH 79  1579 23  HOH HOH A . 
F 4 HOH 80  1580 53  HOH HOH A . 
F 4 HOH 81  1581 9   HOH HOH A . 
F 4 HOH 82  1582 26  HOH HOH A . 
F 4 HOH 83  1583 48  HOH HOH A . 
F 4 HOH 84  1584 57  HOH HOH A . 
F 4 HOH 85  1585 25  HOH HOH A . 
F 4 HOH 86  1586 5   HOH HOH A . 
F 4 HOH 87  1587 50  HOH HOH A . 
F 4 HOH 88  1588 94  HOH HOH A . 
F 4 HOH 89  1589 39  HOH HOH A . 
F 4 HOH 90  1590 33  HOH HOH A . 
F 4 HOH 91  1591 30  HOH HOH A . 
F 4 HOH 92  1592 86  HOH HOH A . 
F 4 HOH 93  1593 54  HOH HOH A . 
F 4 HOH 94  1594 106 HOH HOH A . 
F 4 HOH 95  1595 104 HOH HOH A . 
F 4 HOH 96  1596 73  HOH HOH A . 
F 4 HOH 97  1597 108 HOH HOH A . 
F 4 HOH 98  1598 80  HOH HOH A . 
F 4 HOH 99  1599 74  HOH HOH A . 
F 4 HOH 100 1600 101 HOH HOH A . 
F 4 HOH 101 1601 85  HOH HOH A . 
F 4 HOH 102 1602 81  HOH HOH A . 
F 4 HOH 103 1603 96  HOH HOH A . 
F 4 HOH 104 1604 63  HOH HOH A . 
F 4 HOH 105 1605 93  HOH HOH A . 
F 4 HOH 106 1606 88  HOH HOH A . 
F 4 HOH 107 1607 84  HOH HOH A . 
F 4 HOH 108 1608 77  HOH HOH A . 
# 
_pdbx_struct_assembly.id                   1 
_pdbx_struct_assembly.details              author_and_software_defined_assembly 
_pdbx_struct_assembly.method_details       PISA 
_pdbx_struct_assembly.oligomeric_details   monomeric 
_pdbx_struct_assembly.oligomeric_count     1 
# 
_pdbx_struct_assembly_gen.assembly_id       1 
_pdbx_struct_assembly_gen.oper_expression   1 
_pdbx_struct_assembly_gen.asym_id_list      A,B,C,D,E,F 
# 
loop_
_pdbx_struct_assembly_prop.biol_id 
_pdbx_struct_assembly_prop.type 
_pdbx_struct_assembly_prop.value 
_pdbx_struct_assembly_prop.details 
1 'ABSA (A^2)' 150  ? 
1 MORE         -12  ? 
1 'SSA (A^2)'  8620 ? 
# 
_pdbx_struct_oper_list.id                   1 
_pdbx_struct_oper_list.type                 'identity operation' 
_pdbx_struct_oper_list.name                 1_555 
_pdbx_struct_oper_list.symmetry_operation   x,y,z 
_pdbx_struct_oper_list.matrix[1][1]         1.0000000000 
_pdbx_struct_oper_list.matrix[1][2]         0.0000000000 
_pdbx_struct_oper_list.matrix[1][3]         0.0000000000 
_pdbx_struct_oper_list.vector[1]            0.0000000000 
_pdbx_struct_oper_list.matrix[2][1]         0.0000000000 
_pdbx_struct_oper_list.matrix[2][2]         1.0000000000 
_pdbx_struct_oper_list.matrix[2][3]         0.0000000000 
_pdbx_struct_oper_list.vector[2]            0.0000000000 
_pdbx_struct_oper_list.matrix[3][1]         0.0000000000 
_pdbx_struct_oper_list.matrix[3][2]         0.0000000000 
_pdbx_struct_oper_list.matrix[3][3]         1.0000000000 
_pdbx_struct_oper_list.vector[3]            0.0000000000 
# 
loop_
_pdbx_audit_revision_history.ordinal 
_pdbx_audit_revision_history.data_content_type 
_pdbx_audit_revision_history.major_revision 
_pdbx_audit_revision_history.minor_revision 
_pdbx_audit_revision_history.revision_date 
1 'Structure model' 1 0 2020-09-30 
2 'Structure model' 1 1 2023-11-29 
# 
_pdbx_audit_revision_details.ordinal             1 
_pdbx_audit_revision_details.revision_ordinal    1 
_pdbx_audit_revision_details.data_content_type   'Structure model' 
_pdbx_audit_revision_details.provider            repository 
_pdbx_audit_revision_details.type                'Initial release' 
_pdbx_audit_revision_details.description         ? 
_pdbx_audit_revision_details.details             ? 
# 
loop_
_pdbx_audit_revision_group.ordinal 
_pdbx_audit_revision_group.revision_ordinal 
_pdbx_audit_revision_group.data_content_type 
_pdbx_audit_revision_group.group 
1 2 'Structure model' 'Data collection'        
2 2 'Structure model' 'Database references'    
3 2 'Structure model' 'Derived calculations'   
4 2 'Structure model' 'Refinement description' 
# 
loop_
_pdbx_audit_revision_category.ordinal 
_pdbx_audit_revision_category.revision_ordinal 
_pdbx_audit_revision_category.data_content_type 
_pdbx_audit_revision_category.category 
1 2 'Structure model' atom_type                     
2 2 'Structure model' chem_comp_atom                
3 2 'Structure model' chem_comp_bond                
4 2 'Structure model' database_2                    
5 2 'Structure model' pdbx_initial_refinement_model 
# 
loop_
_pdbx_audit_revision_item.ordinal 
_pdbx_audit_revision_item.revision_ordinal 
_pdbx_audit_revision_item.data_content_type 
_pdbx_audit_revision_item.item 
1 2 'Structure model' '_atom_type.pdbx_N_electrons'         
2 2 'Structure model' '_atom_type.pdbx_scat_Z'              
3 2 'Structure model' '_database_2.pdbx_DOI'                
4 2 'Structure model' '_database_2.pdbx_database_accession' 
# 
loop_
_software.citation_id 
_software.classification 
_software.compiler_name 
_software.compiler_version 
_software.contact_author 
_software.contact_author_email 
_software.date 
_software.description 
_software.dependencies 
_software.hardware 
_software.language 
_software.location 
_software.mods 
_software.name 
_software.os 
_software.os_version 
_software.type 
_software.version 
_software.pdbx_ordinal 
? refinement       ? ? ? ? ? ? ? ? ? ? ? REFMAC  ? ? ? 5.8.0258 1 
? 'data reduction' ? ? ? ? ? ? ? ? ? ? ? XDS     ? ? ? .        2 
? 'data scaling'   ? ? ? ? ? ? ? ? ? ? ? Aimless ? ? ? .        3 
? phasing          ? ? ? ? ? ? ? ? ? ? ? PHASER  ? ? ? .        4 
# 
_pdbx_entry_details.entry_id                 7D2C 
_pdbx_entry_details.has_ligand_of_interest   N 
_pdbx_entry_details.compound_details         ? 
_pdbx_entry_details.source_details           ? 
_pdbx_entry_details.nonpolymer_details       ? 
_pdbx_entry_details.sequence_details         ? 
# 
_pdbx_validate_torsion.id              1 
_pdbx_validate_torsion.PDB_model_num   1 
_pdbx_validate_torsion.auth_comp_id    GLN 
_pdbx_validate_torsion.auth_asym_id    A 
_pdbx_validate_torsion.auth_seq_id     1361 
_pdbx_validate_torsion.PDB_ins_code    ? 
_pdbx_validate_torsion.label_alt_id    ? 
_pdbx_validate_torsion.phi             -127.22 
_pdbx_validate_torsion.psi             -72.55 
# 
loop_
_pdbx_unobs_or_zero_occ_residues.id 
_pdbx_unobs_or_zero_occ_residues.PDB_model_num 
_pdbx_unobs_or_zero_occ_residues.polymer_flag 
_pdbx_unobs_or_zero_occ_residues.occupancy_flag 
_pdbx_unobs_or_zero_occ_residues.auth_asym_id 
_pdbx_unobs_or_zero_occ_residues.auth_comp_id 
_pdbx_unobs_or_zero_occ_residues.auth_seq_id 
_pdbx_unobs_or_zero_occ_residues.PDB_ins_code 
_pdbx_unobs_or_zero_occ_residues.label_asym_id 
_pdbx_unobs_or_zero_occ_residues.label_comp_id 
_pdbx_unobs_or_zero_occ_residues.label_seq_id 
1  1 Y 1 A MET 1191 ? A MET 1  
2  1 Y 1 A GLY 1192 ? A GLY 2  
3  1 Y 1 A SER 1193 ? A SER 3  
4  1 Y 1 A SER 1194 ? A SER 4  
5  1 Y 1 A HIS 1195 ? A HIS 5  
6  1 Y 1 A HIS 1196 ? A HIS 6  
7  1 Y 1 A HIS 1197 ? A HIS 7  
8  1 Y 1 A HIS 1198 ? A HIS 8  
9  1 Y 1 A HIS 1199 ? A HIS 9  
10 1 Y 1 A HIS 1200 ? A HIS 10 
11 1 Y 1 A GLU 1201 ? A GLU 11 
12 1 Y 1 A ASN 1202 ? A ASN 12 
13 1 Y 1 A LEU 1203 ? A LEU 13 
14 1 Y 1 A TYR 1204 ? A TYR 14 
15 1 Y 1 A PHE 1205 ? A PHE 15 
16 1 Y 1 A GLN 1206 ? A GLN 16 
17 1 Y 1 A GLY 1207 ? A GLY 17 
# 
loop_
_chem_comp_atom.comp_id 
_chem_comp_atom.atom_id 
_chem_comp_atom.type_symbol 
_chem_comp_atom.pdbx_aromatic_flag 
_chem_comp_atom.pdbx_stereo_config 
_chem_comp_atom.pdbx_ordinal 
ALA N    N  N N 1   
ALA CA   C  N S 2   
ALA C    C  N N 3   
ALA O    O  N N 4   
ALA CB   C  N N 5   
ALA OXT  O  N N 6   
ALA H    H  N N 7   
ALA H2   H  N N 8   
ALA HA   H  N N 9   
ALA HB1  H  N N 10  
ALA HB2  H  N N 11  
ALA HB3  H  N N 12  
ALA HXT  H  N N 13  
ARG N    N  N N 14  
ARG CA   C  N S 15  
ARG C    C  N N 16  
ARG O    O  N N 17  
ARG CB   C  N N 18  
ARG CG   C  N N 19  
ARG CD   C  N N 20  
ARG NE   N  N N 21  
ARG CZ   C  N N 22  
ARG NH1  N  N N 23  
ARG NH2  N  N N 24  
ARG OXT  O  N N 25  
ARG H    H  N N 26  
ARG H2   H  N N 27  
ARG HA   H  N N 28  
ARG HB2  H  N N 29  
ARG HB3  H  N N 30  
ARG HG2  H  N N 31  
ARG HG3  H  N N 32  
ARG HD2  H  N N 33  
ARG HD3  H  N N 34  
ARG HE   H  N N 35  
ARG HH11 H  N N 36  
ARG HH12 H  N N 37  
ARG HH21 H  N N 38  
ARG HH22 H  N N 39  
ARG HXT  H  N N 40  
ASN N    N  N N 41  
ASN CA   C  N S 42  
ASN C    C  N N 43  
ASN O    O  N N 44  
ASN CB   C  N N 45  
ASN CG   C  N N 46  
ASN OD1  O  N N 47  
ASN ND2  N  N N 48  
ASN OXT  O  N N 49  
ASN H    H  N N 50  
ASN H2   H  N N 51  
ASN HA   H  N N 52  
ASN HB2  H  N N 53  
ASN HB3  H  N N 54  
ASN HD21 H  N N 55  
ASN HD22 H  N N 56  
ASN HXT  H  N N 57  
ASP N    N  N N 58  
ASP CA   C  N S 59  
ASP C    C  N N 60  
ASP O    O  N N 61  
ASP CB   C  N N 62  
ASP CG   C  N N 63  
ASP OD1  O  N N 64  
ASP OD2  O  N N 65  
ASP OXT  O  N N 66  
ASP H    H  N N 67  
ASP H2   H  N N 68  
ASP HA   H  N N 69  
ASP HB2  H  N N 70  
ASP HB3  H  N N 71  
ASP HD2  H  N N 72  
ASP HXT  H  N N 73  
CL  CL   CL N N 74  
CYS N    N  N N 75  
CYS CA   C  N R 76  
CYS C    C  N N 77  
CYS O    O  N N 78  
CYS CB   C  N N 79  
CYS SG   S  N N 80  
CYS OXT  O  N N 81  
CYS H    H  N N 82  
CYS H2   H  N N 83  
CYS HA   H  N N 84  
CYS HB2  H  N N 85  
CYS HB3  H  N N 86  
CYS HG   H  N N 87  
CYS HXT  H  N N 88  
GLN N    N  N N 89  
GLN CA   C  N S 90  
GLN C    C  N N 91  
GLN O    O  N N 92  
GLN CB   C  N N 93  
GLN CG   C  N N 94  
GLN CD   C  N N 95  
GLN OE1  O  N N 96  
GLN NE2  N  N N 97  
GLN OXT  O  N N 98  
GLN H    H  N N 99  
GLN H2   H  N N 100 
GLN HA   H  N N 101 
GLN HB2  H  N N 102 
GLN HB3  H  N N 103 
GLN HG2  H  N N 104 
GLN HG3  H  N N 105 
GLN HE21 H  N N 106 
GLN HE22 H  N N 107 
GLN HXT  H  N N 108 
GLU N    N  N N 109 
GLU CA   C  N S 110 
GLU C    C  N N 111 
GLU O    O  N N 112 
GLU CB   C  N N 113 
GLU CG   C  N N 114 
GLU CD   C  N N 115 
GLU OE1  O  N N 116 
GLU OE2  O  N N 117 
GLU OXT  O  N N 118 
GLU H    H  N N 119 
GLU H2   H  N N 120 
GLU HA   H  N N 121 
GLU HB2  H  N N 122 
GLU HB3  H  N N 123 
GLU HG2  H  N N 124 
GLU HG3  H  N N 125 
GLU HE2  H  N N 126 
GLU HXT  H  N N 127 
GLY N    N  N N 128 
GLY CA   C  N N 129 
GLY C    C  N N 130 
GLY O    O  N N 131 
GLY OXT  O  N N 132 
GLY H    H  N N 133 
GLY H2   H  N N 134 
GLY HA2  H  N N 135 
GLY HA3  H  N N 136 
GLY HXT  H  N N 137 
GOL C1   C  N N 138 
GOL O1   O  N N 139 
GOL C2   C  N N 140 
GOL O2   O  N N 141 
GOL C3   C  N N 142 
GOL O3   O  N N 143 
GOL H11  H  N N 144 
GOL H12  H  N N 145 
GOL HO1  H  N N 146 
GOL H2   H  N N 147 
GOL HO2  H  N N 148 
GOL H31  H  N N 149 
GOL H32  H  N N 150 
GOL HO3  H  N N 151 
HIS N    N  N N 152 
HIS CA   C  N S 153 
HIS C    C  N N 154 
HIS O    O  N N 155 
HIS CB   C  N N 156 
HIS CG   C  Y N 157 
HIS ND1  N  Y N 158 
HIS CD2  C  Y N 159 
HIS CE1  C  Y N 160 
HIS NE2  N  Y N 161 
HIS OXT  O  N N 162 
HIS H    H  N N 163 
HIS H2   H  N N 164 
HIS HA   H  N N 165 
HIS HB2  H  N N 166 
HIS HB3  H  N N 167 
HIS HD1  H  N N 168 
HIS HD2  H  N N 169 
HIS HE1  H  N N 170 
HIS HE2  H  N N 171 
HIS HXT  H  N N 172 
HOH O    O  N N 173 
HOH H1   H  N N 174 
HOH H2   H  N N 175 
ILE N    N  N N 176 
ILE CA   C  N S 177 
ILE C    C  N N 178 
ILE O    O  N N 179 
ILE CB   C  N S 180 
ILE CG1  C  N N 181 
ILE CG2  C  N N 182 
ILE CD1  C  N N 183 
ILE OXT  O  N N 184 
ILE H    H  N N 185 
ILE H2   H  N N 186 
ILE HA   H  N N 187 
ILE HB   H  N N 188 
ILE HG12 H  N N 189 
ILE HG13 H  N N 190 
ILE HG21 H  N N 191 
ILE HG22 H  N N 192 
ILE HG23 H  N N 193 
ILE HD11 H  N N 194 
ILE HD12 H  N N 195 
ILE HD13 H  N N 196 
ILE HXT  H  N N 197 
LEU N    N  N N 198 
LEU CA   C  N S 199 
LEU C    C  N N 200 
LEU O    O  N N 201 
LEU CB   C  N N 202 
LEU CG   C  N N 203 
LEU CD1  C  N N 204 
LEU CD2  C  N N 205 
LEU OXT  O  N N 206 
LEU H    H  N N 207 
LEU H2   H  N N 208 
LEU HA   H  N N 209 
LEU HB2  H  N N 210 
LEU HB3  H  N N 211 
LEU HG   H  N N 212 
LEU HD11 H  N N 213 
LEU HD12 H  N N 214 
LEU HD13 H  N N 215 
LEU HD21 H  N N 216 
LEU HD22 H  N N 217 
LEU HD23 H  N N 218 
LEU HXT  H  N N 219 
LYS N    N  N N 220 
LYS CA   C  N S 221 
LYS C    C  N N 222 
LYS O    O  N N 223 
LYS CB   C  N N 224 
LYS CG   C  N N 225 
LYS CD   C  N N 226 
LYS CE   C  N N 227 
LYS NZ   N  N N 228 
LYS OXT  O  N N 229 
LYS H    H  N N 230 
LYS H2   H  N N 231 
LYS HA   H  N N 232 
LYS HB2  H  N N 233 
LYS HB3  H  N N 234 
LYS HG2  H  N N 235 
LYS HG3  H  N N 236 
LYS HD2  H  N N 237 
LYS HD3  H  N N 238 
LYS HE2  H  N N 239 
LYS HE3  H  N N 240 
LYS HZ1  H  N N 241 
LYS HZ2  H  N N 242 
LYS HZ3  H  N N 243 
LYS HXT  H  N N 244 
MET N    N  N N 245 
MET CA   C  N S 246 
MET C    C  N N 247 
MET O    O  N N 248 
MET CB   C  N N 249 
MET CG   C  N N 250 
MET SD   S  N N 251 
MET CE   C  N N 252 
MET OXT  O  N N 253 
MET H    H  N N 254 
MET H2   H  N N 255 
MET HA   H  N N 256 
MET HB2  H  N N 257 
MET HB3  H  N N 258 
MET HG2  H  N N 259 
MET HG3  H  N N 260 
MET HE1  H  N N 261 
MET HE2  H  N N 262 
MET HE3  H  N N 263 
MET HXT  H  N N 264 
PHE N    N  N N 265 
PHE CA   C  N S 266 
PHE C    C  N N 267 
PHE O    O  N N 268 
PHE CB   C  N N 269 
PHE CG   C  Y N 270 
PHE CD1  C  Y N 271 
PHE CD2  C  Y N 272 
PHE CE1  C  Y N 273 
PHE CE2  C  Y N 274 
PHE CZ   C  Y N 275 
PHE OXT  O  N N 276 
PHE H    H  N N 277 
PHE H2   H  N N 278 
PHE HA   H  N N 279 
PHE HB2  H  N N 280 
PHE HB3  H  N N 281 
PHE HD1  H  N N 282 
PHE HD2  H  N N 283 
PHE HE1  H  N N 284 
PHE HE2  H  N N 285 
PHE HZ   H  N N 286 
PHE HXT  H  N N 287 
PRO N    N  N N 288 
PRO CA   C  N S 289 
PRO C    C  N N 290 
PRO O    O  N N 291 
PRO CB   C  N N 292 
PRO CG   C  N N 293 
PRO CD   C  N N 294 
PRO OXT  O  N N 295 
PRO H    H  N N 296 
PRO HA   H  N N 297 
PRO HB2  H  N N 298 
PRO HB3  H  N N 299 
PRO HG2  H  N N 300 
PRO HG3  H  N N 301 
PRO HD2  H  N N 302 
PRO HD3  H  N N 303 
PRO HXT  H  N N 304 
SER N    N  N N 305 
SER CA   C  N S 306 
SER C    C  N N 307 
SER O    O  N N 308 
SER CB   C  N N 309 
SER OG   O  N N 310 
SER OXT  O  N N 311 
SER H    H  N N 312 
SER H2   H  N N 313 
SER HA   H  N N 314 
SER HB2  H  N N 315 
SER HB3  H  N N 316 
SER HG   H  N N 317 
SER HXT  H  N N 318 
THR N    N  N N 319 
THR CA   C  N S 320 
THR C    C  N N 321 
THR O    O  N N 322 
THR CB   C  N R 323 
THR OG1  O  N N 324 
THR CG2  C  N N 325 
THR OXT  O  N N 326 
THR H    H  N N 327 
THR H2   H  N N 328 
THR HA   H  N N 329 
THR HB   H  N N 330 
THR HG1  H  N N 331 
THR HG21 H  N N 332 
THR HG22 H  N N 333 
THR HG23 H  N N 334 
THR HXT  H  N N 335 
TYR N    N  N N 336 
TYR CA   C  N S 337 
TYR C    C  N N 338 
TYR O    O  N N 339 
TYR CB   C  N N 340 
TYR CG   C  Y N 341 
TYR CD1  C  Y N 342 
TYR CD2  C  Y N 343 
TYR CE1  C  Y N 344 
TYR CE2  C  Y N 345 
TYR CZ   C  Y N 346 
TYR OH   O  N N 347 
TYR OXT  O  N N 348 
TYR H    H  N N 349 
TYR H2   H  N N 350 
TYR HA   H  N N 351 
TYR HB2  H  N N 352 
TYR HB3  H  N N 353 
TYR HD1  H  N N 354 
TYR HD2  H  N N 355 
TYR HE1  H  N N 356 
TYR HE2  H  N N 357 
TYR HH   H  N N 358 
TYR HXT  H  N N 359 
VAL N    N  N N 360 
VAL CA   C  N S 361 
VAL C    C  N N 362 
VAL O    O  N N 363 
VAL CB   C  N N 364 
VAL CG1  C  N N 365 
VAL CG2  C  N N 366 
VAL OXT  O  N N 367 
VAL H    H  N N 368 
VAL H2   H  N N 369 
VAL HA   H  N N 370 
VAL HB   H  N N 371 
VAL HG11 H  N N 372 
VAL HG12 H  N N 373 
VAL HG13 H  N N 374 
VAL HG21 H  N N 375 
VAL HG22 H  N N 376 
VAL HG23 H  N N 377 
VAL HXT  H  N N 378 
# 
loop_
_chem_comp_bond.comp_id 
_chem_comp_bond.atom_id_1 
_chem_comp_bond.atom_id_2 
_chem_comp_bond.value_order 
_chem_comp_bond.pdbx_aromatic_flag 
_chem_comp_bond.pdbx_stereo_config 
_chem_comp_bond.pdbx_ordinal 
ALA N   CA   sing N N 1   
ALA N   H    sing N N 2   
ALA N   H2   sing N N 3   
ALA CA  C    sing N N 4   
ALA CA  CB   sing N N 5   
ALA CA  HA   sing N N 6   
ALA C   O    doub N N 7   
ALA C   OXT  sing N N 8   
ALA CB  HB1  sing N N 9   
ALA CB  HB2  sing N N 10  
ALA CB  HB3  sing N N 11  
ALA OXT HXT  sing N N 12  
ARG N   CA   sing N N 13  
ARG N   H    sing N N 14  
ARG N   H2   sing N N 15  
ARG CA  C    sing N N 16  
ARG CA  CB   sing N N 17  
ARG CA  HA   sing N N 18  
ARG C   O    doub N N 19  
ARG C   OXT  sing N N 20  
ARG CB  CG   sing N N 21  
ARG CB  HB2  sing N N 22  
ARG CB  HB3  sing N N 23  
ARG CG  CD   sing N N 24  
ARG CG  HG2  sing N N 25  
ARG CG  HG3  sing N N 26  
ARG CD  NE   sing N N 27  
ARG CD  HD2  sing N N 28  
ARG CD  HD3  sing N N 29  
ARG NE  CZ   sing N N 30  
ARG NE  HE   sing N N 31  
ARG CZ  NH1  sing N N 32  
ARG CZ  NH2  doub N N 33  
ARG NH1 HH11 sing N N 34  
ARG NH1 HH12 sing N N 35  
ARG NH2 HH21 sing N N 36  
ARG NH2 HH22 sing N N 37  
ARG OXT HXT  sing N N 38  
ASN N   CA   sing N N 39  
ASN N   H    sing N N 40  
ASN N   H2   sing N N 41  
ASN CA  C    sing N N 42  
ASN CA  CB   sing N N 43  
ASN CA  HA   sing N N 44  
ASN C   O    doub N N 45  
ASN C   OXT  sing N N 46  
ASN CB  CG   sing N N 47  
ASN CB  HB2  sing N N 48  
ASN CB  HB3  sing N N 49  
ASN CG  OD1  doub N N 50  
ASN CG  ND2  sing N N 51  
ASN ND2 HD21 sing N N 52  
ASN ND2 HD22 sing N N 53  
ASN OXT HXT  sing N N 54  
ASP N   CA   sing N N 55  
ASP N   H    sing N N 56  
ASP N   H2   sing N N 57  
ASP CA  C    sing N N 58  
ASP CA  CB   sing N N 59  
ASP CA  HA   sing N N 60  
ASP C   O    doub N N 61  
ASP C   OXT  sing N N 62  
ASP CB  CG   sing N N 63  
ASP CB  HB2  sing N N 64  
ASP CB  HB3  sing N N 65  
ASP CG  OD1  doub N N 66  
ASP CG  OD2  sing N N 67  
ASP OD2 HD2  sing N N 68  
ASP OXT HXT  sing N N 69  
CYS N   CA   sing N N 70  
CYS N   H    sing N N 71  
CYS N   H2   sing N N 72  
CYS CA  C    sing N N 73  
CYS CA  CB   sing N N 74  
CYS CA  HA   sing N N 75  
CYS C   O    doub N N 76  
CYS C   OXT  sing N N 77  
CYS CB  SG   sing N N 78  
CYS CB  HB2  sing N N 79  
CYS CB  HB3  sing N N 80  
CYS SG  HG   sing N N 81  
CYS OXT HXT  sing N N 82  
GLN N   CA   sing N N 83  
GLN N   H    sing N N 84  
GLN N   H2   sing N N 85  
GLN CA  C    sing N N 86  
GLN CA  CB   sing N N 87  
GLN CA  HA   sing N N 88  
GLN C   O    doub N N 89  
GLN C   OXT  sing N N 90  
GLN CB  CG   sing N N 91  
GLN CB  HB2  sing N N 92  
GLN CB  HB3  sing N N 93  
GLN CG  CD   sing N N 94  
GLN CG  HG2  sing N N 95  
GLN CG  HG3  sing N N 96  
GLN CD  OE1  doub N N 97  
GLN CD  NE2  sing N N 98  
GLN NE2 HE21 sing N N 99  
GLN NE2 HE22 sing N N 100 
GLN OXT HXT  sing N N 101 
GLU N   CA   sing N N 102 
GLU N   H    sing N N 103 
GLU N   H2   sing N N 104 
GLU CA  C    sing N N 105 
GLU CA  CB   sing N N 106 
GLU CA  HA   sing N N 107 
GLU C   O    doub N N 108 
GLU C   OXT  sing N N 109 
GLU CB  CG   sing N N 110 
GLU CB  HB2  sing N N 111 
GLU CB  HB3  sing N N 112 
GLU CG  CD   sing N N 113 
GLU CG  HG2  sing N N 114 
GLU CG  HG3  sing N N 115 
GLU CD  OE1  doub N N 116 
GLU CD  OE2  sing N N 117 
GLU OE2 HE2  sing N N 118 
GLU OXT HXT  sing N N 119 
GLY N   CA   sing N N 120 
GLY N   H    sing N N 121 
GLY N   H2   sing N N 122 
GLY CA  C    sing N N 123 
GLY CA  HA2  sing N N 124 
GLY CA  HA3  sing N N 125 
GLY C   O    doub N N 126 
GLY C   OXT  sing N N 127 
GLY OXT HXT  sing N N 128 
GOL C1  O1   sing N N 129 
GOL C1  C2   sing N N 130 
GOL C1  H11  sing N N 131 
GOL C1  H12  sing N N 132 
GOL O1  HO1  sing N N 133 
GOL C2  O2   sing N N 134 
GOL C2  C3   sing N N 135 
GOL C2  H2   sing N N 136 
GOL O2  HO2  sing N N 137 
GOL C3  O3   sing N N 138 
GOL C3  H31  sing N N 139 
GOL C3  H32  sing N N 140 
GOL O3  HO3  sing N N 141 
HIS N   CA   sing N N 142 
HIS N   H    sing N N 143 
HIS N   H2   sing N N 144 
HIS CA  C    sing N N 145 
HIS CA  CB   sing N N 146 
HIS CA  HA   sing N N 147 
HIS C   O    doub N N 148 
HIS C   OXT  sing N N 149 
HIS CB  CG   sing N N 150 
HIS CB  HB2  sing N N 151 
HIS CB  HB3  sing N N 152 
HIS CG  ND1  sing Y N 153 
HIS CG  CD2  doub Y N 154 
HIS ND1 CE1  doub Y N 155 
HIS ND1 HD1  sing N N 156 
HIS CD2 NE2  sing Y N 157 
HIS CD2 HD2  sing N N 158 
HIS CE1 NE2  sing Y N 159 
HIS CE1 HE1  sing N N 160 
HIS NE2 HE2  sing N N 161 
HIS OXT HXT  sing N N 162 
HOH O   H1   sing N N 163 
HOH O   H2   sing N N 164 
ILE N   CA   sing N N 165 
ILE N   H    sing N N 166 
ILE N   H2   sing N N 167 
ILE CA  C    sing N N 168 
ILE CA  CB   sing N N 169 
ILE CA  HA   sing N N 170 
ILE C   O    doub N N 171 
ILE C   OXT  sing N N 172 
ILE CB  CG1  sing N N 173 
ILE CB  CG2  sing N N 174 
ILE CB  HB   sing N N 175 
ILE CG1 CD1  sing N N 176 
ILE CG1 HG12 sing N N 177 
ILE CG1 HG13 sing N N 178 
ILE CG2 HG21 sing N N 179 
ILE CG2 HG22 sing N N 180 
ILE CG2 HG23 sing N N 181 
ILE CD1 HD11 sing N N 182 
ILE CD1 HD12 sing N N 183 
ILE CD1 HD13 sing N N 184 
ILE OXT HXT  sing N N 185 
LEU N   CA   sing N N 186 
LEU N   H    sing N N 187 
LEU N   H2   sing N N 188 
LEU CA  C    sing N N 189 
LEU CA  CB   sing N N 190 
LEU CA  HA   sing N N 191 
LEU C   O    doub N N 192 
LEU C   OXT  sing N N 193 
LEU CB  CG   sing N N 194 
LEU CB  HB2  sing N N 195 
LEU CB  HB3  sing N N 196 
LEU CG  CD1  sing N N 197 
LEU CG  CD2  sing N N 198 
LEU CG  HG   sing N N 199 
LEU CD1 HD11 sing N N 200 
LEU CD1 HD12 sing N N 201 
LEU CD1 HD13 sing N N 202 
LEU CD2 HD21 sing N N 203 
LEU CD2 HD22 sing N N 204 
LEU CD2 HD23 sing N N 205 
LEU OXT HXT  sing N N 206 
LYS N   CA   sing N N 207 
LYS N   H    sing N N 208 
LYS N   H2   sing N N 209 
LYS CA  C    sing N N 210 
LYS CA  CB   sing N N 211 
LYS CA  HA   sing N N 212 
LYS C   O    doub N N 213 
LYS C   OXT  sing N N 214 
LYS CB  CG   sing N N 215 
LYS CB  HB2  sing N N 216 
LYS CB  HB3  sing N N 217 
LYS CG  CD   sing N N 218 
LYS CG  HG2  sing N N 219 
LYS CG  HG3  sing N N 220 
LYS CD  CE   sing N N 221 
LYS CD  HD2  sing N N 222 
LYS CD  HD3  sing N N 223 
LYS CE  NZ   sing N N 224 
LYS CE  HE2  sing N N 225 
LYS CE  HE3  sing N N 226 
LYS NZ  HZ1  sing N N 227 
LYS NZ  HZ2  sing N N 228 
LYS NZ  HZ3  sing N N 229 
LYS OXT HXT  sing N N 230 
MET N   CA   sing N N 231 
MET N   H    sing N N 232 
MET N   H2   sing N N 233 
MET CA  C    sing N N 234 
MET CA  CB   sing N N 235 
MET CA  HA   sing N N 236 
MET C   O    doub N N 237 
MET C   OXT  sing N N 238 
MET CB  CG   sing N N 239 
MET CB  HB2  sing N N 240 
MET CB  HB3  sing N N 241 
MET CG  SD   sing N N 242 
MET CG  HG2  sing N N 243 
MET CG  HG3  sing N N 244 
MET SD  CE   sing N N 245 
MET CE  HE1  sing N N 246 
MET CE  HE2  sing N N 247 
MET CE  HE3  sing N N 248 
MET OXT HXT  sing N N 249 
PHE N   CA   sing N N 250 
PHE N   H    sing N N 251 
PHE N   H2   sing N N 252 
PHE CA  C    sing N N 253 
PHE CA  CB   sing N N 254 
PHE CA  HA   sing N N 255 
PHE C   O    doub N N 256 
PHE C   OXT  sing N N 257 
PHE CB  CG   sing N N 258 
PHE CB  HB2  sing N N 259 
PHE CB  HB3  sing N N 260 
PHE CG  CD1  doub Y N 261 
PHE CG  CD2  sing Y N 262 
PHE CD1 CE1  sing Y N 263 
PHE CD1 HD1  sing N N 264 
PHE CD2 CE2  doub Y N 265 
PHE CD2 HD2  sing N N 266 
PHE CE1 CZ   doub Y N 267 
PHE CE1 HE1  sing N N 268 
PHE CE2 CZ   sing Y N 269 
PHE CE2 HE2  sing N N 270 
PHE CZ  HZ   sing N N 271 
PHE OXT HXT  sing N N 272 
PRO N   CA   sing N N 273 
PRO N   CD   sing N N 274 
PRO N   H    sing N N 275 
PRO CA  C    sing N N 276 
PRO CA  CB   sing N N 277 
PRO CA  HA   sing N N 278 
PRO C   O    doub N N 279 
PRO C   OXT  sing N N 280 
PRO CB  CG   sing N N 281 
PRO CB  HB2  sing N N 282 
PRO CB  HB3  sing N N 283 
PRO CG  CD   sing N N 284 
PRO CG  HG2  sing N N 285 
PRO CG  HG3  sing N N 286 
PRO CD  HD2  sing N N 287 
PRO CD  HD3  sing N N 288 
PRO OXT HXT  sing N N 289 
SER N   CA   sing N N 290 
SER N   H    sing N N 291 
SER N   H2   sing N N 292 
SER CA  C    sing N N 293 
SER CA  CB   sing N N 294 
SER CA  HA   sing N N 295 
SER C   O    doub N N 296 
SER C   OXT  sing N N 297 
SER CB  OG   sing N N 298 
SER CB  HB2  sing N N 299 
SER CB  HB3  sing N N 300 
SER OG  HG   sing N N 301 
SER OXT HXT  sing N N 302 
THR N   CA   sing N N 303 
THR N   H    sing N N 304 
THR N   H2   sing N N 305 
THR CA  C    sing N N 306 
THR CA  CB   sing N N 307 
THR CA  HA   sing N N 308 
THR C   O    doub N N 309 
THR C   OXT  sing N N 310 
THR CB  OG1  sing N N 311 
THR CB  CG2  sing N N 312 
THR CB  HB   sing N N 313 
THR OG1 HG1  sing N N 314 
THR CG2 HG21 sing N N 315 
THR CG2 HG22 sing N N 316 
THR CG2 HG23 sing N N 317 
THR OXT HXT  sing N N 318 
TYR N   CA   sing N N 319 
TYR N   H    sing N N 320 
TYR N   H2   sing N N 321 
TYR CA  C    sing N N 322 
TYR CA  CB   sing N N 323 
TYR CA  HA   sing N N 324 
TYR C   O    doub N N 325 
TYR C   OXT  sing N N 326 
TYR CB  CG   sing N N 327 
TYR CB  HB2  sing N N 328 
TYR CB  HB3  sing N N 329 
TYR CG  CD1  doub Y N 330 
TYR CG  CD2  sing Y N 331 
TYR CD1 CE1  sing Y N 332 
TYR CD1 HD1  sing N N 333 
TYR CD2 CE2  doub Y N 334 
TYR CD2 HD2  sing N N 335 
TYR CE1 CZ   doub Y N 336 
TYR CE1 HE1  sing N N 337 
TYR CE2 CZ   sing Y N 338 
TYR CE2 HE2  sing N N 339 
TYR CZ  OH   sing N N 340 
TYR OH  HH   sing N N 341 
TYR OXT HXT  sing N N 342 
VAL N   CA   sing N N 343 
VAL N   H    sing N N 344 
VAL N   H2   sing N N 345 
VAL CA  C    sing N N 346 
VAL CA  CB   sing N N 347 
VAL CA  HA   sing N N 348 
VAL C   O    doub N N 349 
VAL C   OXT  sing N N 350 
VAL CB  CG1  sing N N 351 
VAL CB  CG2  sing N N 352 
VAL CB  HB   sing N N 353 
VAL CG1 HG11 sing N N 354 
VAL CG1 HG12 sing N N 355 
VAL CG1 HG13 sing N N 356 
VAL CG2 HG21 sing N N 357 
VAL CG2 HG22 sing N N 358 
VAL CG2 HG23 sing N N 359 
VAL OXT HXT  sing N N 360 
# 
loop_
_pdbx_entity_nonpoly.entity_id 
_pdbx_entity_nonpoly.name 
_pdbx_entity_nonpoly.comp_id 
2 GLYCEROL       GOL 
3 'CHLORIDE ION' CL  
4 water          HOH 
# 
_pdbx_initial_refinement_model.id               1 
_pdbx_initial_refinement_model.entity_id_list   ? 
_pdbx_initial_refinement_model.type             'experimental model' 
_pdbx_initial_refinement_model.source_name      PDB 
_pdbx_initial_refinement_model.accession_code   5QI5 
_pdbx_initial_refinement_model.details          ? 
# 
_pdbx_struct_assembly_auth_evidence.id                     1 
_pdbx_struct_assembly_auth_evidence.assembly_id            1 
_pdbx_struct_assembly_auth_evidence.experimental_support   'gel filtration' 
_pdbx_struct_assembly_auth_evidence.details                ? 
# 
